data_1I75
#
_entry.id   1I75
#
_cell.length_a   64.780
_cell.length_b   74.240
_cell.length_c   79.030
_cell.angle_alpha   85.03
_cell.angle_beta   104.88
_cell.angle_gamma   101.02
#
_symmetry.space_group_name_H-M   'P 1'
#
loop_
_entity.id
_entity.type
_entity.pdbx_description
1 polymer 'CYCLODEXTRIN GLUCANOTRANSFERASE'
2 non-polymer 'CALCIUM ION'
3 non-polymer 1-DEOXYNOJIRIMYCIN
4 water water
#
_entity_poly.entity_id   1
_entity_poly.type   'polypeptide(L)'
_entity_poly.pdbx_seq_one_letter_code
;APDTSVSNKQNFSTDVIYQIFTDRFSDGNPANNPTGAAFDGSCTNLRLYCGGDWQGIINKINDGYLTGMGITAIWISQPV
ENIYSVINYSGVNNTAYHGYWARDFKKTNPAYGTMQDFKNLIDTAHAHNIKVIIDFAPNHTSPASSDDPSFAENGRLYDN
GNLLGGYTNDTQNLFHHYGGTDFSTIENGIYKNLYDLADLNHNNSSVDVYLKDAIKMWLDLGVDGIRVDAVKHMPFGWQK
SFMATINNYKPVFTFGEWFLGVNEISPEYHQFANESGMSLLDFRFAQKARQVFRDNTDNMYGLKAMLEGSEVDYAQVNDQ
VTFIDNHDMERFHTSNGDRRKLEQALAFTLTSRGVPAIYYGSEQYMSGGNDPDNRARLPSFSTTTTAYQVIQKLAPLRKS
NPAIAYGSTHERWINNDVIIYERKFGNNVAVVAINRNMNTPASITGLVTSLPRGSYNDVLGGILNGNTLTVGAGGAASNF
TLAPGGTAVWQYTTDATTPIIGNVGPMMAKPGVTITIDGRGFGSGKGTVYFGTTAVTGADIVAWEDTQIQVKIPAVPGGI
YDIRVANAAGAASNIYDNFEVLTGDQVTVRFVINNATTALGQNVFLTGNVSELGNWDPNNAIGPMYNQVVYQYPTWYYDV
SVPAGQTIEFKFLKKQGSTVTWEGGANRTFTTPTSGTATVNVNWQP
;
_entity_poly.pdbx_strand_id   A,B
#
# COMPACT_ATOMS: atom_id res chain seq x y z
N ALA A 1 17.16 -13.19 19.63
CA ALA A 1 16.61 -12.39 20.70
C ALA A 1 15.41 -11.71 20.06
N PRO A 2 14.37 -11.24 20.74
CA PRO A 2 13.26 -10.63 20.06
C PRO A 2 13.60 -9.23 19.59
N ASP A 3 12.77 -8.71 18.71
CA ASP A 3 12.89 -7.36 18.21
C ASP A 3 12.92 -6.29 19.31
N THR A 4 12.19 -6.45 20.43
CA THR A 4 12.10 -5.47 21.48
C THR A 4 13.28 -5.50 22.46
N SER A 5 14.20 -6.42 22.28
CA SER A 5 15.32 -6.59 23.13
C SER A 5 16.22 -5.38 23.13
N VAL A 6 16.86 -5.15 24.29
CA VAL A 6 17.86 -4.09 24.41
C VAL A 6 19.05 -4.47 23.56
N SER A 7 19.30 -5.74 23.20
CA SER A 7 20.49 -6.01 22.42
C SER A 7 20.31 -5.71 20.94
N ASN A 8 19.12 -5.27 20.55
CA ASN A 8 18.85 -4.90 19.16
C ASN A 8 19.39 -3.48 18.95
N LYS A 9 20.65 -3.37 18.61
CA LYS A 9 21.28 -2.08 18.37
C LYS A 9 20.93 -1.57 16.97
N GLN A 10 20.37 -2.40 16.09
CA GLN A 10 20.13 -1.98 14.72
C GLN A 10 18.86 -1.21 14.43
N ASN A 11 17.77 -1.46 15.14
CA ASN A 11 16.48 -0.83 14.84
C ASN A 11 15.93 -0.38 16.15
N PHE A 12 15.40 0.83 16.14
CA PHE A 12 14.89 1.49 17.31
C PHE A 12 13.40 1.82 17.21
N SER A 13 12.59 1.35 16.24
CA SER A 13 11.18 1.75 16.22
C SER A 13 10.39 1.29 17.44
N THR A 14 10.80 0.25 18.19
CA THR A 14 10.07 -0.16 19.39
C THR A 14 10.49 0.64 20.65
N ASP A 15 11.37 1.63 20.51
CA ASP A 15 11.94 2.41 21.59
C ASP A 15 11.38 3.79 21.70
N VAL A 16 11.51 4.43 22.88
CA VAL A 16 11.21 5.84 23.03
C VAL A 16 12.54 6.40 23.57
N ILE A 17 13.10 7.40 22.89
CA ILE A 17 14.39 8.06 23.18
C ILE A 17 14.11 9.24 24.09
N TYR A 18 14.94 9.43 25.12
CA TYR A 18 14.89 10.61 25.98
C TYR A 18 16.21 11.34 25.69
N GLN A 19 16.16 12.56 25.15
CA GLN A 19 17.33 13.29 24.76
C GLN A 19 17.78 14.13 25.92
N ILE A 20 19.00 13.88 26.37
CA ILE A 20 19.57 14.54 27.54
C ILE A 20 20.72 15.47 27.17
N PHE A 21 20.67 16.72 27.62
CA PHE A 21 21.88 17.55 27.58
C PHE A 21 22.58 17.17 28.88
N THR A 22 23.67 16.38 28.84
CA THR A 22 24.24 15.81 30.06
C THR A 22 24.51 16.83 31.17
N ASP A 23 24.93 18.04 30.77
CA ASP A 23 25.26 19.05 31.75
C ASP A 23 24.06 19.60 32.49
N ARG A 24 22.87 19.44 31.90
CA ARG A 24 21.69 20.09 32.41
C ARG A 24 20.71 19.13 33.06
N PHE A 25 21.09 17.87 33.27
CA PHE A 25 20.18 16.91 33.82
C PHE A 25 20.53 16.67 35.28
N SER A 26 21.54 15.92 35.71
CA SER A 26 21.81 15.81 37.13
C SER A 26 23.27 15.72 37.40
N ASP A 27 23.71 16.56 38.36
CA ASP A 27 25.07 16.53 38.85
C ASP A 27 25.20 15.42 39.91
N GLY A 28 25.54 14.19 39.51
CA GLY A 28 25.73 13.12 40.46
C GLY A 28 27.13 13.06 41.06
N ASN A 29 28.10 13.79 40.51
CA ASN A 29 29.44 13.80 41.06
C ASN A 29 29.99 15.23 41.01
N PRO A 30 29.94 15.97 42.11
CA PRO A 30 30.44 17.35 42.23
C PRO A 30 31.95 17.44 42.15
N ALA A 31 32.72 16.38 42.42
CA ALA A 31 34.18 16.40 42.30
C ALA A 31 34.65 16.57 40.86
N ASN A 32 33.85 16.21 39.84
CA ASN A 32 34.26 16.35 38.45
C ASN A 32 33.81 17.68 37.85
N ASN A 33 33.23 18.56 38.66
CA ASN A 33 32.71 19.80 38.13
C ASN A 33 33.87 20.70 37.72
N PRO A 34 33.85 21.32 36.52
CA PRO A 34 34.76 22.40 36.15
C PRO A 34 34.84 23.48 37.26
N THR A 35 35.96 24.19 37.36
CA THR A 35 36.07 25.23 38.35
C THR A 35 36.21 26.61 37.71
N GLY A 36 35.99 27.58 38.59
CA GLY A 36 36.24 28.97 38.24
C GLY A 36 35.27 29.55 37.24
N ALA A 37 35.85 30.23 36.27
CA ALA A 37 35.10 30.92 35.26
C ALA A 37 34.26 30.02 34.36
N ALA A 38 34.58 28.71 34.32
CA ALA A 38 33.90 27.73 33.50
C ALA A 38 32.64 27.13 34.12
N PHE A 39 32.39 27.45 35.40
CA PHE A 39 31.35 26.81 36.14
C PHE A 39 30.40 27.79 36.77
N ASP A 40 29.13 27.41 36.71
CA ASP A 40 28.08 28.12 37.36
C ASP A 40 27.12 27.10 37.98
N GLY A 41 27.33 26.90 39.26
CA GLY A 41 26.52 25.99 40.06
C GLY A 41 25.06 26.41 40.09
N SER A 42 24.69 27.69 40.01
CA SER A 42 23.28 28.04 40.02
C SER A 42 22.63 27.80 38.65
N CYS A 43 23.44 27.57 37.62
CA CYS A 43 23.01 27.42 36.24
C CYS A 43 22.08 28.57 35.80
N THR A 44 22.43 29.81 36.14
CA THR A 44 21.68 30.93 35.63
C THR A 44 22.38 31.50 34.37
N ASN A 45 23.69 31.29 34.17
CA ASN A 45 24.36 31.68 32.96
C ASN A 45 24.40 30.36 32.23
N LEU A 46 23.45 30.22 31.32
CA LEU A 46 23.27 28.97 30.59
C LEU A 46 24.33 28.66 29.55
N ARG A 47 25.44 29.41 29.50
CA ARG A 47 26.53 29.14 28.57
C ARG A 47 27.72 28.52 29.27
N LEU A 48 27.59 28.33 30.58
CA LEU A 48 28.64 27.80 31.41
C LEU A 48 28.30 26.38 31.82
N TYR A 49 29.25 25.64 32.39
CA TYR A 49 28.96 24.32 32.92
C TYR A 49 28.15 24.43 34.24
N CYS A 50 26.98 23.80 34.29
CA CYS A 50 26.19 23.67 35.51
C CYS A 50 26.54 22.41 36.31
N GLY A 51 27.20 21.36 35.78
CA GLY A 51 27.70 20.24 36.58
C GLY A 51 27.14 18.84 36.32
N GLY A 52 26.10 18.73 35.50
CA GLY A 52 25.44 17.46 35.14
C GLY A 52 26.43 16.47 34.54
N ASP A 53 26.27 15.17 34.83
CA ASP A 53 27.27 14.21 34.41
C ASP A 53 26.71 12.81 34.24
N TRP A 54 27.56 11.83 33.91
CA TRP A 54 27.10 10.48 33.67
C TRP A 54 26.65 9.81 34.96
N GLN A 55 27.25 10.12 36.11
CA GLN A 55 26.74 9.60 37.38
C GLN A 55 25.31 10.05 37.66
N GLY A 56 24.89 11.25 37.24
CA GLY A 56 23.55 11.76 37.52
C GLY A 56 22.51 10.99 36.73
N ILE A 57 22.84 10.66 35.49
CA ILE A 57 21.97 9.83 34.63
C ILE A 57 21.90 8.42 35.20
N ILE A 58 23.02 7.79 35.60
CA ILE A 58 23.02 6.50 36.30
C ILE A 58 22.05 6.56 37.49
N ASN A 59 22.12 7.60 38.30
CA ASN A 59 21.27 7.76 39.47
C ASN A 59 19.81 7.85 39.12
N LYS A 60 19.50 8.56 38.04
CA LYS A 60 18.14 8.67 37.62
C LYS A 60 17.64 7.43 36.88
N ILE A 61 18.49 6.52 36.38
CA ILE A 61 18.02 5.24 35.86
C ILE A 61 17.69 4.36 37.06
N ASN A 62 18.64 4.32 37.99
CA ASN A 62 18.58 3.56 39.24
C ASN A 62 17.37 3.84 40.11
N ASP A 63 17.07 5.09 40.40
CA ASP A 63 15.97 5.38 41.27
C ASP A 63 14.60 5.33 40.62
N GLY A 64 14.53 4.93 39.35
CA GLY A 64 13.26 4.77 38.65
C GLY A 64 12.67 6.01 37.98
N TYR A 65 13.32 7.19 37.97
CA TYR A 65 12.78 8.36 37.29
C TYR A 65 12.61 8.11 35.79
N LEU A 66 13.65 7.60 35.16
CA LEU A 66 13.63 7.35 33.71
C LEU A 66 12.85 6.13 33.32
N THR A 67 13.07 5.02 34.04
CA THR A 67 12.38 3.77 33.75
C THR A 67 10.90 3.85 34.08
N GLY A 68 10.48 4.72 35.00
CA GLY A 68 9.10 4.87 35.41
C GLY A 68 8.27 5.55 34.35
N MET A 69 8.96 6.34 33.55
CA MET A 69 8.36 7.03 32.43
C MET A 69 8.23 6.10 31.22
N GLY A 70 8.86 4.92 31.18
CA GLY A 70 8.76 4.00 30.04
C GLY A 70 9.83 4.22 28.96
N ILE A 71 10.86 5.02 29.27
CA ILE A 71 11.93 5.39 28.36
C ILE A 71 12.73 4.16 28.06
N THR A 72 13.15 3.89 26.83
CA THR A 72 13.96 2.71 26.60
C THR A 72 15.26 3.05 25.87
N ALA A 73 15.60 4.32 25.67
CA ALA A 73 16.86 4.68 25.05
C ALA A 73 17.18 6.08 25.51
N ILE A 74 18.43 6.43 25.79
CA ILE A 74 18.71 7.82 26.14
C ILE A 74 19.66 8.35 25.06
N TRP A 75 19.59 9.63 24.74
CA TRP A 75 20.52 10.19 23.77
C TRP A 75 21.27 11.28 24.53
N ILE A 76 22.58 11.13 24.67
CA ILE A 76 23.37 12.04 25.49
C ILE A 76 24.34 12.88 24.63
N SER A 77 24.89 13.90 25.26
CA SER A 77 25.85 14.80 24.66
C SER A 77 27.09 14.03 24.24
N GLN A 78 27.82 14.56 23.27
CA GLN A 78 28.98 13.91 22.70
C GLN A 78 29.97 13.67 23.82
N PRO A 79 30.48 12.43 23.95
CA PRO A 79 31.25 12.02 25.13
C PRO A 79 32.72 12.36 25.13
N VAL A 80 33.22 12.88 24.00
CA VAL A 80 34.65 13.04 23.81
C VAL A 80 35.20 14.25 24.52
N GLU A 81 36.49 14.24 24.81
CA GLU A 81 37.12 15.39 25.44
C GLU A 81 36.97 16.62 24.57
N ASN A 82 36.50 17.69 25.22
CA ASN A 82 36.34 18.98 24.61
C ASN A 82 37.40 19.98 25.06
N ILE A 83 37.50 21.15 24.40
CA ILE A 83 38.43 22.17 24.87
C ILE A 83 38.00 22.69 26.25
N TYR A 84 39.01 23.11 26.97
CA TYR A 84 38.87 23.64 28.33
C TYR A 84 38.72 25.14 28.37
N SER A 85 38.86 25.91 27.27
CA SER A 85 38.77 27.36 27.26
C SER A 85 37.42 27.95 27.57
N VAL A 86 37.45 29.10 28.24
CA VAL A 86 36.23 29.86 28.47
C VAL A 86 36.43 30.93 27.41
N ILE A 87 35.54 30.96 26.45
CA ILE A 87 35.62 31.90 25.36
C ILE A 87 34.68 33.04 25.69
N ASN A 88 35.19 34.26 25.56
CA ASN A 88 34.35 35.41 25.77
C ASN A 88 33.85 35.88 24.41
N TYR A 89 32.56 35.80 24.13
CA TYR A 89 31.99 36.30 22.89
C TYR A 89 31.15 37.51 23.23
N SER A 90 31.68 38.69 22.90
CA SER A 90 31.01 39.98 23.09
C SER A 90 30.48 40.18 24.50
N GLY A 91 31.36 39.89 25.43
CA GLY A 91 31.00 40.01 26.82
C GLY A 91 30.69 38.66 27.43
N VAL A 92 29.83 37.85 26.82
CA VAL A 92 29.45 36.64 27.50
C VAL A 92 30.49 35.55 27.40
N ASN A 93 30.76 34.95 28.54
CA ASN A 93 31.65 33.81 28.57
C ASN A 93 30.89 32.59 28.12
N ASN A 94 31.62 31.67 27.51
CA ASN A 94 31.08 30.49 26.88
C ASN A 94 31.97 29.29 27.14
N THR A 95 31.43 28.12 27.45
CA THR A 95 32.27 26.94 27.61
C THR A 95 31.75 25.81 26.70
N ALA A 96 32.42 24.66 26.63
CA ALA A 96 32.01 23.49 25.87
C ALA A 96 30.98 22.63 26.62
N TYR A 97 30.02 23.16 27.42
CA TYR A 97 29.11 22.36 28.21
C TYR A 97 28.29 21.38 27.35
N HIS A 98 28.07 21.79 26.10
CA HIS A 98 27.24 21.07 25.15
C HIS A 98 27.97 19.94 24.48
N GLY A 99 29.29 19.84 24.62
CA GLY A 99 30.00 18.68 24.09
C GLY A 99 30.36 18.80 22.62
N TYR A 100 29.95 19.87 21.94
CA TYR A 100 30.29 20.08 20.53
C TYR A 100 31.67 20.57 20.15
N TRP A 101 32.55 20.96 21.06
CA TRP A 101 33.87 21.47 20.71
C TRP A 101 34.96 20.47 21.03
N ALA A 102 35.09 19.44 20.22
CA ALA A 102 36.07 18.41 20.49
C ALA A 102 37.53 18.77 20.34
N ARG A 103 38.35 18.14 21.15
CA ARG A 103 39.80 18.22 21.01
C ARG A 103 40.34 16.80 20.96
N ASP A 104 39.71 15.76 21.54
CA ASP A 104 40.23 14.41 21.39
C ASP A 104 39.03 13.48 21.35
N PHE A 105 38.79 12.85 20.19
CA PHE A 105 37.66 11.95 20.01
C PHE A 105 37.92 10.58 20.62
N LYS A 106 39.09 10.34 21.22
CA LYS A 106 39.37 9.06 21.82
C LYS A 106 39.39 9.07 23.34
N LYS A 107 39.06 10.19 23.96
CA LYS A 107 39.07 10.33 25.41
C LYS A 107 37.73 10.87 25.84
N THR A 108 37.37 10.81 27.13
CA THR A 108 36.11 11.37 27.58
C THR A 108 36.28 12.81 28.01
N ASN A 109 35.16 13.51 28.06
CA ASN A 109 35.10 14.85 28.60
C ASN A 109 35.05 14.62 30.12
N PRO A 110 36.05 14.97 30.94
CA PRO A 110 36.07 14.65 32.36
C PRO A 110 34.98 15.32 33.17
N ALA A 111 34.35 16.38 32.66
CA ALA A 111 33.27 16.97 33.39
C ALA A 111 32.09 16.00 33.42
N TYR A 112 31.97 15.19 32.37
CA TYR A 112 30.89 14.22 32.29
C TYR A 112 31.30 12.95 33.04
N GLY A 113 32.57 12.57 32.96
CA GLY A 113 33.07 11.40 33.69
C GLY A 113 34.31 10.81 33.05
N THR A 114 34.75 9.68 33.62
CA THR A 114 35.91 8.95 33.16
C THR A 114 35.43 7.87 32.21
N MET A 115 36.36 7.11 31.62
CA MET A 115 36.05 5.92 30.84
C MET A 115 35.28 4.91 31.66
N GLN A 116 35.60 4.75 32.96
CA GLN A 116 34.89 3.84 33.85
C GLN A 116 33.49 4.35 34.12
N ASP A 117 33.31 5.67 34.33
CA ASP A 117 31.97 6.20 34.43
C ASP A 117 31.16 5.95 33.17
N PHE A 118 31.75 6.05 31.97
CA PHE A 118 31.01 5.74 30.75
C PHE A 118 30.63 4.26 30.69
N LYS A 119 31.55 3.35 31.00
CA LYS A 119 31.28 1.92 31.06
C LYS A 119 30.18 1.64 32.07
N ASN A 120 30.22 2.28 33.22
CA ASN A 120 29.18 2.09 34.21
C ASN A 120 27.86 2.62 33.67
N LEU A 121 27.80 3.74 32.92
CA LEU A 121 26.55 4.19 32.36
C LEU A 121 26.03 3.20 31.32
N ILE A 122 26.87 2.61 30.48
CA ILE A 122 26.44 1.62 29.49
C ILE A 122 25.83 0.42 30.16
N ASP A 123 26.55 -0.11 31.15
CA ASP A 123 26.11 -1.31 31.85
C ASP A 123 24.85 -1.07 32.67
N THR A 124 24.65 0.08 33.32
CA THR A 124 23.43 0.37 34.06
C THR A 124 22.25 0.53 33.13
N ALA A 125 22.43 1.27 32.04
CA ALA A 125 21.40 1.43 31.04
C ALA A 125 21.00 0.04 30.50
N HIS A 126 21.95 -0.81 30.12
CA HIS A 126 21.61 -2.12 29.57
C HIS A 126 20.92 -3.06 30.54
N ALA A 127 21.34 -3.02 31.82
CA ALA A 127 20.77 -3.80 32.89
C ALA A 127 19.32 -3.42 33.11
N HIS A 128 18.97 -2.16 32.79
CA HIS A 128 17.61 -1.69 32.92
C HIS A 128 16.92 -1.56 31.55
N ASN A 129 17.42 -2.28 30.53
CA ASN A 129 16.89 -2.28 29.16
C ASN A 129 16.72 -0.96 28.44
N ILE A 130 17.73 -0.12 28.62
CA ILE A 130 17.82 1.18 27.99
C ILE A 130 19.05 1.13 27.07
N LYS A 131 18.84 1.51 25.81
CA LYS A 131 19.89 1.65 24.81
C LYS A 131 20.55 3.03 24.97
N VAL A 132 21.82 3.23 24.59
CA VAL A 132 22.47 4.50 24.82
C VAL A 132 22.90 5.03 23.44
N ILE A 133 22.44 6.20 23.05
CA ILE A 133 22.81 6.83 21.78
C ILE A 133 23.76 7.95 22.16
N ILE A 134 24.88 8.09 21.46
CA ILE A 134 25.80 9.21 21.67
C ILE A 134 25.78 10.19 20.49
N ASP A 135 25.85 11.49 20.76
CA ASP A 135 26.18 12.45 19.72
C ASP A 135 27.60 12.18 19.22
N PHE A 136 27.86 12.44 17.94
CA PHE A 136 29.21 12.37 17.40
C PHE A 136 29.25 13.47 16.35
N ALA A 137 30.25 14.35 16.43
CA ALA A 137 30.34 15.54 15.61
C ALA A 137 31.65 15.61 14.82
N PRO A 138 31.81 14.83 13.73
CA PRO A 138 33.04 14.70 12.99
C PRO A 138 33.34 15.85 12.01
N ASN A 139 32.51 16.88 11.99
CA ASN A 139 32.68 17.98 11.06
C ASN A 139 33.83 18.91 11.47
N HIS A 140 34.12 19.05 12.77
CA HIS A 140 34.98 20.13 13.22
C HIS A 140 35.59 19.77 14.54
N THR A 141 36.58 20.53 14.99
CA THR A 141 37.02 20.37 16.38
C THR A 141 36.39 21.49 17.23
N SER A 142 37.01 22.68 17.31
CA SER A 142 36.55 23.74 18.18
C SER A 142 36.74 25.17 17.64
N PRO A 143 36.28 26.27 18.26
CA PRO A 143 36.53 27.62 17.79
C PRO A 143 38.02 27.86 17.60
N ALA A 144 38.42 28.42 16.47
CA ALA A 144 39.83 28.65 16.19
C ALA A 144 39.98 29.85 15.30
N SER A 145 41.13 30.52 15.39
CA SER A 145 41.48 31.63 14.55
C SER A 145 42.89 31.31 14.10
N SER A 146 43.18 31.15 12.81
CA SER A 146 44.57 30.91 12.45
C SER A 146 45.40 32.20 12.59
N ASP A 147 44.76 33.37 12.47
CA ASP A 147 45.48 34.62 12.63
C ASP A 147 45.78 34.84 14.07
N ASP A 148 44.89 34.47 15.00
CA ASP A 148 45.28 34.58 16.40
C ASP A 148 45.42 33.18 16.99
N PRO A 149 46.61 32.59 17.06
CA PRO A 149 46.80 31.28 17.61
C PRO A 149 46.55 31.23 19.10
N SER A 150 46.39 32.37 19.79
CA SER A 150 46.15 32.28 21.23
C SER A 150 44.67 32.20 21.54
N PHE A 151 43.81 32.36 20.52
CA PHE A 151 42.38 32.27 20.76
C PHE A 151 42.02 30.81 21.08
N ALA A 152 41.23 30.61 22.15
CA ALA A 152 40.77 29.29 22.58
C ALA A 152 41.90 28.26 22.57
N GLU A 153 41.77 27.07 21.98
CA GLU A 153 42.91 26.17 21.93
C GLU A 153 43.32 26.01 20.47
N ASN A 154 43.04 27.03 19.65
CA ASN A 154 43.37 27.05 18.22
C ASN A 154 42.94 25.82 17.43
N GLY A 155 41.72 25.34 17.74
CA GLY A 155 41.12 24.15 17.13
C GLY A 155 41.95 22.88 17.23
N ARG A 156 42.91 22.73 18.13
CA ARG A 156 43.79 21.58 18.15
C ARG A 156 43.15 20.21 18.29
N LEU A 157 43.69 19.27 17.52
CA LEU A 157 43.22 17.92 17.54
C LEU A 157 44.33 17.04 18.09
N TYR A 158 43.95 16.15 18.97
CA TYR A 158 44.83 15.23 19.64
C TYR A 158 44.28 13.85 19.34
N ASP A 159 45.12 12.85 19.41
CA ASP A 159 44.77 11.46 19.17
C ASP A 159 45.28 10.78 20.43
N ASN A 160 44.34 10.51 21.36
CA ASN A 160 44.64 9.91 22.66
C ASN A 160 45.78 10.62 23.43
N GLY A 161 45.77 11.95 23.42
CA GLY A 161 46.76 12.74 24.13
C GLY A 161 47.86 13.23 23.23
N ASN A 162 48.00 12.61 22.06
CA ASN A 162 49.03 13.03 21.13
C ASN A 162 48.56 14.12 20.17
N LEU A 163 49.22 15.28 20.12
CA LEU A 163 48.79 16.40 19.28
C LEU A 163 49.00 16.06 17.83
N LEU A 164 47.93 16.11 17.07
CA LEU A 164 48.07 15.92 15.64
C LEU A 164 48.28 17.31 15.05
N GLY A 165 47.57 18.37 15.43
CA GLY A 165 47.84 19.67 14.86
C GLY A 165 46.78 20.68 15.20
N GLY A 166 47.10 21.94 14.96
CA GLY A 166 46.18 23.03 15.21
C GLY A 166 45.84 23.75 13.91
N TYR A 167 45.01 24.76 14.03
CA TYR A 167 44.55 25.52 12.88
C TYR A 167 45.60 26.52 12.34
N THR A 168 46.42 27.10 13.22
CA THR A 168 47.49 27.96 12.77
C THR A 168 48.62 27.03 12.43
N ASN A 169 49.22 27.34 11.29
CA ASN A 169 50.36 26.58 10.84
C ASN A 169 50.06 25.10 10.59
N ASP A 170 48.93 24.92 9.93
CA ASP A 170 48.45 23.59 9.55
C ASP A 170 49.14 23.11 8.26
N THR A 171 50.41 22.73 8.41
CA THR A 171 51.24 22.29 7.30
C THR A 171 50.79 20.95 6.70
N GLN A 172 50.00 20.15 7.45
CA GLN A 172 49.47 18.86 7.01
C GLN A 172 48.08 18.99 6.38
N ASN A 173 47.45 20.17 6.41
CA ASN A 173 46.09 20.39 5.95
C ASN A 173 45.08 19.41 6.55
N LEU A 174 45.06 19.42 7.86
CA LEU A 174 44.10 18.63 8.63
C LEU A 174 42.77 19.34 8.59
N PHE A 175 42.81 20.63 8.24
CA PHE A 175 41.67 21.49 8.30
C PHE A 175 41.48 22.21 6.96
N HIS A 176 40.26 22.70 6.74
CA HIS A 176 39.89 23.56 5.62
C HIS A 176 40.20 25.00 5.99
N HIS A 177 40.74 25.76 5.03
CA HIS A 177 41.14 27.13 5.23
C HIS A 177 40.56 27.98 4.12
N TYR A 178 39.25 28.01 4.06
CA TYR A 178 38.59 28.70 2.98
C TYR A 178 37.76 29.86 3.46
N GLY A 179 37.83 30.20 4.74
CA GLY A 179 37.00 31.22 5.32
C GLY A 179 35.75 30.54 5.88
N GLY A 180 34.76 31.33 6.28
CA GLY A 180 33.51 30.86 6.89
C GLY A 180 32.37 30.82 5.91
N THR A 181 31.39 29.94 6.11
CA THR A 181 30.29 29.78 5.21
C THR A 181 29.37 30.95 5.44
N ASP A 182 28.68 31.27 4.37
CA ASP A 182 27.55 32.19 4.40
C ASP A 182 26.26 31.38 4.17
N PHE A 183 26.37 30.05 4.08
CA PHE A 183 25.25 29.13 3.88
C PHE A 183 24.56 29.34 2.54
N SER A 184 25.21 29.90 1.53
CA SER A 184 24.56 30.21 0.27
C SER A 184 24.31 28.95 -0.56
N THR A 185 25.25 27.99 -0.57
CA THR A 185 25.05 26.76 -1.30
C THR A 185 25.39 25.62 -0.35
N ILE A 186 24.95 24.40 -0.70
CA ILE A 186 25.30 23.24 0.06
C ILE A 186 26.81 23.09 -0.05
N GLU A 187 27.44 23.27 -1.23
CA GLU A 187 28.90 23.22 -1.36
C GLU A 187 29.58 24.21 -0.44
N ASN A 188 29.10 25.46 -0.43
CA ASN A 188 29.65 26.49 0.44
C ASN A 188 29.60 26.06 1.91
N GLY A 189 28.46 25.51 2.38
CA GLY A 189 28.30 25.04 3.76
C GLY A 189 29.12 23.81 4.14
N ILE A 190 29.59 23.02 3.18
CA ILE A 190 30.43 21.85 3.44
C ILE A 190 31.92 22.16 3.59
N TYR A 191 32.51 23.03 2.76
CA TYR A 191 33.95 23.21 2.77
C TYR A 191 34.45 24.47 3.44
N LYS A 192 33.55 25.36 3.74
CA LYS A 192 33.86 26.51 4.57
C LYS A 192 33.45 26.20 6.01
N ASN A 193 34.02 26.96 6.95
CA ASN A 193 33.80 26.76 8.38
C ASN A 193 32.43 27.17 8.83
N LEU A 194 31.83 26.43 9.75
CA LEU A 194 30.59 26.88 10.36
C LEU A 194 30.97 27.88 11.46
N TYR A 195 30.65 29.16 11.32
CA TYR A 195 30.96 30.19 12.31
C TYR A 195 32.47 30.25 12.48
N ASP A 196 33.07 29.94 13.63
CA ASP A 196 34.51 29.94 13.80
C ASP A 196 35.04 28.55 14.09
N LEU A 197 34.24 27.54 13.85
CA LEU A 197 34.63 26.18 14.20
C LEU A 197 35.66 25.65 13.21
N ALA A 198 36.83 25.13 13.63
CA ALA A 198 37.83 24.64 12.70
C ALA A 198 37.34 23.42 11.92
N ASP A 199 37.09 23.61 10.64
CA ASP A 199 36.55 22.57 9.78
C ASP A 199 37.54 21.47 9.46
N LEU A 200 37.22 20.22 9.79
CA LEU A 200 38.12 19.13 9.50
C LEU A 200 38.05 18.82 8.01
N ASN A 201 39.20 18.42 7.52
CA ASN A 201 39.41 18.04 6.17
C ASN A 201 39.37 16.52 6.07
N HIS A 202 38.25 15.95 5.64
CA HIS A 202 38.12 14.50 5.54
C HIS A 202 38.83 13.88 4.34
N ASN A 203 39.34 14.71 3.42
CA ASN A 203 40.13 14.22 2.28
C ASN A 203 41.56 13.98 2.76
N ASN A 204 41.93 14.44 3.96
CA ASN A 204 43.25 14.18 4.47
C ASN A 204 43.18 12.75 5.01
N SER A 205 43.99 11.80 4.53
CA SER A 205 43.94 10.43 4.99
C SER A 205 44.07 10.22 6.51
N SER A 206 44.89 11.04 7.17
CA SER A 206 45.03 10.97 8.62
C SER A 206 43.72 11.35 9.29
N VAL A 207 42.99 12.37 8.83
CA VAL A 207 41.74 12.73 9.46
C VAL A 207 40.71 11.62 9.20
N ASP A 208 40.61 11.11 7.97
CA ASP A 208 39.67 10.06 7.63
C ASP A 208 39.85 8.82 8.50
N VAL A 209 41.06 8.30 8.56
CA VAL A 209 41.38 7.12 9.35
C VAL A 209 41.19 7.38 10.84
N TYR A 210 41.55 8.56 11.35
CA TYR A 210 41.41 8.88 12.76
C TYR A 210 39.97 8.86 13.19
N LEU A 211 39.06 9.51 12.46
CA LEU A 211 37.67 9.55 12.84
C LEU A 211 37.00 8.20 12.70
N LYS A 212 37.44 7.37 11.74
CA LYS A 212 36.89 6.04 11.59
C LYS A 212 37.39 5.14 12.70
N ASP A 213 38.63 5.28 13.15
CA ASP A 213 39.13 4.53 14.28
C ASP A 213 38.45 4.94 15.57
N ALA A 214 38.17 6.24 15.71
CA ALA A 214 37.52 6.78 16.90
C ALA A 214 36.10 6.26 17.02
N ILE A 215 35.31 6.20 15.94
CA ILE A 215 33.94 5.71 16.07
C ILE A 215 33.92 4.24 16.41
N LYS A 216 34.84 3.44 15.88
CA LYS A 216 34.93 2.05 16.24
C LYS A 216 35.23 1.85 17.71
N MET A 217 36.07 2.68 18.31
CA MET A 217 36.35 2.63 19.74
C MET A 217 35.09 2.80 20.58
N TRP A 218 34.22 3.80 20.29
CA TRP A 218 32.99 4.01 21.02
C TRP A 218 32.04 2.83 20.75
N LEU A 219 32.06 2.20 19.57
CA LEU A 219 31.24 1.03 19.29
C LEU A 219 31.75 -0.13 20.11
N ASP A 220 33.05 -0.27 20.24
CA ASP A 220 33.62 -1.28 21.11
C ASP A 220 33.26 -1.11 22.58
N LEU A 221 32.97 0.11 23.03
CA LEU A 221 32.54 0.36 24.40
C LEU A 221 31.04 0.07 24.60
N GLY A 222 30.28 -0.42 23.61
CA GLY A 222 28.90 -0.85 23.82
C GLY A 222 27.84 0.17 23.49
N VAL A 223 28.14 1.29 22.80
CA VAL A 223 27.08 2.23 22.50
C VAL A 223 26.09 1.55 21.53
N ASP A 224 24.83 1.97 21.55
CA ASP A 224 23.82 1.33 20.74
C ASP A 224 23.32 2.18 19.59
N GLY A 225 23.66 3.46 19.51
CA GLY A 225 23.17 4.29 18.44
C GLY A 225 24.09 5.49 18.33
N ILE A 226 24.02 6.25 17.24
CA ILE A 226 24.89 7.41 17.01
C ILE A 226 24.03 8.50 16.39
N ARG A 227 24.10 9.72 16.87
CA ARG A 227 23.43 10.82 16.24
C ARG A 227 24.59 11.69 15.73
N VAL A 228 24.63 11.86 14.43
CA VAL A 228 25.69 12.62 13.79
C VAL A 228 25.26 14.07 13.62
N ASP A 229 26.09 14.96 14.12
CA ASP A 229 25.92 16.38 14.00
C ASP A 229 26.35 16.89 12.62
N ALA A 230 25.59 17.88 12.13
CA ALA A 230 25.85 18.69 10.94
C ALA A 230 26.08 17.88 9.65
N VAL A 231 25.18 16.91 9.38
CA VAL A 231 25.31 16.08 8.16
C VAL A 231 25.23 16.87 6.85
N LYS A 232 24.54 18.03 6.87
CA LYS A 232 24.44 18.93 5.73
C LYS A 232 25.78 19.60 5.40
N HIS A 233 26.78 19.47 6.29
CA HIS A 233 28.02 20.22 6.24
C HIS A 233 29.26 19.37 6.07
N MET A 234 29.07 18.12 5.69
CA MET A 234 30.19 17.22 5.47
C MET A 234 29.94 16.64 4.11
N PRO A 235 30.96 16.21 3.36
CA PRO A 235 30.77 15.62 2.05
C PRO A 235 29.92 14.37 2.21
N PHE A 236 28.87 14.26 1.43
CA PHE A 236 27.95 13.12 1.47
C PHE A 236 28.66 11.83 1.04
N GLY A 237 29.61 11.89 0.10
CA GLY A 237 30.37 10.71 -0.25
C GLY A 237 31.27 10.28 0.92
N TRP A 238 31.84 11.21 1.72
CA TRP A 238 32.65 10.78 2.85
C TRP A 238 31.72 10.19 3.90
N GLN A 239 30.56 10.80 4.19
CA GLN A 239 29.65 10.23 5.17
C GLN A 239 29.15 8.87 4.73
N LYS A 240 28.98 8.57 3.43
CA LYS A 240 28.62 7.19 3.05
C LYS A 240 29.76 6.21 3.39
N SER A 241 31.06 6.56 3.22
CA SER A 241 32.13 5.64 3.56
C SER A 241 32.23 5.52 5.09
N PHE A 242 31.87 6.56 5.84
CA PHE A 242 31.82 6.53 7.30
C PHE A 242 30.72 5.56 7.73
N MET A 243 29.50 5.63 7.16
CA MET A 243 28.44 4.68 7.47
C MET A 243 28.82 3.28 7.07
N ALA A 244 29.48 3.07 5.92
CA ALA A 244 29.97 1.73 5.59
C ALA A 244 30.99 1.22 6.59
N THR A 245 31.79 2.10 7.20
CA THR A 245 32.74 1.68 8.22
C THR A 245 31.98 1.17 9.43
N ILE A 246 30.96 1.90 9.88
CA ILE A 246 30.17 1.45 11.01
C ILE A 246 29.45 0.16 10.65
N ASN A 247 28.71 0.11 9.53
CA ASN A 247 27.87 -1.01 9.18
C ASN A 247 28.58 -2.30 8.89
N ASN A 248 29.80 -2.21 8.36
CA ASN A 248 30.54 -3.42 8.07
C ASN A 248 31.33 -3.84 9.29
N TYR A 249 31.39 -3.04 10.34
CA TYR A 249 32.12 -3.43 11.54
C TYR A 249 31.15 -3.86 12.63
N LYS A 250 30.33 -2.98 13.19
CA LYS A 250 29.39 -3.32 14.24
C LYS A 250 28.23 -2.37 13.96
N PRO A 251 27.22 -2.75 13.15
CA PRO A 251 26.16 -1.85 12.73
C PRO A 251 25.27 -1.40 13.89
N VAL A 252 25.04 -0.10 14.06
CA VAL A 252 24.17 0.35 15.13
C VAL A 252 23.32 1.43 14.46
N PHE A 253 22.17 1.72 15.02
CA PHE A 253 21.27 2.71 14.50
C PHE A 253 21.94 4.07 14.45
N THR A 254 22.03 4.71 13.30
CA THR A 254 22.66 6.01 13.17
C THR A 254 21.72 6.95 12.46
N PHE A 255 21.59 8.17 12.99
CA PHE A 255 20.78 9.16 12.35
C PHE A 255 21.45 10.52 12.42
N GLY A 256 21.14 11.45 11.53
CA GLY A 256 21.75 12.76 11.54
C GLY A 256 20.74 13.91 11.65
N GLU A 257 21.29 15.09 11.92
CA GLU A 257 20.49 16.28 11.97
C GLU A 257 20.69 17.11 10.71
N TRP A 258 19.68 17.39 9.90
CA TRP A 258 19.71 18.25 8.73
C TRP A 258 18.48 19.09 9.08
N PHE A 259 18.69 20.34 9.43
CA PHE A 259 17.60 21.20 9.85
C PHE A 259 16.70 21.62 8.67
N LEU A 260 15.38 21.65 8.88
CA LEU A 260 14.48 22.15 7.86
C LEU A 260 13.61 23.11 8.61
N GLY A 261 13.22 24.19 7.95
CA GLY A 261 12.37 25.15 8.59
C GLY A 261 10.93 24.79 8.29
N VAL A 262 10.06 25.69 8.75
CA VAL A 262 8.62 25.55 8.59
C VAL A 262 8.32 25.53 7.10
N ASN A 263 7.58 24.53 6.66
CA ASN A 263 7.19 24.36 5.27
C ASN A 263 8.29 24.18 4.23
N GLU A 264 9.50 23.86 4.67
CA GLU A 264 10.61 23.58 3.77
C GLU A 264 10.55 22.09 3.49
N ILE A 265 10.46 21.69 2.24
CA ILE A 265 10.65 20.29 1.93
C ILE A 265 11.82 20.38 0.94
N SER A 266 12.81 19.56 1.19
CA SER A 266 14.03 19.61 0.43
C SER A 266 14.29 18.24 -0.17
N PRO A 267 14.57 18.19 -1.47
CA PRO A 267 14.94 16.98 -2.22
C PRO A 267 16.21 16.33 -1.70
N GLU A 268 17.21 17.16 -1.46
CA GLU A 268 18.49 16.73 -0.93
C GLU A 268 18.35 16.08 0.42
N TYR A 269 17.52 16.65 1.30
CA TYR A 269 17.26 16.07 2.60
C TYR A 269 16.69 14.67 2.43
N HIS A 270 15.64 14.54 1.61
CA HIS A 270 15.06 13.21 1.39
C HIS A 270 16.05 12.28 0.72
N GLN A 271 16.88 12.71 -0.22
CA GLN A 271 17.90 11.88 -0.83
C GLN A 271 18.92 11.37 0.16
N PHE A 272 19.35 12.27 1.05
CA PHE A 272 20.29 11.91 2.09
C PHE A 272 19.66 10.83 2.96
N ALA A 273 18.41 10.94 3.43
CA ALA A 273 17.78 9.91 4.27
C ALA A 273 17.71 8.57 3.56
N ASN A 274 17.46 8.66 2.25
CA ASN A 274 17.30 7.46 1.46
C ASN A 274 18.56 6.85 0.97
N GLU A 275 19.68 7.55 0.81
CA GLU A 275 20.87 6.95 0.22
C GLU A 275 22.12 7.04 1.04
N SER A 276 22.16 7.66 2.23
CA SER A 276 23.42 7.80 2.92
C SER A 276 23.85 6.59 3.71
N GLY A 277 22.84 5.85 4.15
CA GLY A 277 23.06 4.74 5.05
C GLY A 277 22.62 5.18 6.46
N MET A 278 22.24 6.44 6.72
CA MET A 278 21.73 6.84 8.03
C MET A 278 20.35 7.46 7.80
N SER A 279 19.57 7.56 8.87
CA SER A 279 18.28 8.19 8.76
C SER A 279 18.43 9.60 9.30
N LEU A 280 17.34 10.29 9.51
CA LEU A 280 17.41 11.69 9.85
C LEU A 280 16.46 12.00 11.00
N LEU A 281 16.74 13.08 11.70
CA LEU A 281 15.79 13.62 12.63
C LEU A 281 14.70 14.14 11.72
N ASP A 282 13.45 13.82 12.01
CA ASP A 282 12.37 14.11 11.11
C ASP A 282 11.82 15.51 11.35
N PHE A 283 12.53 16.49 10.79
CA PHE A 283 12.10 17.87 10.92
C PHE A 283 10.82 18.17 10.19
N ARG A 284 10.48 17.38 9.18
CA ARG A 284 9.25 17.59 8.43
C ARG A 284 8.07 17.30 9.34
N PHE A 285 8.21 16.24 10.14
CA PHE A 285 7.18 15.87 11.11
C PHE A 285 7.08 16.93 12.20
N ALA A 286 8.21 17.26 12.79
CA ALA A 286 8.29 18.17 13.91
C ALA A 286 7.76 19.52 13.57
N GLN A 287 8.13 20.08 12.42
CA GLN A 287 7.63 21.41 12.04
C GLN A 287 6.13 21.39 11.79
N LYS A 288 5.55 20.38 11.11
CA LYS A 288 4.11 20.37 10.90
C LYS A 288 3.38 20.12 12.21
N ALA A 289 3.89 19.21 13.08
CA ALA A 289 3.28 18.94 14.39
C ALA A 289 3.27 20.23 15.19
N ARG A 290 4.32 21.07 15.21
CA ARG A 290 4.26 22.34 15.91
C ARG A 290 3.28 23.30 15.24
N GLN A 291 3.14 23.35 13.90
CA GLN A 291 2.14 24.21 13.27
C GLN A 291 0.71 23.84 13.64
N VAL A 292 0.40 22.55 13.75
CA VAL A 292 -0.94 22.09 14.07
C VAL A 292 -1.21 22.14 15.59
N PHE A 293 -0.33 21.61 16.46
CA PHE A 293 -0.59 21.53 17.88
C PHE A 293 -0.10 22.72 18.67
N ARG A 294 0.85 23.50 18.17
CA ARG A 294 1.40 24.59 18.96
C ARG A 294 1.01 25.96 18.45
N ASP A 295 1.32 26.28 17.19
CA ASP A 295 1.18 27.64 16.69
C ASP A 295 -0.10 27.98 15.97
N ASN A 296 -0.83 26.90 15.66
CA ASN A 296 -2.09 26.94 14.95
C ASN A 296 -1.94 27.65 13.60
N THR A 297 -0.86 27.35 12.91
CA THR A 297 -0.65 27.90 11.60
C THR A 297 -1.02 26.87 10.54
N ASP A 298 -1.50 25.68 10.92
CA ASP A 298 -2.03 24.74 9.96
C ASP A 298 -3.03 23.91 10.75
N ASN A 299 -3.89 23.20 10.04
CA ASN A 299 -4.88 22.36 10.68
C ASN A 299 -4.71 20.89 10.38
N MET A 300 -5.71 20.06 10.71
CA MET A 300 -5.54 18.62 10.59
C MET A 300 -5.29 18.04 9.21
N TYR A 301 -5.72 18.77 8.18
CA TYR A 301 -5.46 18.38 6.79
C TYR A 301 -3.99 18.50 6.44
N GLY A 302 -3.31 19.51 7.03
CA GLY A 302 -1.86 19.62 6.86
C GLY A 302 -1.15 18.47 7.54
N LEU A 303 -1.59 18.07 8.73
CA LEU A 303 -1.02 16.94 9.44
C LEU A 303 -1.17 15.65 8.65
N LYS A 304 -2.39 15.39 8.17
CA LYS A 304 -2.73 14.26 7.30
C LYS A 304 -1.83 14.25 6.09
N ALA A 305 -1.69 15.38 5.39
CA ALA A 305 -0.87 15.43 4.19
C ALA A 305 0.61 15.16 4.47
N MET A 306 1.13 15.61 5.63
CA MET A 306 2.51 15.31 6.00
C MET A 306 2.67 13.82 6.30
N LEU A 307 1.73 13.19 7.01
CA LEU A 307 1.87 11.77 7.33
C LEU A 307 1.76 10.97 6.04
N GLU A 308 0.85 11.37 5.14
CA GLU A 308 0.65 10.62 3.92
C GLU A 308 1.79 10.78 2.93
N GLY A 309 2.28 12.00 2.85
CA GLY A 309 3.40 12.32 1.98
C GLY A 309 4.70 11.75 2.47
N SER A 310 5.02 11.87 3.77
CA SER A 310 6.29 11.38 4.26
C SER A 310 6.39 9.87 4.16
N GLU A 311 5.27 9.16 4.23
CA GLU A 311 5.23 7.70 4.13
C GLU A 311 5.80 7.21 2.81
N VAL A 312 5.66 8.06 1.79
CA VAL A 312 6.13 7.78 0.43
C VAL A 312 7.55 8.32 0.22
N ASP A 313 7.80 9.56 0.61
CA ASP A 313 9.08 10.19 0.38
C ASP A 313 10.27 9.67 1.12
N TYR A 314 10.07 9.07 2.29
CA TYR A 314 11.15 8.46 3.03
C TYR A 314 11.05 7.03 2.61
N ALA A 315 12.14 6.46 2.09
CA ALA A 315 12.16 5.06 1.72
C ALA A 315 11.94 4.19 2.97
N GLN A 316 12.52 4.51 4.12
CA GLN A 316 12.31 3.72 5.32
C GLN A 316 11.72 4.65 6.35
N VAL A 317 10.43 4.92 6.38
CA VAL A 317 9.88 5.90 7.30
C VAL A 317 9.98 5.43 8.75
N ASN A 318 10.08 4.11 9.00
CA ASN A 318 10.14 3.63 10.37
C ASN A 318 11.49 3.94 11.01
N ASP A 319 12.46 4.47 10.26
CA ASP A 319 13.74 4.76 10.85
C ASP A 319 13.94 6.23 11.14
N GLN A 320 12.95 7.07 10.89
CA GLN A 320 13.16 8.48 11.07
C GLN A 320 12.85 8.86 12.51
N VAL A 321 13.64 9.72 13.13
CA VAL A 321 13.42 10.04 14.55
C VAL A 321 12.51 11.26 14.68
N THR A 322 11.33 11.14 15.27
CA THR A 322 10.38 12.23 15.37
C THR A 322 10.54 12.92 16.72
N PHE A 323 10.06 14.13 16.84
CA PHE A 323 10.19 14.92 18.05
C PHE A 323 9.27 16.12 17.88
N ILE A 324 8.94 16.82 18.97
CA ILE A 324 8.18 18.05 18.85
C ILE A 324 9.04 19.26 19.19
N ASP A 325 10.18 19.07 19.82
CA ASP A 325 11.17 20.14 20.04
C ASP A 325 12.46 19.42 20.36
N ASN A 326 13.57 20.17 20.41
CA ASN A 326 14.87 19.65 20.72
C ASN A 326 15.79 20.85 20.96
N HIS A 327 17.08 20.63 21.07
CA HIS A 327 18.04 21.69 21.30
C HIS A 327 18.16 22.79 20.26
N ASP A 328 17.58 22.61 19.09
CA ASP A 328 17.69 23.60 18.04
C ASP A 328 16.42 24.39 17.77
N MET A 329 15.48 24.38 18.71
CA MET A 329 14.23 25.14 18.58
C MET A 329 13.71 25.55 19.94
N GLU A 330 12.81 26.52 19.91
CA GLU A 330 12.16 26.98 21.11
C GLU A 330 11.42 25.80 21.70
N ARG A 331 11.37 25.75 23.01
CA ARG A 331 10.64 24.71 23.68
C ARG A 331 9.17 24.78 23.23
N PHE A 332 8.54 23.63 23.04
CA PHE A 332 7.18 23.52 22.57
C PHE A 332 6.26 24.23 23.55
N HIS A 333 6.38 23.94 24.86
CA HIS A 333 5.47 24.53 25.85
C HIS A 333 5.81 26.02 25.99
N THR A 334 4.90 27.00 25.86
CA THR A 334 5.25 28.41 26.04
C THR A 334 4.70 28.96 27.34
N SER A 335 4.93 30.22 27.68
CA SER A 335 4.44 30.84 28.92
C SER A 335 2.93 30.98 29.02
N ASN A 336 2.35 31.38 27.90
CA ASN A 336 0.93 31.62 27.81
C ASN A 336 0.21 30.50 27.07
N GLY A 337 0.87 29.35 26.87
CA GLY A 337 0.29 28.25 26.15
C GLY A 337 -0.31 27.20 27.09
N ASP A 338 -1.41 26.64 26.64
CA ASP A 338 -2.13 25.62 27.39
C ASP A 338 -1.33 24.34 27.46
N ARG A 339 -1.17 23.76 28.65
CA ARG A 339 -0.45 22.49 28.82
C ARG A 339 -1.04 21.33 28.07
N ARG A 340 -2.33 21.38 27.72
CA ARG A 340 -2.94 20.30 26.96
C ARG A 340 -2.31 20.22 25.60
N LYS A 341 -1.81 21.33 25.05
CA LYS A 341 -1.19 21.30 23.75
C LYS A 341 0.07 20.43 23.76
N LEU A 342 0.87 20.54 24.83
CA LEU A 342 2.07 19.75 24.92
C LEU A 342 1.69 18.29 25.09
N GLU A 343 0.72 18.01 25.96
CA GLU A 343 0.27 16.64 26.24
C GLU A 343 -0.24 15.95 24.99
N GLN A 344 -1.07 16.60 24.17
CA GLN A 344 -1.52 16.04 22.91
C GLN A 344 -0.37 15.82 21.95
N ALA A 345 0.54 16.80 21.75
CA ALA A 345 1.63 16.64 20.80
C ALA A 345 2.52 15.47 21.19
N LEU A 346 2.73 15.24 22.50
CA LEU A 346 3.46 14.07 22.99
C LEU A 346 2.68 12.81 22.73
N ALA A 347 1.37 12.75 22.96
CA ALA A 347 0.61 11.54 22.66
C ALA A 347 0.67 11.25 21.16
N PHE A 348 0.54 12.26 20.30
CA PHE A 348 0.65 12.08 18.86
C PHE A 348 2.01 11.50 18.48
N THR A 349 3.10 12.06 19.01
CA THR A 349 4.42 11.60 18.62
C THR A 349 4.65 10.16 19.07
N LEU A 350 4.27 9.82 20.31
CA LEU A 350 4.50 8.47 20.82
C LEU A 350 3.72 7.39 20.10
N THR A 351 2.58 7.74 19.47
CA THR A 351 1.82 6.76 18.71
C THR A 351 2.02 6.79 17.20
N SER A 352 2.89 7.67 16.69
CA SER A 352 3.11 7.82 15.26
C SER A 352 4.27 7.02 14.78
N ARG A 353 4.43 6.89 13.47
CA ARG A 353 5.49 6.08 12.89
C ARG A 353 6.84 6.71 13.15
N GLY A 354 7.89 5.90 13.16
CA GLY A 354 9.23 6.44 13.32
C GLY A 354 9.77 6.06 14.67
N VAL A 355 10.75 6.77 15.19
CA VAL A 355 11.39 6.44 16.46
C VAL A 355 11.16 7.70 17.28
N PRO A 356 10.28 7.78 18.30
CA PRO A 356 10.02 9.04 19.00
C PRO A 356 11.14 9.50 19.93
N ALA A 357 11.53 10.78 19.95
CA ALA A 357 12.51 11.29 20.89
C ALA A 357 11.82 12.37 21.73
N ILE A 358 12.06 12.35 23.03
CA ILE A 358 11.48 13.34 23.91
C ILE A 358 12.63 14.13 24.48
N TYR A 359 12.55 15.47 24.41
CA TYR A 359 13.63 16.34 24.85
C TYR A 359 13.49 16.42 26.37
N TYR A 360 14.60 16.29 27.12
CA TYR A 360 14.55 16.25 28.56
C TYR A 360 13.81 17.44 29.09
N GLY A 361 13.07 17.15 30.17
CA GLY A 361 12.31 18.20 30.81
C GLY A 361 10.98 18.50 30.14
N SER A 362 10.58 17.91 28.98
CA SER A 362 9.26 18.12 28.39
C SER A 362 8.17 17.74 29.41
N GLU A 363 8.42 16.66 30.14
CA GLU A 363 7.48 16.14 31.13
C GLU A 363 7.36 17.00 32.37
N GLN A 364 8.20 18.03 32.48
CA GLN A 364 8.16 18.98 33.55
C GLN A 364 7.72 20.34 33.02
N TYR A 365 7.13 20.39 31.82
CA TYR A 365 6.61 21.61 31.16
C TYR A 365 7.59 22.77 31.09
N MET A 366 8.85 22.46 30.76
CA MET A 366 9.84 23.52 30.64
C MET A 366 9.52 24.42 29.46
N SER A 367 9.63 25.75 29.58
CA SER A 367 9.49 26.67 28.47
C SER A 367 10.81 27.41 28.21
N GLY A 368 11.01 28.10 27.08
CA GLY A 368 12.27 28.77 26.81
C GLY A 368 12.43 28.98 25.32
N GLY A 369 13.12 30.06 24.99
CA GLY A 369 13.35 30.39 23.59
C GLY A 369 14.47 29.54 23.04
N ASN A 370 15.11 30.11 22.05
CA ASN A 370 16.23 29.43 21.41
C ASN A 370 17.51 29.46 22.25
N ASP A 371 18.51 28.72 21.80
CA ASP A 371 19.79 28.54 22.46
C ASP A 371 20.36 29.83 23.06
N PRO A 372 20.76 29.84 24.34
CA PRO A 372 20.85 28.70 25.23
C PRO A 372 19.62 28.45 26.09
N ASP A 373 18.54 29.21 25.88
CA ASP A 373 17.40 29.18 26.76
C ASP A 373 16.54 27.95 26.70
N ASN A 374 16.73 27.13 25.68
CA ASN A 374 16.03 25.88 25.57
C ASN A 374 16.86 24.81 26.25
N ARG A 375 18.01 25.14 26.89
CA ARG A 375 18.81 24.12 27.56
C ARG A 375 19.00 24.46 29.04
N ALA A 376 17.94 24.87 29.75
CA ALA A 376 18.03 25.14 31.17
C ALA A 376 18.21 23.84 31.97
N ARG A 377 18.58 23.86 33.25
CA ARG A 377 18.71 22.64 33.99
C ARG A 377 17.30 22.18 34.30
N LEU A 378 16.98 20.88 34.28
CA LEU A 378 15.58 20.64 34.48
C LEU A 378 15.19 20.82 35.93
N PRO A 379 14.05 21.46 36.16
CA PRO A 379 13.78 22.10 37.44
C PRO A 379 13.24 21.17 38.52
N SER A 380 12.87 19.94 38.16
CA SER A 380 12.17 19.04 39.05
C SER A 380 12.24 17.63 38.48
N PHE A 381 12.11 16.63 39.36
CA PHE A 381 12.04 15.25 38.93
C PHE A 381 10.75 14.64 39.47
N SER A 382 9.69 15.42 39.46
CA SER A 382 8.37 15.00 39.87
C SER A 382 7.86 13.91 38.95
N THR A 383 7.40 12.81 39.52
CA THR A 383 6.87 11.74 38.72
C THR A 383 5.36 11.86 38.69
N THR A 384 4.74 12.97 39.09
CA THR A 384 3.30 12.94 39.08
C THR A 384 2.70 13.93 38.08
N THR A 385 3.45 14.57 37.17
CA THR A 385 2.86 15.53 36.23
C THR A 385 2.00 14.75 35.22
N THR A 386 0.95 15.32 34.63
CA THR A 386 0.18 14.67 33.58
C THR A 386 1.11 14.27 32.44
N ALA A 387 2.03 15.14 31.99
CA ALA A 387 2.94 14.80 30.91
C ALA A 387 3.74 13.53 31.22
N TYR A 388 4.30 13.42 32.43
CA TYR A 388 4.99 12.21 32.86
C TYR A 388 4.08 10.97 32.71
N GLN A 389 2.83 11.09 33.19
CA GLN A 389 1.91 9.96 33.12
C GLN A 389 1.53 9.64 31.69
N VAL A 390 1.40 10.62 30.80
CA VAL A 390 1.12 10.41 29.39
C VAL A 390 2.25 9.59 28.79
N ILE A 391 3.50 9.87 29.07
CA ILE A 391 4.59 9.10 28.48
C ILE A 391 4.62 7.71 29.10
N GLN A 392 4.38 7.63 30.42
CA GLN A 392 4.38 6.37 31.14
C GLN A 392 3.33 5.40 30.60
N LYS A 393 2.14 5.89 30.22
CA LYS A 393 1.10 5.02 29.65
C LYS A 393 1.32 4.62 28.18
N LEU A 394 1.87 5.54 27.36
CA LEU A 394 1.99 5.28 25.92
C LEU A 394 3.29 4.71 25.42
N ALA A 395 4.40 5.09 26.06
CA ALA A 395 5.72 4.62 25.64
C ALA A 395 5.85 3.10 25.71
N PRO A 396 5.41 2.31 26.70
CA PRO A 396 5.43 0.85 26.61
C PRO A 396 4.66 0.25 25.42
N LEU A 397 3.72 0.96 24.77
CA LEU A 397 3.02 0.38 23.65
C LEU A 397 3.95 0.15 22.46
N ARG A 398 5.07 0.84 22.37
CA ARG A 398 6.03 0.63 21.31
C ARG A 398 6.65 -0.73 21.44
N LYS A 399 6.84 -1.20 22.66
CA LYS A 399 7.35 -2.54 22.82
C LYS A 399 6.24 -3.57 22.67
N SER A 400 5.03 -3.33 23.14
CA SER A 400 4.03 -4.37 23.13
C SER A 400 3.11 -4.39 21.93
N ASN A 401 2.99 -3.31 21.16
CA ASN A 401 2.09 -3.32 20.05
C ASN A 401 2.86 -3.04 18.77
N PRO A 402 3.09 -4.07 17.95
CA PRO A 402 3.79 -3.99 16.67
C PRO A 402 3.16 -2.97 15.72
N ALA A 403 1.87 -2.65 15.83
CA ALA A 403 1.22 -1.69 14.95
C ALA A 403 1.79 -0.31 15.25
N ILE A 404 2.05 0.02 16.52
CA ILE A 404 2.62 1.28 16.93
C ILE A 404 4.07 1.27 16.46
N ALA A 405 4.84 0.20 16.64
CA ALA A 405 6.24 0.22 16.23
C ALA A 405 6.44 0.23 14.72
N TYR A 406 5.63 -0.51 14.00
CA TYR A 406 5.87 -0.67 12.57
C TYR A 406 4.76 -0.38 11.59
N GLY A 407 3.53 -0.19 12.06
CA GLY A 407 2.42 -0.20 11.17
C GLY A 407 2.28 1.00 10.28
N SER A 408 1.34 0.80 9.40
CA SER A 408 0.92 1.79 8.43
C SER A 408 0.10 2.85 9.15
N THR A 409 -0.13 4.01 8.56
CA THR A 409 -0.90 5.07 9.21
C THR A 409 -2.04 5.31 8.23
N HIS A 410 -3.25 5.25 8.77
CA HIS A 410 -4.44 5.36 7.99
C HIS A 410 -5.37 6.36 8.66
N GLU A 411 -5.73 7.44 7.98
CA GLU A 411 -6.65 8.38 8.56
C GLU A 411 -8.05 7.80 8.42
N ARG A 412 -8.77 7.66 9.55
CA ARG A 412 -10.12 7.11 9.60
C ARG A 412 -11.21 8.15 9.77
N TRP A 413 -10.94 9.32 10.34
CA TRP A 413 -11.91 10.39 10.48
C TRP A 413 -11.10 11.68 10.58
N ILE A 414 -11.63 12.79 10.06
CA ILE A 414 -10.92 14.05 10.11
C ILE A 414 -11.86 15.20 9.91
N ASN A 415 -11.47 16.34 10.47
CA ASN A 415 -12.05 17.61 10.15
C ASN A 415 -10.94 18.59 10.50
N ASN A 416 -11.15 19.91 10.51
CA ASN A 416 -10.08 20.86 10.80
C ASN A 416 -9.32 20.73 12.10
N ASP A 417 -10.01 20.25 13.13
CA ASP A 417 -9.51 20.15 14.47
C ASP A 417 -9.39 18.74 15.02
N VAL A 418 -9.87 17.72 14.32
CA VAL A 418 -9.89 16.35 14.83
C VAL A 418 -9.27 15.44 13.80
N ILE A 419 -8.40 14.55 14.29
CA ILE A 419 -7.95 13.48 13.43
C ILE A 419 -8.11 12.18 14.22
N ILE A 420 -8.50 11.09 13.54
CA ILE A 420 -8.51 9.80 14.17
C ILE A 420 -7.70 8.95 13.19
N TYR A 421 -6.60 8.34 13.61
CA TYR A 421 -5.80 7.57 12.69
C TYR A 421 -5.60 6.19 13.27
N GLU A 422 -5.31 5.27 12.40
CA GLU A 422 -5.16 3.89 12.77
C GLU A 422 -3.77 3.46 12.37
N ARG A 423 -3.13 2.66 13.19
CA ARG A 423 -1.82 2.13 12.91
C ARG A 423 -2.15 0.66 12.84
N LYS A 424 -1.58 -0.03 11.88
CA LYS A 424 -1.94 -1.41 11.67
C LYS A 424 -0.76 -2.21 11.21
N PHE A 425 -0.55 -3.35 11.82
CA PHE A 425 0.53 -4.22 11.46
C PHE A 425 0.03 -5.64 11.67
N GLY A 426 -0.27 -6.30 10.55
CA GLY A 426 -0.84 -7.64 10.58
C GLY A 426 -2.23 -7.50 11.18
N ASN A 427 -2.45 -8.20 12.30
CA ASN A 427 -3.72 -8.08 13.00
C ASN A 427 -3.65 -7.20 14.25
N ASN A 428 -2.56 -6.48 14.41
CA ASN A 428 -2.39 -5.61 15.55
C ASN A 428 -2.86 -4.25 15.08
N VAL A 429 -3.57 -3.53 15.92
CA VAL A 429 -4.22 -2.29 15.57
C VAL A 429 -4.05 -1.32 16.75
N ALA A 430 -3.87 -0.04 16.47
CA ALA A 430 -4.04 0.99 17.48
C ALA A 430 -4.78 2.10 16.77
N VAL A 431 -5.68 2.79 17.45
CA VAL A 431 -6.50 3.85 16.90
C VAL A 431 -6.32 4.99 17.89
N VAL A 432 -6.05 6.20 17.40
CA VAL A 432 -5.80 7.38 18.24
C VAL A 432 -6.75 8.46 17.80
N ALA A 433 -7.39 9.15 18.71
CA ALA A 433 -8.30 10.20 18.33
C ALA A 433 -7.85 11.46 19.05
N ILE A 434 -7.73 12.59 18.37
CA ILE A 434 -7.23 13.81 18.96
C ILE A 434 -8.15 14.94 18.53
N ASN A 435 -8.62 15.72 19.49
CA ASN A 435 -9.43 16.87 19.21
C ASN A 435 -8.55 18.00 19.68
N ARG A 436 -7.93 18.81 18.83
CA ARG A 436 -7.07 19.89 19.34
C ARG A 436 -7.89 21.09 19.76
N ASN A 437 -9.19 21.19 19.47
CA ASN A 437 -9.92 22.38 19.85
C ASN A 437 -10.22 22.31 21.35
N MET A 438 -9.90 23.37 22.08
CA MET A 438 -10.02 23.31 23.51
C MET A 438 -11.35 23.79 24.05
N ASN A 439 -12.20 24.33 23.21
CA ASN A 439 -13.52 24.69 23.68
C ASN A 439 -14.67 24.02 22.97
N THR A 440 -14.49 23.29 21.88
CA THR A 440 -15.64 22.68 21.21
C THR A 440 -15.51 21.16 21.19
N PRO A 441 -16.47 20.38 21.74
CA PRO A 441 -16.53 18.95 21.53
C PRO A 441 -16.78 18.55 20.06
N ALA A 442 -16.23 17.42 19.62
CA ALA A 442 -16.46 16.92 18.28
C ALA A 442 -17.46 15.77 18.23
N SER A 443 -18.53 15.82 17.45
CA SER A 443 -19.43 14.68 17.28
C SER A 443 -18.83 13.70 16.29
N ILE A 444 -18.44 12.48 16.67
CA ILE A 444 -17.88 11.53 15.72
C ILE A 444 -19.02 10.61 15.29
N THR A 445 -19.31 10.55 14.00
CA THR A 445 -20.29 9.65 13.45
C THR A 445 -19.58 8.95 12.29
N GLY A 446 -19.86 7.68 12.08
CA GLY A 446 -19.37 7.00 10.90
C GLY A 446 -17.93 6.52 11.01
N LEU A 447 -17.42 6.30 12.21
CA LEU A 447 -16.03 5.85 12.34
C LEU A 447 -15.95 4.37 12.05
N VAL A 448 -15.08 3.93 11.16
CA VAL A 448 -14.88 2.52 10.96
C VAL A 448 -13.41 2.22 11.27
N THR A 449 -13.09 1.09 11.88
CA THR A 449 -11.74 0.75 12.26
C THR A 449 -11.53 -0.71 11.93
N SER A 450 -10.31 -1.17 12.18
CA SER A 450 -9.96 -2.56 12.00
C SER A 450 -10.04 -3.27 13.35
N LEU A 451 -10.67 -2.67 14.37
CA LEU A 451 -10.72 -3.32 15.66
C LEU A 451 -11.83 -4.37 15.59
N PRO A 452 -11.60 -5.58 16.12
CA PRO A 452 -12.67 -6.56 16.33
C PRO A 452 -13.63 -6.03 17.38
N ARG A 453 -14.83 -6.59 17.39
CA ARG A 453 -15.88 -6.22 18.31
C ARG A 453 -15.45 -6.19 19.77
N GLY A 454 -15.80 -5.15 20.50
CA GLY A 454 -15.45 -5.09 21.90
C GLY A 454 -15.63 -3.70 22.48
N SER A 455 -15.41 -3.53 23.77
CA SER A 455 -15.49 -2.24 24.42
C SER A 455 -14.09 -1.86 24.84
N TYR A 456 -13.40 -1.10 24.00
CA TYR A 456 -11.99 -0.80 24.23
C TYR A 456 -11.78 0.33 25.18
N ASN A 457 -10.96 0.10 26.19
CA ASN A 457 -10.68 1.13 27.17
C ASN A 457 -9.55 2.01 26.71
N ASP A 458 -9.71 3.31 26.91
CA ASP A 458 -8.67 4.25 26.60
C ASP A 458 -7.38 3.91 27.33
N VAL A 459 -6.28 3.59 26.61
CA VAL A 459 -4.97 3.34 27.19
C VAL A 459 -4.53 4.54 28.08
N LEU A 460 -4.90 5.77 27.80
CA LEU A 460 -4.55 6.92 28.63
C LEU A 460 -5.38 6.99 29.92
N GLY A 461 -6.36 6.09 30.12
CA GLY A 461 -7.18 6.07 31.32
C GLY A 461 -7.99 7.34 31.57
N GLY A 462 -8.43 7.99 30.50
CA GLY A 462 -9.22 9.19 30.58
C GLY A 462 -8.44 10.42 31.06
N ILE A 463 -7.11 10.37 31.26
CA ILE A 463 -6.43 11.56 31.76
C ILE A 463 -6.36 12.68 30.74
N LEU A 464 -6.50 12.41 29.44
CA LEU A 464 -6.58 13.52 28.52
C LEU A 464 -7.99 13.51 27.99
N ASN A 465 -8.95 13.26 28.86
CA ASN A 465 -10.38 13.22 28.63
C ASN A 465 -10.85 12.26 27.54
N GLY A 466 -10.20 11.10 27.39
CA GLY A 466 -10.59 10.09 26.43
C GLY A 466 -11.80 9.33 26.96
N ASN A 467 -12.28 8.35 26.22
CA ASN A 467 -13.52 7.69 26.54
C ASN A 467 -13.34 6.26 26.04
N THR A 468 -14.27 5.37 26.37
CA THR A 468 -14.23 3.99 25.89
C THR A 468 -14.79 3.98 24.46
N LEU A 469 -14.30 3.08 23.62
CA LEU A 469 -14.78 2.98 22.27
C LEU A 469 -15.53 1.68 22.14
N THR A 470 -16.79 1.70 21.72
CA THR A 470 -17.54 0.46 21.53
C THR A 470 -17.55 0.14 20.05
N VAL A 471 -17.02 -1.02 19.68
CA VAL A 471 -16.87 -1.41 18.29
C VAL A 471 -17.72 -2.65 18.13
N GLY A 472 -18.53 -2.59 17.10
CA GLY A 472 -19.43 -3.67 16.80
C GLY A 472 -18.87 -4.49 15.67
N ALA A 473 -19.81 -5.07 14.94
CA ALA A 473 -19.50 -5.90 13.80
C ALA A 473 -19.02 -4.99 12.68
N GLY A 474 -17.98 -5.51 12.03
CA GLY A 474 -17.37 -4.83 10.91
C GLY A 474 -16.48 -3.65 11.28
N GLY A 475 -16.05 -3.56 12.56
CA GLY A 475 -15.19 -2.49 13.00
C GLY A 475 -15.88 -1.14 13.11
N ALA A 476 -17.20 -1.07 12.99
CA ALA A 476 -17.90 0.20 13.09
C ALA A 476 -18.00 0.59 14.55
N ALA A 477 -17.58 1.77 14.95
CA ALA A 477 -17.70 2.18 16.34
C ALA A 477 -19.06 2.79 16.65
N SER A 478 -19.70 2.65 17.84
CA SER A 478 -20.90 3.44 18.06
C SER A 478 -20.46 4.89 18.23
N ASN A 479 -21.30 5.81 17.77
CA ASN A 479 -21.02 7.23 17.83
C ASN A 479 -20.69 7.80 19.20
N PHE A 480 -19.87 8.86 19.27
CA PHE A 480 -19.51 9.42 20.56
C PHE A 480 -19.12 10.85 20.33
N THR A 481 -19.04 11.58 21.44
CA THR A 481 -18.61 12.96 21.42
C THR A 481 -17.17 12.98 21.95
N LEU A 482 -16.18 13.46 21.20
CA LEU A 482 -14.83 13.59 21.70
C LEU A 482 -14.73 14.94 22.42
N ALA A 483 -14.36 14.93 23.70
CA ALA A 483 -14.23 16.12 24.52
C ALA A 483 -13.34 17.22 23.93
N PRO A 484 -13.56 18.51 24.24
CA PRO A 484 -12.61 19.58 23.98
C PRO A 484 -11.23 19.15 24.47
N GLY A 485 -10.18 19.17 23.66
CA GLY A 485 -8.85 18.73 24.08
C GLY A 485 -8.71 17.22 24.24
N GLY A 486 -9.72 16.43 23.90
CA GLY A 486 -9.72 14.99 24.12
C GLY A 486 -8.73 14.26 23.28
N THR A 487 -8.12 13.26 23.91
CA THR A 487 -7.14 12.39 23.28
C THR A 487 -7.36 11.03 23.89
N ALA A 488 -7.52 10.04 23.03
CA ALA A 488 -7.72 8.68 23.44
C ALA A 488 -7.00 7.72 22.52
N VAL A 489 -6.52 6.61 23.05
CA VAL A 489 -5.80 5.60 22.29
C VAL A 489 -6.50 4.25 22.54
N TRP A 490 -6.87 3.44 21.55
CA TRP A 490 -7.54 2.15 21.72
C TRP A 490 -6.70 1.15 20.95
N GLN A 491 -6.61 -0.12 21.32
CA GLN A 491 -5.69 -1.02 20.64
C GLN A 491 -6.12 -2.47 20.77
N TYR A 492 -5.61 -3.32 19.90
CA TYR A 492 -5.89 -4.74 19.99
C TYR A 492 -4.62 -5.45 19.50
N THR A 493 -4.08 -6.45 20.19
CA THR A 493 -2.93 -7.17 19.66
C THR A 493 -3.22 -8.64 19.59
N THR A 494 -2.59 -9.28 18.60
CA THR A 494 -2.66 -10.72 18.38
C THR A 494 -1.38 -11.21 17.74
N ASP A 495 -1.27 -12.54 17.61
CA ASP A 495 -0.14 -13.21 16.99
C ASP A 495 -0.45 -13.28 15.52
N ALA A 496 0.56 -13.04 14.70
CA ALA A 496 0.38 -13.05 13.26
C ALA A 496 0.83 -14.42 12.78
N THR A 497 0.13 -14.88 11.75
CA THR A 497 0.48 -16.13 11.08
C THR A 497 1.24 -15.95 9.74
N THR A 498 1.06 -14.78 9.11
CA THR A 498 1.77 -14.42 7.89
C THR A 498 3.08 -13.77 8.34
N PRO A 499 4.25 -13.99 7.74
CA PRO A 499 5.44 -13.20 8.02
C PRO A 499 5.20 -11.77 7.56
N ILE A 500 5.59 -10.79 8.37
CA ILE A 500 5.49 -9.39 8.00
C ILE A 500 6.78 -8.74 8.48
N ILE A 501 7.51 -8.04 7.63
CA ILE A 501 8.76 -7.37 8.01
C ILE A 501 8.36 -5.95 8.37
N GLY A 502 8.77 -5.45 9.55
CA GLY A 502 8.50 -4.10 9.98
C GLY A 502 9.73 -3.19 9.84
N ASN A 503 10.93 -3.73 9.90
CA ASN A 503 12.14 -2.91 9.82
C ASN A 503 13.33 -3.80 9.58
N VAL A 504 14.41 -3.27 9.00
CA VAL A 504 15.60 -4.02 8.63
C VAL A 504 16.69 -3.02 8.98
N GLY A 505 17.79 -3.46 9.55
CA GLY A 505 18.91 -2.61 9.93
C GLY A 505 20.17 -3.48 9.97
N PRO A 506 21.34 -3.11 9.44
CA PRO A 506 21.56 -1.89 8.67
C PRO A 506 20.98 -1.95 7.26
N MET A 507 20.93 -0.85 6.53
CA MET A 507 20.37 -0.85 5.18
C MET A 507 21.39 -0.84 4.06
N MET A 508 22.67 -0.85 4.40
CA MET A 508 23.71 -0.78 3.40
C MET A 508 24.89 -1.50 4.02
N ALA A 509 25.41 -2.53 3.37
CA ALA A 509 26.56 -3.24 3.88
C ALA A 509 27.10 -4.18 2.83
N LYS A 510 28.32 -4.63 3.00
CA LYS A 510 28.92 -5.54 2.05
C LYS A 510 28.51 -6.99 2.34
N PRO A 511 28.69 -7.95 1.40
CA PRO A 511 28.50 -9.38 1.64
C PRO A 511 29.14 -9.93 2.92
N GLY A 512 28.42 -10.78 3.63
CA GLY A 512 29.01 -11.38 4.82
C GLY A 512 28.61 -10.68 6.11
N VAL A 513 28.03 -9.48 6.06
CA VAL A 513 27.58 -8.78 7.26
C VAL A 513 26.23 -9.37 7.69
N THR A 514 25.98 -9.52 8.99
CA THR A 514 24.68 -9.95 9.48
C THR A 514 23.72 -8.77 9.61
N ILE A 515 22.56 -8.79 9.01
CA ILE A 515 21.61 -7.71 9.21
C ILE A 515 20.50 -8.26 10.08
N THR A 516 19.71 -7.35 10.63
CA THR A 516 18.64 -7.69 11.53
C THR A 516 17.34 -7.35 10.85
N ILE A 517 16.44 -8.32 10.71
CA ILE A 517 15.12 -8.14 10.11
C ILE A 517 14.13 -8.33 11.25
N ASP A 518 13.29 -7.36 11.53
CA ASP A 518 12.33 -7.42 12.62
C ASP A 518 10.89 -7.43 12.13
N GLY A 519 9.96 -8.07 12.79
CA GLY A 519 8.57 -8.03 12.37
C GLY A 519 7.80 -9.02 13.21
N ARG A 520 6.87 -9.73 12.58
CA ARG A 520 6.02 -10.68 13.30
C ARG A 520 5.68 -11.81 12.34
N GLY A 521 5.40 -12.99 12.87
CA GLY A 521 4.92 -14.08 12.04
C GLY A 521 6.02 -14.88 11.37
N PHE A 522 7.31 -14.71 11.74
CA PHE A 522 8.39 -15.46 11.07
C PHE A 522 8.37 -16.92 11.41
N GLY A 523 7.82 -17.23 12.59
CA GLY A 523 7.76 -18.60 13.04
C GLY A 523 9.05 -18.98 13.76
N SER A 524 8.99 -20.14 14.39
CA SER A 524 10.13 -20.63 15.16
C SER A 524 11.16 -21.36 14.32
N GLY A 525 10.72 -22.02 13.25
CA GLY A 525 11.65 -22.78 12.44
C GLY A 525 12.23 -21.90 11.35
N LYS A 526 13.50 -22.12 11.11
CA LYS A 526 14.26 -21.41 10.10
C LYS A 526 13.60 -21.55 8.73
N GLY A 527 13.32 -20.46 8.03
CA GLY A 527 12.72 -20.51 6.70
C GLY A 527 13.70 -19.93 5.69
N THR A 528 13.28 -19.03 4.80
CA THR A 528 14.13 -18.52 3.74
C THR A 528 14.15 -17.00 3.69
N VAL A 529 15.32 -16.39 3.48
CA VAL A 529 15.42 -14.96 3.27
C VAL A 529 15.89 -14.80 1.83
N TYR A 530 15.19 -13.93 1.11
CA TYR A 530 15.39 -13.61 -0.28
C TYR A 530 15.98 -12.24 -0.39
N PHE A 531 17.12 -12.17 -1.08
CA PHE A 531 17.72 -10.88 -1.46
C PHE A 531 17.55 -10.94 -2.96
N GLY A 532 16.55 -10.22 -3.43
CA GLY A 532 16.14 -10.35 -4.81
C GLY A 532 15.60 -11.78 -4.95
N THR A 533 16.11 -12.53 -5.93
CA THR A 533 15.66 -13.90 -6.09
C THR A 533 16.66 -14.87 -5.49
N THR A 534 17.70 -14.36 -4.82
CA THR A 534 18.67 -15.22 -4.20
C THR A 534 18.15 -15.64 -2.82
N ALA A 535 18.14 -16.94 -2.58
CA ALA A 535 17.68 -17.50 -1.34
C ALA A 535 18.83 -17.76 -0.38
N VAL A 536 18.60 -17.45 0.88
CA VAL A 536 19.57 -17.66 1.93
C VAL A 536 18.81 -18.49 2.94
N THR A 537 19.44 -19.60 3.26
CA THR A 537 18.90 -20.58 4.18
C THR A 537 20.04 -21.18 4.98
N GLY A 538 19.68 -22.07 5.89
CA GLY A 538 20.63 -22.89 6.63
C GLY A 538 21.54 -22.08 7.52
N ALA A 539 22.82 -22.37 7.37
CA ALA A 539 23.84 -21.74 8.19
C ALA A 539 24.04 -20.25 8.00
N ASP A 540 23.61 -19.70 6.88
CA ASP A 540 23.75 -18.27 6.65
C ASP A 540 22.73 -17.43 7.43
N ILE A 541 21.65 -18.07 7.91
CA ILE A 541 20.66 -17.41 8.73
C ILE A 541 21.26 -17.67 10.10
N VAL A 542 21.78 -16.61 10.71
CA VAL A 542 22.45 -16.69 12.00
C VAL A 542 21.44 -16.90 13.11
N ALA A 543 20.22 -16.37 13.04
CA ALA A 543 19.27 -16.56 14.12
C ALA A 543 17.88 -16.42 13.54
N TRP A 544 16.90 -17.21 13.97
CA TRP A 544 15.55 -17.09 13.45
C TRP A 544 14.59 -17.22 14.63
N GLU A 545 13.66 -16.28 14.78
CA GLU A 545 12.58 -16.50 15.72
C GLU A 545 11.46 -15.64 15.22
N ASP A 546 10.34 -15.62 15.91
CA ASP A 546 9.15 -15.04 15.32
C ASP A 546 9.18 -13.54 15.10
N THR A 547 9.99 -12.80 15.85
CA THR A 547 9.99 -11.36 15.71
C THR A 547 11.28 -10.87 15.13
N GLN A 548 12.29 -11.72 15.02
CA GLN A 548 13.56 -11.27 14.50
C GLN A 548 14.35 -12.37 13.86
N ILE A 549 14.90 -12.00 12.69
CA ILE A 549 15.81 -12.84 11.93
C ILE A 549 17.17 -12.13 11.80
N GLN A 550 18.27 -12.85 11.94
CA GLN A 550 19.56 -12.27 11.68
C GLN A 550 20.13 -13.17 10.61
N VAL A 551 20.55 -12.57 9.50
CA VAL A 551 21.02 -13.32 8.35
C VAL A 551 22.18 -12.59 7.73
N LYS A 552 23.11 -13.35 7.18
CA LYS A 552 24.26 -12.83 6.46
C LYS A 552 23.86 -12.41 5.08
N ILE A 553 24.37 -11.26 4.64
CA ILE A 553 24.11 -10.79 3.28
C ILE A 553 24.87 -11.73 2.34
N PRO A 554 24.23 -12.34 1.34
CA PRO A 554 24.82 -13.24 0.37
C PRO A 554 25.85 -12.54 -0.51
N ALA A 555 26.72 -13.30 -1.18
CA ALA A 555 27.71 -12.70 -2.08
C ALA A 555 27.08 -12.42 -3.45
N VAL A 556 26.23 -11.42 -3.45
CA VAL A 556 25.55 -10.96 -4.63
C VAL A 556 26.31 -9.73 -5.08
N PRO A 557 26.23 -9.36 -6.37
CA PRO A 557 26.81 -8.13 -6.87
C PRO A 557 26.28 -6.88 -6.19
N GLY A 558 27.11 -5.87 -6.02
CA GLY A 558 26.67 -4.61 -5.46
C GLY A 558 25.46 -4.07 -6.22
N GLY A 559 24.51 -3.50 -5.50
CA GLY A 559 23.32 -2.93 -6.10
C GLY A 559 22.22 -2.82 -5.06
N ILE A 560 20.98 -2.52 -5.47
CA ILE A 560 19.84 -2.34 -4.57
C ILE A 560 18.93 -3.56 -4.69
N TYR A 561 18.57 -4.16 -3.57
CA TYR A 561 17.81 -5.39 -3.54
C TYR A 561 16.57 -5.28 -2.66
N ASP A 562 15.58 -6.07 -3.04
CA ASP A 562 14.39 -6.20 -2.22
C ASP A 562 14.64 -7.36 -1.31
N ILE A 563 14.17 -7.22 -0.09
CA ILE A 563 14.29 -8.30 0.87
C ILE A 563 12.87 -8.85 1.06
N ARG A 564 12.82 -10.16 1.21
CA ARG A 564 11.57 -10.86 1.47
C ARG A 564 11.88 -12.09 2.32
N VAL A 565 10.98 -12.41 3.24
CA VAL A 565 11.09 -13.57 4.12
C VAL A 565 10.05 -14.62 3.77
N ALA A 566 10.32 -15.91 3.81
CA ALA A 566 9.30 -16.92 3.70
C ALA A 566 9.49 -17.76 4.96
N ASN A 567 8.44 -18.05 5.70
CA ASN A 567 8.60 -18.87 6.89
C ASN A 567 8.78 -20.34 6.49
N ALA A 568 8.96 -21.24 7.44
CA ALA A 568 9.20 -22.65 7.17
C ALA A 568 8.12 -23.33 6.33
N ALA A 569 6.91 -22.78 6.32
CA ALA A 569 5.81 -23.36 5.58
C ALA A 569 5.71 -22.74 4.20
N GLY A 570 6.69 -21.94 3.78
CA GLY A 570 6.68 -21.33 2.47
C GLY A 570 5.79 -20.11 2.42
N ALA A 571 5.08 -19.64 3.45
CA ALA A 571 4.31 -18.40 3.33
C ALA A 571 5.28 -17.20 3.32
N ALA A 572 5.18 -16.30 2.32
CA ALA A 572 6.09 -15.17 2.20
C ALA A 572 5.56 -13.82 2.69
N SER A 573 6.50 -12.96 3.12
CA SER A 573 6.21 -11.65 3.69
C SER A 573 6.01 -10.55 2.67
N ASN A 574 5.77 -9.35 3.14
CA ASN A 574 5.84 -8.15 2.31
C ASN A 574 7.31 -7.93 1.93
N ILE A 575 7.51 -7.14 0.91
CA ILE A 575 8.86 -6.88 0.43
C ILE A 575 9.37 -5.64 1.16
N TYR A 576 10.63 -5.66 1.62
CA TYR A 576 11.18 -4.48 2.24
C TYR A 576 12.28 -4.17 1.24
N ASP A 577 12.11 -3.06 0.53
CA ASP A 577 13.00 -2.69 -0.57
C ASP A 577 14.12 -1.75 -0.18
N ASN A 578 14.88 -1.34 -1.19
CA ASN A 578 15.97 -0.36 -1.09
C ASN A 578 17.11 -0.81 -0.20
N PHE A 579 17.41 -2.11 -0.15
CA PHE A 579 18.56 -2.55 0.60
C PHE A 579 19.79 -2.37 -0.27
N GLU A 580 20.86 -1.73 0.18
CA GLU A 580 22.02 -1.58 -0.68
C GLU A 580 23.13 -2.53 -0.32
N VAL A 581 23.46 -3.43 -1.24
CA VAL A 581 24.61 -4.30 -1.05
C VAL A 581 25.78 -3.53 -1.65
N LEU A 582 26.83 -3.36 -0.87
CA LEU A 582 28.02 -2.66 -1.29
C LEU A 582 28.93 -3.65 -2.01
N THR A 583 29.83 -3.14 -2.86
CA THR A 583 30.75 -3.98 -3.58
C THR A 583 31.83 -4.49 -2.63
N GLY A 584 32.04 -3.78 -1.52
CA GLY A 584 33.06 -4.19 -0.57
C GLY A 584 33.25 -3.04 0.37
N ASP A 585 34.37 -3.02 1.07
CA ASP A 585 34.67 -1.92 1.97
C ASP A 585 34.80 -0.65 1.15
N GLN A 586 34.64 0.51 1.75
CA GLN A 586 34.58 1.77 1.04
C GLN A 586 35.76 2.67 1.37
N VAL A 587 36.16 3.56 0.47
CA VAL A 587 37.13 4.60 0.75
C VAL A 587 36.55 5.82 0.03
N THR A 588 36.91 7.03 0.45
CA THR A 588 36.42 8.19 -0.28
C THR A 588 37.54 8.69 -1.19
N VAL A 589 37.20 8.81 -2.48
CA VAL A 589 38.10 9.35 -3.47
C VAL A 589 37.52 10.67 -3.98
N ARG A 590 38.36 11.69 -4.06
CA ARG A 590 38.04 12.99 -4.63
C ARG A 590 38.31 12.90 -6.13
N PHE A 591 37.32 13.14 -6.99
CA PHE A 591 37.50 13.12 -8.44
C PHE A 591 37.51 14.57 -8.84
N VAL A 592 38.54 14.98 -9.59
CA VAL A 592 38.69 16.35 -10.05
C VAL A 592 38.78 16.32 -11.59
N ILE A 593 37.95 17.09 -12.31
CA ILE A 593 37.98 17.13 -13.76
C ILE A 593 38.20 18.56 -14.21
N ASN A 594 39.22 18.79 -14.99
CA ASN A 594 39.48 20.12 -15.51
C ASN A 594 38.91 20.28 -16.91
N ASN A 595 38.68 21.54 -17.29
CA ASN A 595 38.28 21.93 -18.64
C ASN A 595 36.95 21.35 -19.06
N ALA A 596 36.00 21.35 -18.13
CA ALA A 596 34.69 20.80 -18.37
C ALA A 596 33.80 22.04 -18.40
N THR A 597 33.80 22.71 -19.54
CA THR A 597 32.97 23.91 -19.63
C THR A 597 31.52 23.49 -19.86
N THR A 598 30.54 24.23 -19.36
CA THR A 598 29.16 23.84 -19.47
C THR A 598 28.28 25.02 -19.84
N ALA A 599 27.09 24.71 -20.37
CA ALA A 599 26.08 25.73 -20.61
C ALA A 599 25.26 25.96 -19.34
N LEU A 600 24.32 26.89 -19.36
CA LEU A 600 23.43 27.16 -18.25
C LEU A 600 22.62 25.90 -17.98
N GLY A 601 22.58 25.50 -16.71
CA GLY A 601 21.81 24.34 -16.32
C GLY A 601 22.46 23.04 -16.75
N GLN A 602 23.70 23.05 -17.27
CA GLN A 602 24.37 21.82 -17.63
C GLN A 602 25.37 21.54 -16.51
N ASN A 603 25.43 20.32 -16.00
CA ASN A 603 26.34 20.03 -14.90
C ASN A 603 27.14 18.80 -15.22
N VAL A 604 28.28 18.61 -14.54
CA VAL A 604 29.13 17.44 -14.73
C VAL A 604 28.78 16.42 -13.66
N PHE A 605 28.78 15.16 -14.07
CA PHE A 605 28.51 14.02 -13.24
C PHE A 605 29.57 13.00 -13.54
N LEU A 606 29.59 11.94 -12.76
CA LEU A 606 30.53 10.84 -12.86
C LEU A 606 29.74 9.54 -12.88
N THR A 607 30.11 8.53 -13.64
CA THR A 607 29.49 7.22 -13.50
C THR A 607 30.60 6.21 -13.81
N GLY A 608 30.34 4.93 -13.57
CA GLY A 608 31.35 3.94 -13.78
C GLY A 608 30.79 2.55 -13.57
N ASN A 609 31.68 1.59 -13.47
CA ASN A 609 31.28 0.21 -13.54
C ASN A 609 30.98 -0.51 -12.25
N VAL A 610 30.74 0.17 -11.14
CA VAL A 610 30.39 -0.52 -9.90
C VAL A 610 29.09 0.13 -9.46
N SER A 611 28.34 -0.52 -8.59
CA SER A 611 27.06 0.04 -8.18
C SER A 611 27.19 1.39 -7.49
N GLU A 612 28.31 1.56 -6.80
CA GLU A 612 28.66 2.77 -6.10
C GLU A 612 28.74 3.95 -7.03
N LEU A 613 29.01 3.71 -8.32
CA LEU A 613 29.03 4.79 -9.30
C LEU A 613 27.83 4.74 -10.26
N GLY A 614 26.76 3.99 -9.95
CA GLY A 614 25.56 3.97 -10.76
C GLY A 614 25.60 2.95 -11.87
N ASN A 615 26.59 2.06 -11.91
CA ASN A 615 26.69 1.04 -12.97
C ASN A 615 26.45 1.50 -14.42
N TRP A 616 27.17 2.56 -14.85
CA TRP A 616 27.10 3.16 -16.18
C TRP A 616 25.77 3.77 -16.57
N ASP A 617 24.86 3.95 -15.60
CA ASP A 617 23.56 4.49 -15.90
C ASP A 617 23.55 5.97 -15.64
N PRO A 618 23.38 6.80 -16.68
CA PRO A 618 23.33 8.26 -16.61
C PRO A 618 22.31 8.78 -15.61
N ASN A 619 21.16 8.11 -15.48
CA ASN A 619 20.16 8.51 -14.50
C ASN A 619 20.63 8.36 -13.08
N ASN A 620 21.57 7.45 -12.84
CA ASN A 620 22.11 7.23 -11.50
C ASN A 620 23.53 7.73 -11.34
N ALA A 621 23.99 8.62 -12.23
CA ALA A 621 25.35 9.13 -12.16
C ALA A 621 25.54 10.01 -10.93
N ILE A 622 26.77 10.06 -10.44
CA ILE A 622 27.15 10.82 -9.26
C ILE A 622 27.26 12.29 -9.56
N GLY A 623 26.47 13.08 -8.87
CA GLY A 623 26.62 14.50 -8.98
C GLY A 623 25.28 15.19 -8.80
N PRO A 624 25.11 16.46 -9.17
CA PRO A 624 26.11 17.32 -9.83
C PRO A 624 27.38 17.57 -9.02
N MET A 625 28.52 17.57 -9.69
CA MET A 625 29.80 17.84 -9.06
C MET A 625 29.85 19.30 -8.61
N TYR A 626 30.84 19.64 -7.80
CA TYR A 626 30.97 20.97 -7.21
C TYR A 626 31.98 21.76 -8.00
N ASN A 627 32.02 23.09 -7.90
CA ASN A 627 32.95 23.84 -8.75
C ASN A 627 33.20 25.25 -8.28
N GLN A 628 33.12 25.51 -6.96
CA GLN A 628 33.27 26.87 -6.44
C GLN A 628 34.38 27.03 -5.40
N VAL A 629 34.37 26.22 -4.33
CA VAL A 629 35.29 26.38 -3.20
C VAL A 629 36.62 25.66 -3.35
N VAL A 630 36.76 24.33 -3.31
CA VAL A 630 38.08 23.73 -3.37
C VAL A 630 38.73 23.90 -4.76
N TYR A 631 37.94 23.88 -5.82
CA TYR A 631 38.42 24.09 -7.17
C TYR A 631 37.28 24.90 -7.79
N GLN A 632 37.60 25.73 -8.78
CA GLN A 632 36.67 26.61 -9.45
C GLN A 632 36.50 26.23 -10.92
N TYR A 633 35.26 26.40 -11.35
CA TYR A 633 34.86 26.20 -12.73
C TYR A 633 35.88 26.81 -13.73
N PRO A 634 36.27 26.16 -14.82
CA PRO A 634 35.73 24.89 -15.28
C PRO A 634 36.35 23.64 -14.69
N THR A 635 36.95 23.71 -13.51
CA THR A 635 37.34 22.50 -12.83
C THR A 635 36.18 22.19 -11.87
N TRP A 636 35.75 20.93 -11.87
CA TRP A 636 34.67 20.48 -10.99
C TRP A 636 35.26 19.39 -10.10
N TYR A 637 34.74 19.17 -8.89
CA TYR A 637 35.28 18.12 -8.02
C TYR A 637 34.15 17.49 -7.19
N TYR A 638 34.35 16.27 -6.66
CA TYR A 638 33.35 15.62 -5.84
C TYR A 638 33.99 14.47 -5.08
N ASP A 639 33.59 14.28 -3.82
CA ASP A 639 34.14 13.25 -2.94
C ASP A 639 33.17 12.09 -2.98
N VAL A 640 33.60 10.90 -3.37
CA VAL A 640 32.70 9.80 -3.71
C VAL A 640 33.16 8.58 -2.97
N SER A 641 32.21 7.84 -2.39
CA SER A 641 32.52 6.59 -1.72
C SER A 641 32.56 5.50 -2.78
N VAL A 642 33.67 4.78 -2.84
CA VAL A 642 33.86 3.76 -3.87
C VAL A 642 34.55 2.55 -3.25
N PRO A 643 34.45 1.34 -3.82
CA PRO A 643 35.04 0.15 -3.24
C PRO A 643 36.55 0.29 -3.07
N ALA A 644 37.06 -0.21 -1.95
CA ALA A 644 38.46 -0.10 -1.63
C ALA A 644 39.27 -1.19 -2.29
N GLY A 645 40.50 -0.89 -2.68
CA GLY A 645 41.43 -1.87 -3.22
C GLY A 645 41.06 -2.44 -4.57
N GLN A 646 40.36 -1.73 -5.46
CA GLN A 646 40.10 -2.27 -6.76
C GLN A 646 40.15 -1.32 -7.93
N THR A 647 40.24 -1.86 -9.15
CA THR A 647 40.39 -1.01 -10.32
C THR A 647 38.98 -0.78 -10.80
N ILE A 648 38.52 0.45 -10.75
CA ILE A 648 37.21 0.78 -11.27
C ILE A 648 37.41 1.41 -12.66
N GLU A 649 36.37 1.39 -13.48
CA GLU A 649 36.35 2.06 -14.76
C GLU A 649 35.23 3.08 -14.64
N PHE A 650 35.45 4.22 -15.25
CA PHE A 650 34.58 5.36 -15.15
C PHE A 650 34.79 6.32 -16.31
N LYS A 651 33.88 7.28 -16.42
CA LYS A 651 33.81 8.33 -17.41
C LYS A 651 33.00 9.44 -16.80
N PHE A 652 33.27 10.68 -17.20
CA PHE A 652 32.49 11.82 -16.78
C PHE A 652 31.48 12.08 -17.87
N LEU A 653 30.45 12.84 -17.55
CA LEU A 653 29.44 13.20 -18.51
C LEU A 653 28.87 14.54 -18.08
N LYS A 654 28.28 15.26 -19.02
CA LYS A 654 27.59 16.49 -18.75
C LYS A 654 26.11 16.16 -18.91
N LYS A 655 25.20 16.67 -18.09
CA LYS A 655 23.79 16.42 -18.29
C LYS A 655 23.12 17.76 -18.20
N GLN A 656 22.14 17.97 -19.07
CA GLN A 656 21.31 19.16 -19.08
C GLN A 656 19.94 18.61 -19.48
N GLY A 657 18.93 18.71 -18.62
CA GLY A 657 17.59 18.18 -18.92
C GLY A 657 17.68 16.69 -19.25
N SER A 658 17.28 16.25 -20.44
CA SER A 658 17.39 14.84 -20.80
C SER A 658 18.65 14.55 -21.62
N THR A 659 19.55 15.51 -21.83
CA THR A 659 20.66 15.29 -22.74
C THR A 659 21.88 14.96 -21.92
N VAL A 660 22.53 13.87 -22.31
CA VAL A 660 23.73 13.38 -21.67
C VAL A 660 24.80 13.52 -22.69
N THR A 661 25.89 14.21 -22.39
CA THR A 661 27.06 14.29 -23.25
C THR A 661 28.19 13.53 -22.54
N TRP A 662 28.65 12.38 -23.06
CA TRP A 662 29.74 11.62 -22.47
C TRP A 662 31.11 12.14 -22.88
N GLU A 663 32.12 11.93 -22.04
CA GLU A 663 33.49 12.19 -22.47
C GLU A 663 33.78 11.21 -23.59
N GLY A 664 34.58 11.61 -24.56
CA GLY A 664 34.99 10.68 -25.58
C GLY A 664 36.24 9.91 -25.13
N GLY A 665 36.85 9.16 -26.03
CA GLY A 665 38.03 8.41 -25.68
C GLY A 665 37.68 7.11 -24.95
N ALA A 666 38.75 6.46 -24.49
CA ALA A 666 38.65 5.22 -23.74
C ALA A 666 38.11 5.54 -22.35
N ASN A 667 37.51 4.51 -21.76
CA ASN A 667 37.05 4.60 -20.40
C ASN A 667 38.25 4.82 -19.51
N ARG A 668 38.10 5.59 -18.44
CA ARG A 668 39.16 5.82 -17.49
C ARG A 668 39.25 4.67 -16.49
N THR A 669 40.42 4.35 -15.96
CA THR A 669 40.57 3.31 -14.95
C THR A 669 41.24 3.93 -13.72
N PHE A 670 41.05 3.44 -12.52
CA PHE A 670 41.77 3.93 -11.35
C PHE A 670 41.76 2.79 -10.33
N THR A 671 42.89 2.50 -9.69
CA THR A 671 42.92 1.49 -8.64
C THR A 671 42.80 2.18 -7.28
N THR A 672 41.70 1.93 -6.58
CA THR A 672 41.43 2.62 -5.34
C THR A 672 42.32 2.16 -4.20
N PRO A 673 42.65 3.00 -3.20
CA PRO A 673 43.39 2.61 -2.01
C PRO A 673 42.65 1.62 -1.12
N THR A 674 43.31 0.90 -0.21
CA THR A 674 42.63 -0.02 0.70
C THR A 674 42.05 0.72 1.90
N SER A 675 42.61 1.87 2.25
CA SER A 675 42.09 2.71 3.31
C SER A 675 42.60 4.12 3.02
N GLY A 676 42.11 5.12 3.73
CA GLY A 676 42.54 6.48 3.48
C GLY A 676 41.81 7.02 2.27
N THR A 677 42.31 8.10 1.74
CA THR A 677 41.62 8.74 0.65
C THR A 677 42.55 8.77 -0.55
N ALA A 678 42.09 9.30 -1.67
CA ALA A 678 42.96 9.52 -2.82
C ALA A 678 42.27 10.57 -3.68
N THR A 679 43.03 11.22 -4.56
CA THR A 679 42.48 12.19 -5.50
C THR A 679 42.82 11.77 -6.92
N VAL A 680 41.85 11.84 -7.81
CA VAL A 680 41.96 11.52 -9.23
C VAL A 680 41.91 12.90 -9.88
N ASN A 681 42.91 13.35 -10.64
CA ASN A 681 42.82 14.66 -11.24
C ASN A 681 43.00 14.47 -12.74
N VAL A 682 42.01 14.80 -13.58
CA VAL A 682 41.99 14.48 -14.99
C VAL A 682 41.50 15.69 -15.77
N ASN A 683 41.50 15.59 -17.09
CA ASN A 683 41.09 16.69 -17.98
C ASN A 683 40.01 16.18 -18.89
N TRP A 684 38.93 16.93 -19.18
CA TRP A 684 37.84 16.45 -20.02
C TRP A 684 38.33 15.93 -21.39
N GLN A 685 37.93 14.72 -21.84
CA GLN A 685 38.31 14.11 -23.12
C GLN A 685 37.08 14.36 -23.97
N PRO A 686 37.14 15.16 -25.03
CA PRO A 686 36.03 15.38 -25.92
C PRO A 686 35.70 14.17 -26.80
N ALA B 1 -1.18 -5.51 -29.01
CA ALA B 1 -2.24 -4.54 -29.09
C ALA B 1 -2.15 -3.85 -27.74
N PRO B 2 -2.57 -2.60 -27.60
CA PRO B 2 -2.56 -1.93 -26.33
C PRO B 2 -3.68 -2.40 -25.38
N ASP B 3 -3.54 -2.11 -24.08
CA ASP B 3 -4.54 -2.43 -23.08
C ASP B 3 -5.93 -1.95 -23.44
N THR B 4 -6.07 -0.78 -24.08
CA THR B 4 -7.35 -0.16 -24.40
C THR B 4 -8.03 -0.69 -25.65
N SER B 5 -7.41 -1.63 -26.34
CA SER B 5 -7.94 -2.19 -27.56
C SER B 5 -9.26 -2.96 -27.39
N VAL B 6 -10.16 -2.93 -28.39
CA VAL B 6 -11.37 -3.76 -28.35
C VAL B 6 -10.96 -5.22 -28.37
N SER B 7 -9.75 -5.62 -28.79
CA SER B 7 -9.42 -7.03 -28.77
C SER B 7 -9.08 -7.56 -27.38
N ASN B 8 -8.93 -6.74 -26.35
CA ASN B 8 -8.59 -7.22 -25.03
C ASN B 8 -9.86 -7.73 -24.35
N LYS B 9 -10.12 -9.01 -24.56
CA LYS B 9 -11.28 -9.67 -23.98
C LYS B 9 -11.08 -10.04 -22.53
N GLN B 10 -9.85 -9.98 -21.98
CA GLN B 10 -9.60 -10.44 -20.64
C GLN B 10 -9.87 -9.41 -19.58
N ASN B 11 -9.57 -8.12 -19.82
CA ASN B 11 -9.71 -7.11 -18.80
C ASN B 11 -10.55 -5.97 -19.31
N PHE B 12 -11.44 -5.48 -18.46
CA PHE B 12 -12.35 -4.44 -18.84
C PHE B 12 -12.22 -3.21 -18.00
N SER B 13 -11.13 -2.92 -17.27
CA SER B 13 -11.16 -1.73 -16.41
C SER B 13 -11.06 -0.45 -17.23
N THR B 14 -10.62 -0.48 -18.50
CA THR B 14 -10.63 0.74 -19.31
C THR B 14 -11.98 0.98 -20.02
N ASP B 15 -12.95 0.06 -19.85
CA ASP B 15 -14.25 0.14 -20.48
C ASP B 15 -15.36 0.69 -19.61
N VAL B 16 -16.44 1.08 -20.26
CA VAL B 16 -17.67 1.48 -19.62
C VAL B 16 -18.71 0.59 -20.32
N ILE B 17 -19.40 -0.26 -19.57
CA ILE B 17 -20.37 -1.20 -20.08
C ILE B 17 -21.73 -0.54 -20.05
N TYR B 18 -22.54 -0.85 -21.05
CA TYR B 18 -23.90 -0.39 -21.12
C TYR B 18 -24.77 -1.66 -21.17
N GLN B 19 -25.59 -1.82 -20.14
CA GLN B 19 -26.39 -3.00 -19.92
C GLN B 19 -27.74 -2.83 -20.59
N ILE B 20 -28.03 -3.74 -21.51
CA ILE B 20 -29.21 -3.68 -22.34
C ILE B 20 -30.10 -4.89 -22.08
N PHE B 21 -31.39 -4.64 -21.85
CA PHE B 21 -32.39 -5.69 -21.88
C PHE B 21 -32.78 -5.66 -23.34
N THR B 22 -32.30 -6.61 -24.11
CA THR B 22 -32.45 -6.58 -25.57
C THR B 22 -33.88 -6.28 -26.03
N ASP B 23 -34.90 -6.83 -25.35
CA ASP B 23 -36.27 -6.64 -25.79
C ASP B 23 -36.83 -5.24 -25.55
N ARG B 24 -36.15 -4.48 -24.69
CA ARG B 24 -36.65 -3.21 -24.23
C ARG B 24 -35.87 -2.04 -24.76
N PHE B 25 -34.98 -2.28 -25.73
CA PHE B 25 -34.17 -1.21 -26.26
C PHE B 25 -34.65 -0.81 -27.66
N SER B 26 -34.42 -1.58 -28.72
CA SER B 26 -34.85 -1.19 -30.03
C SER B 26 -35.30 -2.34 -30.92
N ASP B 27 -36.53 -2.21 -31.39
CA ASP B 27 -37.04 -3.17 -32.35
C ASP B 27 -36.52 -2.83 -33.75
N GLY B 28 -35.39 -3.38 -34.20
CA GLY B 28 -34.86 -3.14 -35.53
C GLY B 28 -35.40 -4.04 -36.63
N ASN B 29 -36.13 -5.10 -36.26
CA ASN B 29 -36.71 -6.03 -37.21
C ASN B 29 -38.07 -6.47 -36.66
N PRO B 30 -39.19 -5.92 -37.12
CA PRO B 30 -40.52 -6.32 -36.67
C PRO B 30 -40.94 -7.71 -37.12
N ALA B 31 -40.32 -8.27 -38.16
CA ALA B 31 -40.66 -9.60 -38.67
C ALA B 31 -40.34 -10.75 -37.72
N ASN B 32 -39.41 -10.55 -36.77
CA ASN B 32 -39.08 -11.58 -35.80
C ASN B 32 -39.83 -11.42 -34.48
N ASN B 33 -40.78 -10.49 -34.42
CA ASN B 33 -41.50 -10.24 -33.19
C ASN B 33 -42.42 -11.42 -32.94
N PRO B 34 -42.49 -11.86 -31.67
CA PRO B 34 -43.46 -12.85 -31.22
C PRO B 34 -44.86 -12.36 -31.57
N THR B 35 -45.79 -13.28 -31.71
CA THR B 35 -47.14 -12.91 -32.06
C THR B 35 -48.12 -13.20 -30.97
N GLY B 36 -49.27 -12.60 -31.18
CA GLY B 36 -50.45 -12.87 -30.37
C GLY B 36 -50.26 -12.49 -28.93
N ALA B 37 -50.63 -13.46 -28.10
CA ALA B 37 -50.61 -13.30 -26.66
C ALA B 37 -49.27 -13.02 -25.99
N ALA B 38 -48.20 -13.38 -26.68
CA ALA B 38 -46.85 -13.22 -26.21
C ALA B 38 -46.28 -11.84 -26.49
N PHE B 39 -47.00 -10.98 -27.18
CA PHE B 39 -46.41 -9.76 -27.64
C PHE B 39 -47.29 -8.55 -27.36
N ASP B 40 -46.63 -7.48 -26.93
CA ASP B 40 -47.27 -6.21 -26.76
C ASP B 40 -46.33 -5.15 -27.31
N GLY B 41 -46.71 -4.76 -28.53
CA GLY B 41 -46.01 -3.77 -29.31
C GLY B 41 -45.93 -2.44 -28.62
N SER B 42 -46.93 -2.06 -27.80
CA SER B 42 -46.84 -0.80 -27.09
C SER B 42 -45.94 -0.86 -25.85
N CYS B 43 -45.55 -2.04 -25.40
CA CYS B 43 -44.77 -2.27 -24.19
C CYS B 43 -45.38 -1.59 -22.98
N THR B 44 -46.71 -1.69 -22.92
CA THR B 44 -47.45 -1.23 -21.76
C THR B 44 -47.45 -2.36 -20.74
N ASN B 45 -47.43 -3.62 -21.19
CA ASN B 45 -47.44 -4.77 -20.31
C ASN B 45 -46.00 -5.20 -20.35
N LEU B 46 -45.32 -4.89 -19.25
CA LEU B 46 -43.91 -5.13 -19.13
C LEU B 46 -43.50 -6.57 -18.90
N ARG B 47 -44.42 -7.52 -18.97
CA ARG B 47 -44.07 -8.93 -18.85
C ARG B 47 -44.17 -9.70 -20.15
N LEU B 48 -44.53 -8.98 -21.23
CA LEU B 48 -44.66 -9.59 -22.53
C LEU B 48 -43.50 -9.13 -23.38
N TYR B 49 -43.37 -9.70 -24.57
CA TYR B 49 -42.36 -9.23 -25.49
C TYR B 49 -42.79 -7.88 -26.09
N CYS B 50 -41.87 -6.93 -26.15
CA CYS B 50 -42.09 -5.64 -26.77
C CYS B 50 -41.45 -5.55 -28.16
N GLY B 51 -40.53 -6.45 -28.58
CA GLY B 51 -40.01 -6.44 -29.96
C GLY B 51 -38.51 -6.16 -30.19
N GLY B 52 -37.82 -5.65 -29.16
CA GLY B 52 -36.43 -5.25 -29.25
C GLY B 52 -35.54 -6.41 -29.58
N ASP B 53 -34.52 -6.16 -30.41
CA ASP B 53 -33.74 -7.27 -30.92
C ASP B 53 -32.32 -6.83 -31.22
N TRP B 54 -31.54 -7.76 -31.79
CA TRP B 54 -30.15 -7.51 -32.08
C TRP B 54 -29.98 -6.52 -33.23
N GLN B 55 -30.82 -6.56 -34.26
CA GLN B 55 -30.80 -5.56 -35.31
C GLN B 55 -31.04 -4.17 -34.74
N GLY B 56 -31.87 -3.98 -33.72
CA GLY B 56 -32.09 -2.66 -33.13
C GLY B 56 -30.83 -2.17 -32.43
N ILE B 57 -30.04 -3.09 -31.87
CA ILE B 57 -28.81 -2.71 -31.21
C ILE B 57 -27.80 -2.36 -32.28
N ILE B 58 -27.74 -3.12 -33.38
CA ILE B 58 -26.88 -2.76 -34.51
C ILE B 58 -27.26 -1.35 -35.03
N ASN B 59 -28.54 -1.00 -35.16
CA ASN B 59 -28.94 0.32 -35.60
C ASN B 59 -28.53 1.41 -34.62
N LYS B 60 -28.52 1.16 -33.30
CA LYS B 60 -28.10 2.18 -32.37
C LYS B 60 -26.58 2.31 -32.23
N ILE B 61 -25.80 1.34 -32.71
CA ILE B 61 -24.33 1.47 -32.80
C ILE B 61 -24.03 2.32 -34.07
N ASN B 62 -24.71 1.99 -35.18
CA ASN B 62 -24.50 2.65 -36.46
C ASN B 62 -25.01 4.06 -36.54
N ASP B 63 -26.09 4.44 -35.88
CA ASP B 63 -26.57 5.80 -35.99
C ASP B 63 -25.93 6.79 -35.01
N GLY B 64 -25.01 6.27 -34.21
CA GLY B 64 -24.20 7.06 -33.29
C GLY B 64 -24.73 7.20 -31.88
N TYR B 65 -25.86 6.62 -31.53
CA TYR B 65 -26.38 6.76 -30.18
C TYR B 65 -25.41 6.21 -29.13
N LEU B 66 -25.04 4.93 -29.29
CA LEU B 66 -24.17 4.29 -28.33
C LEU B 66 -22.72 4.76 -28.43
N THR B 67 -22.15 4.91 -29.66
CA THR B 67 -20.77 5.34 -29.74
C THR B 67 -20.59 6.79 -29.27
N GLY B 68 -21.61 7.63 -29.50
CA GLY B 68 -21.60 9.02 -29.08
C GLY B 68 -21.57 9.22 -27.57
N MET B 69 -22.03 8.21 -26.84
CA MET B 69 -22.07 8.26 -25.41
C MET B 69 -20.73 7.85 -24.84
N GLY B 70 -19.85 7.22 -25.63
CA GLY B 70 -18.54 6.82 -25.14
C GLY B 70 -18.51 5.44 -24.52
N ILE B 71 -19.62 4.71 -24.67
CA ILE B 71 -19.77 3.34 -24.21
C ILE B 71 -18.76 2.48 -24.92
N THR B 72 -18.03 1.55 -24.30
CA THR B 72 -17.12 0.69 -25.07
C THR B 72 -17.45 -0.81 -24.91
N ALA B 73 -18.57 -1.15 -24.25
CA ALA B 73 -18.96 -2.54 -24.13
C ALA B 73 -20.43 -2.55 -23.91
N ILE B 74 -21.13 -3.53 -24.46
CA ILE B 74 -22.57 -3.69 -24.25
C ILE B 74 -22.75 -5.03 -23.55
N TRP B 75 -23.73 -5.17 -22.66
CA TRP B 75 -23.97 -6.42 -21.96
C TRP B 75 -25.42 -6.65 -22.29
N ILE B 76 -25.70 -7.74 -22.96
CA ILE B 76 -27.04 -8.03 -23.42
C ILE B 76 -27.64 -9.30 -22.81
N SER B 77 -28.98 -9.37 -22.88
CA SER B 77 -29.76 -10.53 -22.47
C SER B 77 -29.22 -11.84 -23.04
N GLN B 78 -29.45 -12.93 -22.32
CA GLN B 78 -28.97 -14.25 -22.67
C GLN B 78 -29.40 -14.54 -24.12
N PRO B 79 -28.50 -14.94 -25.04
CA PRO B 79 -28.82 -15.08 -26.47
C PRO B 79 -29.49 -16.39 -26.91
N VAL B 80 -29.51 -17.38 -26.00
CA VAL B 80 -29.94 -18.75 -26.31
C VAL B 80 -31.47 -18.89 -26.41
N GLU B 81 -31.92 -19.91 -27.12
CA GLU B 81 -33.34 -20.13 -27.33
C GLU B 81 -34.04 -20.33 -26.01
N ASN B 82 -35.11 -19.58 -25.82
CA ASN B 82 -35.91 -19.63 -24.62
C ASN B 82 -37.22 -20.37 -24.90
N ILE B 83 -37.98 -20.78 -23.87
CA ILE B 83 -39.26 -21.42 -24.07
C ILE B 83 -40.18 -20.41 -24.75
N TYR B 84 -41.16 -20.94 -25.47
CA TYR B 84 -42.16 -20.18 -26.20
C TYR B 84 -43.47 -19.94 -25.47
N SER B 85 -43.69 -20.66 -24.37
CA SER B 85 -44.89 -20.57 -23.56
C SER B 85 -45.25 -19.19 -23.03
N VAL B 86 -46.53 -18.83 -22.96
CA VAL B 86 -46.96 -17.63 -22.26
C VAL B 86 -47.49 -18.29 -21.00
N ILE B 87 -46.93 -17.94 -19.86
CA ILE B 87 -47.29 -18.54 -18.60
C ILE B 87 -48.19 -17.55 -17.91
N ASN B 88 -49.21 -18.06 -17.25
CA ASN B 88 -50.13 -17.22 -16.57
C ASN B 88 -49.87 -17.37 -15.09
N TYR B 89 -49.32 -16.36 -14.44
CA TYR B 89 -49.12 -16.41 -13.01
C TYR B 89 -50.21 -15.55 -12.42
N SER B 90 -51.20 -16.27 -11.90
CA SER B 90 -52.35 -15.71 -11.21
C SER B 90 -53.11 -14.64 -11.99
N GLY B 91 -53.40 -14.91 -13.26
CA GLY B 91 -54.05 -13.95 -14.12
C GLY B 91 -53.05 -13.22 -15.02
N VAL B 92 -51.84 -12.92 -14.55
CA VAL B 92 -50.88 -12.16 -15.33
C VAL B 92 -50.13 -13.08 -16.29
N ASN B 93 -50.13 -12.75 -17.56
CA ASN B 93 -49.37 -13.50 -18.55
C ASN B 93 -47.92 -13.10 -18.55
N ASN B 94 -47.05 -14.04 -18.85
CA ASN B 94 -45.65 -13.80 -18.70
C ASN B 94 -44.94 -14.53 -19.79
N THR B 95 -43.88 -13.96 -20.35
CA THR B 95 -43.09 -14.64 -21.38
C THR B 95 -41.60 -14.56 -21.04
N ALA B 96 -40.73 -15.27 -21.78
CA ALA B 96 -39.29 -15.27 -21.65
C ALA B 96 -38.60 -14.06 -22.28
N TYR B 97 -39.18 -12.85 -22.30
CA TYR B 97 -38.58 -11.70 -22.92
C TYR B 97 -37.17 -11.32 -22.45
N HIS B 98 -36.91 -11.66 -21.18
CA HIS B 98 -35.70 -11.37 -20.42
C HIS B 98 -34.56 -12.32 -20.71
N GLY B 99 -34.84 -13.42 -21.44
CA GLY B 99 -33.84 -14.39 -21.85
C GLY B 99 -33.49 -15.37 -20.74
N TYR B 100 -34.18 -15.44 -19.59
CA TYR B 100 -33.71 -16.29 -18.48
C TYR B 100 -34.28 -17.70 -18.45
N TRP B 101 -35.17 -18.06 -19.38
CA TRP B 101 -35.84 -19.36 -19.34
C TRP B 101 -35.32 -20.16 -20.52
N ALA B 102 -34.06 -20.61 -20.50
CA ALA B 102 -33.50 -21.35 -21.61
C ALA B 102 -34.15 -22.71 -21.92
N ARG B 103 -34.26 -23.12 -23.19
CA ARG B 103 -34.64 -24.48 -23.53
C ARG B 103 -33.54 -25.07 -24.39
N ASP B 104 -32.68 -24.26 -25.07
CA ASP B 104 -31.55 -24.84 -25.82
C ASP B 104 -30.41 -23.84 -25.80
N PHE B 105 -29.30 -24.19 -25.17
CA PHE B 105 -28.20 -23.25 -25.03
C PHE B 105 -27.36 -23.19 -26.28
N LYS B 106 -27.73 -23.92 -27.32
CA LYS B 106 -26.94 -23.95 -28.54
C LYS B 106 -27.60 -23.25 -29.70
N LYS B 107 -28.76 -22.63 -29.51
CA LYS B 107 -29.47 -21.96 -30.58
C LYS B 107 -29.73 -20.54 -30.10
N THR B 108 -30.15 -19.61 -30.96
CA THR B 108 -30.45 -18.26 -30.54
C THR B 108 -31.92 -18.19 -30.21
N ASN B 109 -32.32 -17.19 -29.45
CA ASN B 109 -33.71 -16.88 -29.21
C ASN B 109 -34.17 -16.18 -30.50
N PRO B 110 -35.10 -16.72 -31.32
CA PRO B 110 -35.57 -16.12 -32.56
C PRO B 110 -36.13 -14.71 -32.44
N ALA B 111 -36.69 -14.28 -31.32
CA ALA B 111 -37.21 -12.93 -31.18
C ALA B 111 -36.09 -11.89 -31.20
N TYR B 112 -34.92 -12.32 -30.79
CA TYR B 112 -33.75 -11.45 -30.79
C TYR B 112 -33.05 -11.53 -32.15
N GLY B 113 -32.91 -12.72 -32.71
CA GLY B 113 -32.31 -12.84 -34.02
C GLY B 113 -31.86 -14.23 -34.32
N THR B 114 -31.32 -14.35 -35.52
CA THR B 114 -30.77 -15.57 -36.04
C THR B 114 -29.30 -15.61 -35.62
N MET B 115 -28.62 -16.72 -35.92
CA MET B 115 -27.17 -16.80 -35.71
C MET B 115 -26.45 -15.73 -36.51
N GLN B 116 -26.97 -15.49 -37.72
CA GLN B 116 -26.50 -14.43 -38.60
C GLN B 116 -26.67 -13.05 -37.96
N ASP B 117 -27.81 -12.74 -37.32
CA ASP B 117 -27.94 -11.46 -36.66
C ASP B 117 -26.96 -11.32 -35.51
N PHE B 118 -26.72 -12.40 -34.76
CA PHE B 118 -25.78 -12.40 -33.68
C PHE B 118 -24.38 -12.15 -34.22
N LYS B 119 -23.92 -12.87 -35.26
CA LYS B 119 -22.61 -12.62 -35.84
C LYS B 119 -22.52 -11.18 -36.34
N ASN B 120 -23.56 -10.62 -37.00
CA ASN B 120 -23.55 -9.23 -37.45
C ASN B 120 -23.46 -8.29 -36.27
N LEU B 121 -24.12 -8.57 -35.15
CA LEU B 121 -24.01 -7.73 -33.96
C LEU B 121 -22.56 -7.76 -33.49
N ILE B 122 -21.90 -8.93 -33.43
CA ILE B 122 -20.53 -9.03 -32.96
C ILE B 122 -19.64 -8.19 -33.88
N ASP B 123 -19.79 -8.34 -35.20
CA ASP B 123 -18.93 -7.63 -36.11
C ASP B 123 -19.20 -6.14 -36.09
N THR B 124 -20.46 -5.68 -36.05
CA THR B 124 -20.72 -4.25 -35.94
C THR B 124 -20.18 -3.65 -34.63
N ALA B 125 -20.32 -4.33 -33.50
CA ALA B 125 -19.79 -3.85 -32.24
C ALA B 125 -18.27 -3.72 -32.32
N HIS B 126 -17.60 -4.75 -32.80
CA HIS B 126 -16.15 -4.74 -32.88
C HIS B 126 -15.60 -3.69 -33.80
N ALA B 127 -16.21 -3.55 -34.99
CA ALA B 127 -15.87 -2.50 -35.95
C ALA B 127 -15.96 -1.12 -35.34
N HIS B 128 -16.81 -0.95 -34.32
CA HIS B 128 -16.95 0.33 -33.67
C HIS B 128 -16.31 0.33 -32.30
N ASN B 129 -15.34 -0.54 -32.10
CA ASN B 129 -14.63 -0.70 -30.84
C ASN B 129 -15.42 -0.90 -29.56
N ILE B 130 -16.51 -1.66 -29.69
CA ILE B 130 -17.37 -2.03 -28.58
C ILE B 130 -17.23 -3.54 -28.37
N LYS B 131 -16.96 -3.93 -27.11
CA LYS B 131 -16.92 -5.33 -26.71
C LYS B 131 -18.34 -5.81 -26.39
N VAL B 132 -18.60 -7.10 -26.46
CA VAL B 132 -19.95 -7.65 -26.28
C VAL B 132 -19.92 -8.67 -25.13
N ILE B 133 -20.77 -8.48 -24.12
CA ILE B 133 -20.85 -9.38 -22.99
C ILE B 133 -22.24 -10.00 -23.10
N ILE B 134 -22.35 -11.31 -22.91
CA ILE B 134 -23.65 -12.00 -22.88
C ILE B 134 -23.97 -12.57 -21.49
N ASP B 135 -25.25 -12.55 -21.09
CA ASP B 135 -25.66 -13.33 -19.93
C ASP B 135 -25.54 -14.81 -20.24
N PHE B 136 -25.25 -15.62 -19.26
CA PHE B 136 -25.32 -17.07 -19.43
C PHE B 136 -25.94 -17.51 -18.11
N ALA B 137 -27.02 -18.31 -18.14
CA ALA B 137 -27.75 -18.73 -16.96
C ALA B 137 -27.81 -20.24 -16.83
N PRO B 138 -26.69 -20.92 -16.48
CA PRO B 138 -26.60 -22.36 -16.45
C PRO B 138 -27.16 -22.97 -15.15
N ASN B 139 -27.92 -22.23 -14.34
CA ASN B 139 -28.44 -22.78 -13.11
C ASN B 139 -29.71 -23.57 -13.42
N HIS B 140 -30.42 -23.20 -14.47
CA HIS B 140 -31.75 -23.74 -14.69
C HIS B 140 -32.14 -23.66 -16.17
N THR B 141 -33.29 -24.25 -16.52
CA THR B 141 -33.88 -24.02 -17.83
C THR B 141 -35.07 -23.07 -17.66
N SER B 142 -36.27 -23.57 -17.30
CA SER B 142 -37.47 -22.76 -17.28
C SER B 142 -38.46 -23.16 -16.19
N PRO B 143 -39.55 -22.39 -15.92
CA PRO B 143 -40.65 -22.82 -15.07
C PRO B 143 -41.14 -24.23 -15.40
N ALA B 144 -41.19 -25.10 -14.40
CA ALA B 144 -41.58 -26.49 -14.61
C ALA B 144 -42.31 -27.01 -13.40
N SER B 145 -43.22 -27.97 -13.62
CA SER B 145 -43.89 -28.64 -12.56
C SER B 145 -43.79 -30.12 -12.92
N SER B 146 -43.12 -30.97 -12.13
CA SER B 146 -43.08 -32.40 -12.45
C SER B 146 -44.47 -33.04 -12.30
N ASP B 147 -45.31 -32.51 -11.41
CA ASP B 147 -46.67 -33.03 -11.25
C ASP B 147 -47.58 -32.74 -12.40
N ASP B 148 -47.38 -31.59 -13.02
CA ASP B 148 -48.20 -31.19 -14.14
C ASP B 148 -47.28 -30.99 -15.32
N PRO B 149 -47.07 -32.00 -16.17
CA PRO B 149 -46.19 -31.88 -17.33
C PRO B 149 -46.76 -30.97 -18.40
N SER B 150 -47.99 -30.48 -18.26
CA SER B 150 -48.51 -29.59 -19.28
C SER B 150 -48.21 -28.14 -18.99
N PHE B 151 -47.67 -27.85 -17.80
CA PHE B 151 -47.38 -26.47 -17.46
C PHE B 151 -46.11 -25.99 -18.21
N ALA B 152 -46.14 -24.79 -18.80
CA ALA B 152 -45.02 -24.19 -19.53
C ALA B 152 -44.43 -25.23 -20.49
N GLU B 153 -43.13 -25.46 -20.68
CA GLU B 153 -42.63 -26.57 -21.52
C GLU B 153 -41.95 -27.61 -20.63
N ASN B 154 -42.46 -27.73 -19.39
CA ASN B 154 -41.95 -28.69 -18.42
C ASN B 154 -40.43 -28.68 -18.30
N GLY B 155 -39.85 -27.46 -18.34
CA GLY B 155 -38.43 -27.19 -18.22
C GLY B 155 -37.55 -27.97 -19.18
N ARG B 156 -38.07 -28.41 -20.34
CA ARG B 156 -37.33 -29.29 -21.23
C ARG B 156 -36.02 -28.72 -21.77
N LEU B 157 -35.01 -29.59 -21.85
CA LEU B 157 -33.72 -29.19 -22.32
C LEU B 157 -33.41 -29.90 -23.65
N TYR B 158 -32.98 -29.15 -24.65
CA TYR B 158 -32.65 -29.67 -25.95
C TYR B 158 -31.20 -29.38 -26.18
N ASP B 159 -30.61 -30.19 -27.03
CA ASP B 159 -29.23 -30.05 -27.41
C ASP B 159 -29.31 -29.86 -28.90
N ASN B 160 -29.19 -28.61 -29.31
CA ASN B 160 -29.29 -28.26 -30.71
C ASN B 160 -30.48 -28.88 -31.44
N GLY B 161 -31.65 -28.94 -30.79
CA GLY B 161 -32.88 -29.47 -31.37
C GLY B 161 -33.25 -30.85 -30.86
N ASN B 162 -32.28 -31.62 -30.37
CA ASN B 162 -32.55 -32.94 -29.82
C ASN B 162 -32.91 -32.89 -28.35
N LEU B 163 -34.08 -33.41 -28.00
CA LEU B 163 -34.54 -33.38 -26.63
C LEU B 163 -33.61 -34.18 -25.77
N LEU B 164 -33.08 -33.54 -24.74
CA LEU B 164 -32.37 -34.29 -23.74
C LEU B 164 -33.38 -34.77 -22.70
N GLY B 165 -34.28 -33.96 -22.16
CA GLY B 165 -35.24 -34.45 -21.18
C GLY B 165 -36.02 -33.29 -20.59
N GLY B 166 -37.04 -33.68 -19.86
CA GLY B 166 -37.93 -32.73 -19.26
C GLY B 166 -37.92 -32.98 -17.75
N TYR B 167 -38.65 -32.16 -16.99
CA TYR B 167 -38.70 -32.24 -15.55
C TYR B 167 -39.56 -33.40 -15.05
N THR B 168 -40.68 -33.72 -15.70
CA THR B 168 -41.50 -34.87 -15.35
C THR B 168 -40.83 -36.09 -15.95
N ASN B 169 -40.76 -37.18 -15.20
CA ASN B 169 -40.21 -38.42 -15.71
C ASN B 169 -38.74 -38.37 -16.12
N ASP B 170 -38.01 -37.62 -15.30
CA ASP B 170 -36.59 -37.41 -15.50
C ASP B 170 -35.79 -38.61 -15.02
N THR B 171 -35.87 -39.72 -15.74
CA THR B 171 -35.16 -40.96 -15.38
C THR B 171 -33.63 -40.82 -15.42
N GLN B 172 -33.07 -39.97 -16.31
CA GLN B 172 -31.63 -39.68 -16.41
C GLN B 172 -31.11 -38.78 -15.29
N ASN B 173 -32.01 -38.18 -14.53
CA ASN B 173 -31.71 -37.24 -13.49
C ASN B 173 -30.89 -36.03 -13.93
N LEU B 174 -31.40 -35.43 -14.99
CA LEU B 174 -30.85 -34.17 -15.51
C LEU B 174 -31.06 -32.98 -14.57
N PHE B 175 -32.05 -33.11 -13.69
CA PHE B 175 -32.52 -32.05 -12.82
C PHE B 175 -32.54 -32.47 -11.34
N HIS B 176 -32.66 -31.50 -10.45
CA HIS B 176 -32.79 -31.71 -9.03
C HIS B 176 -34.24 -31.82 -8.68
N HIS B 177 -34.60 -32.77 -7.80
CA HIS B 177 -35.99 -32.99 -7.41
C HIS B 177 -36.05 -33.05 -5.91
N TYR B 178 -35.72 -31.90 -5.33
CA TYR B 178 -35.68 -31.77 -3.89
C TYR B 178 -36.66 -30.73 -3.41
N GLY B 179 -37.48 -30.13 -4.27
CA GLY B 179 -38.39 -29.09 -3.82
C GLY B 179 -37.76 -27.71 -4.04
N GLY B 180 -38.46 -26.68 -3.65
CA GLY B 180 -37.99 -25.29 -3.83
C GLY B 180 -37.20 -24.81 -2.62
N THR B 181 -36.27 -23.87 -2.80
CA THR B 181 -35.47 -23.34 -1.72
C THR B 181 -36.32 -22.35 -0.94
N ASP B 182 -35.98 -22.28 0.33
CA ASP B 182 -36.52 -21.26 1.20
C ASP B 182 -35.40 -20.26 1.50
N PHE B 183 -34.22 -20.45 0.89
CA PHE B 183 -33.07 -19.56 1.01
C PHE B 183 -32.55 -19.53 2.43
N SER B 184 -32.75 -20.59 3.23
CA SER B 184 -32.34 -20.58 4.63
C SER B 184 -30.84 -20.73 4.79
N THR B 185 -30.19 -21.42 3.85
CA THR B 185 -28.76 -21.62 3.90
C THR B 185 -28.26 -21.57 2.45
N ILE B 186 -26.93 -21.44 2.27
CA ILE B 186 -26.29 -21.47 0.95
C ILE B 186 -26.61 -22.82 0.33
N GLU B 187 -26.33 -23.92 1.04
CA GLU B 187 -26.59 -25.28 0.60
C GLU B 187 -28.03 -25.45 0.16
N ASN B 188 -29.01 -25.00 0.94
CA ASN B 188 -30.41 -25.07 0.50
C ASN B 188 -30.70 -24.39 -0.85
N GLY B 189 -30.19 -23.14 -1.00
CA GLY B 189 -30.36 -22.34 -2.21
C GLY B 189 -29.57 -22.89 -3.39
N ILE B 190 -28.62 -23.80 -3.18
CA ILE B 190 -27.89 -24.42 -4.28
C ILE B 190 -28.57 -25.65 -4.89
N TYR B 191 -29.00 -26.58 -4.04
CA TYR B 191 -29.56 -27.83 -4.55
C TYR B 191 -31.07 -27.90 -4.66
N LYS B 192 -31.81 -26.93 -4.17
CA LYS B 192 -33.24 -26.90 -4.37
C LYS B 192 -33.51 -25.82 -5.41
N ASN B 193 -34.73 -25.89 -5.93
CA ASN B 193 -35.16 -25.04 -7.01
C ASN B 193 -35.34 -23.60 -6.58
N LEU B 194 -34.95 -22.68 -7.45
CA LEU B 194 -35.25 -21.28 -7.29
C LEU B 194 -36.68 -21.07 -7.80
N TYR B 195 -37.66 -20.78 -6.93
CA TYR B 195 -39.06 -20.58 -7.27
C TYR B 195 -39.51 -21.81 -8.04
N ASP B 196 -39.87 -21.72 -9.33
CA ASP B 196 -40.34 -22.87 -10.07
C ASP B 196 -39.42 -23.27 -11.21
N LEU B 197 -38.21 -22.73 -11.21
CA LEU B 197 -37.25 -23.01 -12.26
C LEU B 197 -36.64 -24.37 -12.06
N ALA B 198 -36.73 -25.21 -13.11
CA ALA B 198 -36.18 -26.55 -13.10
C ALA B 198 -34.66 -26.42 -12.97
N ASP B 199 -34.18 -26.81 -11.80
CA ASP B 199 -32.79 -26.70 -11.41
C ASP B 199 -31.95 -27.74 -12.08
N LEU B 200 -30.95 -27.37 -12.88
CA LEU B 200 -30.12 -28.37 -13.53
C LEU B 200 -29.18 -29.02 -12.54
N ASN B 201 -28.86 -30.27 -12.81
CA ASN B 201 -27.97 -31.04 -11.96
C ASN B 201 -26.59 -31.14 -12.58
N HIS B 202 -25.65 -30.29 -12.15
CA HIS B 202 -24.31 -30.28 -12.71
C HIS B 202 -23.47 -31.51 -12.37
N ASN B 203 -23.93 -32.37 -11.45
CA ASN B 203 -23.23 -33.62 -11.16
C ASN B 203 -23.61 -34.69 -12.18
N ASN B 204 -24.54 -34.42 -13.10
CA ASN B 204 -24.86 -35.35 -14.16
C ASN B 204 -23.86 -35.05 -15.27
N SER B 205 -23.00 -35.98 -15.68
CA SER B 205 -22.07 -35.75 -16.76
C SER B 205 -22.62 -35.23 -18.06
N SER B 206 -23.84 -35.57 -18.46
CA SER B 206 -24.42 -35.03 -19.67
C SER B 206 -24.65 -33.54 -19.47
N VAL B 207 -25.07 -33.12 -18.29
CA VAL B 207 -25.37 -31.71 -18.12
C VAL B 207 -24.07 -30.93 -18.06
N ASP B 208 -23.14 -31.50 -17.33
CA ASP B 208 -21.84 -30.89 -17.16
C ASP B 208 -21.17 -30.62 -18.52
N VAL B 209 -20.99 -31.67 -19.33
CA VAL B 209 -20.32 -31.53 -20.61
C VAL B 209 -21.13 -30.68 -21.56
N TYR B 210 -22.45 -30.77 -21.55
CA TYR B 210 -23.29 -29.96 -22.43
C TYR B 210 -23.15 -28.48 -22.16
N LEU B 211 -23.12 -28.08 -20.89
CA LEU B 211 -23.05 -26.68 -20.54
C LEU B 211 -21.68 -26.14 -20.91
N LYS B 212 -20.60 -26.91 -20.73
CA LYS B 212 -19.26 -26.50 -21.10
C LYS B 212 -19.06 -26.46 -22.62
N ASP B 213 -19.65 -27.39 -23.41
CA ASP B 213 -19.64 -27.29 -24.87
C ASP B 213 -20.45 -26.07 -25.28
N ALA B 214 -21.63 -25.79 -24.69
CA ALA B 214 -22.44 -24.63 -25.01
C ALA B 214 -21.64 -23.35 -24.79
N ILE B 215 -20.96 -23.14 -23.66
CA ILE B 215 -20.22 -21.89 -23.50
C ILE B 215 -19.11 -21.80 -24.53
N LYS B 216 -18.39 -22.88 -24.82
CA LYS B 216 -17.32 -22.84 -25.78
C LYS B 216 -17.80 -22.40 -27.16
N MET B 217 -19.01 -22.81 -27.55
CA MET B 217 -19.64 -22.43 -28.79
C MET B 217 -19.85 -20.91 -28.87
N TRP B 218 -20.33 -20.28 -27.79
CA TRP B 218 -20.48 -18.85 -27.79
C TRP B 218 -19.12 -18.12 -27.74
N LEU B 219 -18.05 -18.67 -27.15
CA LEU B 219 -16.75 -18.04 -27.21
C LEU B 219 -16.28 -18.11 -28.66
N ASP B 220 -16.55 -19.20 -29.39
CA ASP B 220 -16.22 -19.27 -30.80
C ASP B 220 -16.96 -18.29 -31.66
N LEU B 221 -18.15 -17.85 -31.29
CA LEU B 221 -18.82 -16.82 -32.05
C LEU B 221 -18.26 -15.41 -31.78
N GLY B 222 -17.25 -15.22 -30.94
CA GLY B 222 -16.61 -13.92 -30.75
C GLY B 222 -17.07 -13.09 -29.57
N VAL B 223 -17.77 -13.66 -28.56
CA VAL B 223 -18.22 -12.81 -27.46
C VAL B 223 -17.00 -12.39 -26.63
N ASP B 224 -17.06 -11.22 -26.00
CA ASP B 224 -15.92 -10.71 -25.26
C ASP B 224 -15.98 -10.86 -23.75
N GLY B 225 -17.14 -11.17 -23.19
CA GLY B 225 -17.29 -11.31 -21.75
C GLY B 225 -18.55 -12.12 -21.44
N ILE B 226 -18.67 -12.71 -20.24
CA ILE B 226 -19.83 -13.52 -19.84
C ILE B 226 -20.30 -13.00 -18.51
N ARG B 227 -21.58 -12.71 -18.32
CA ARG B 227 -22.09 -12.39 -16.99
C ARG B 227 -22.87 -13.65 -16.60
N VAL B 228 -22.45 -14.34 -15.54
CA VAL B 228 -23.13 -15.55 -15.13
C VAL B 228 -24.22 -15.20 -14.12
N ASP B 229 -25.41 -15.73 -14.38
CA ASP B 229 -26.55 -15.58 -13.50
C ASP B 229 -26.55 -16.55 -12.32
N ALA B 230 -26.95 -16.06 -11.12
CA ALA B 230 -27.24 -16.88 -9.93
C ALA B 230 -26.08 -17.75 -9.45
N VAL B 231 -24.94 -17.07 -9.27
CA VAL B 231 -23.74 -17.77 -8.84
C VAL B 231 -23.83 -18.27 -7.41
N LYS B 232 -24.66 -17.66 -6.58
CA LYS B 232 -24.86 -18.13 -5.21
C LYS B 232 -25.64 -19.46 -5.17
N HIS B 233 -26.20 -19.85 -6.33
CA HIS B 233 -27.13 -20.97 -6.43
C HIS B 233 -26.62 -22.16 -7.24
N MET B 234 -25.31 -22.24 -7.49
CA MET B 234 -24.75 -23.39 -8.15
C MET B 234 -23.57 -23.78 -7.29
N PRO B 235 -23.13 -25.04 -7.28
CA PRO B 235 -22.00 -25.45 -6.47
C PRO B 235 -20.75 -24.67 -6.86
N PHE B 236 -20.05 -24.10 -5.88
CA PHE B 236 -18.86 -23.30 -6.17
C PHE B 236 -17.77 -24.15 -6.82
N GLY B 237 -17.64 -25.43 -6.44
CA GLY B 237 -16.70 -26.33 -7.06
C GLY B 237 -17.09 -26.59 -8.49
N TRP B 238 -18.38 -26.66 -8.88
CA TRP B 238 -18.71 -26.83 -10.30
C TRP B 238 -18.38 -25.53 -11.05
N GLN B 239 -18.70 -24.36 -10.47
CA GLN B 239 -18.40 -23.08 -11.09
C GLN B 239 -16.92 -22.85 -11.33
N LYS B 240 -16.05 -23.27 -10.43
CA LYS B 240 -14.62 -23.20 -10.65
C LYS B 240 -14.18 -24.11 -11.80
N SER B 241 -14.78 -25.30 -12.03
CA SER B 241 -14.39 -26.14 -13.17
C SER B 241 -14.90 -25.55 -14.47
N PHE B 242 -16.07 -24.90 -14.44
CA PHE B 242 -16.62 -24.14 -15.56
C PHE B 242 -15.69 -22.99 -15.95
N MET B 243 -15.25 -22.17 -14.99
CA MET B 243 -14.32 -21.09 -15.25
C MET B 243 -13.03 -21.61 -15.79
N ALA B 244 -12.52 -22.72 -15.30
CA ALA B 244 -11.29 -23.27 -15.83
C ALA B 244 -11.53 -23.70 -17.27
N THR B 245 -12.68 -24.24 -17.65
CA THR B 245 -13.00 -24.57 -19.05
C THR B 245 -12.91 -23.34 -19.93
N ILE B 246 -13.45 -22.20 -19.49
CA ILE B 246 -13.33 -20.96 -20.24
C ILE B 246 -11.87 -20.53 -20.30
N ASN B 247 -11.21 -20.39 -19.17
CA ASN B 247 -9.87 -19.85 -19.10
C ASN B 247 -8.80 -20.70 -19.75
N ASN B 248 -8.95 -22.02 -19.80
CA ASN B 248 -7.99 -22.87 -20.46
C ASN B 248 -8.32 -22.99 -21.92
N TYR B 249 -9.38 -22.34 -22.39
CA TYR B 249 -9.76 -22.42 -23.80
C TYR B 249 -9.61 -21.06 -24.46
N LYS B 250 -10.50 -20.11 -24.22
CA LYS B 250 -10.44 -18.80 -24.83
C LYS B 250 -10.83 -17.87 -23.69
N PRO B 251 -9.90 -17.41 -22.83
CA PRO B 251 -10.23 -16.63 -21.63
C PRO B 251 -10.94 -15.32 -21.98
N VAL B 252 -12.10 -15.03 -21.37
CA VAL B 252 -12.77 -13.77 -21.54
C VAL B 252 -13.17 -13.38 -20.11
N PHE B 253 -13.36 -12.08 -19.93
CA PHE B 253 -13.79 -11.48 -18.68
C PHE B 253 -15.13 -12.09 -18.24
N THR B 254 -15.20 -12.75 -17.10
CA THR B 254 -16.45 -13.30 -16.61
C THR B 254 -16.72 -12.74 -15.22
N PHE B 255 -17.97 -12.34 -14.97
CA PHE B 255 -18.38 -11.88 -13.68
C PHE B 255 -19.76 -12.41 -13.38
N GLY B 256 -20.12 -12.53 -12.12
CA GLY B 256 -21.40 -13.08 -11.75
C GLY B 256 -22.19 -12.12 -10.87
N GLU B 257 -23.45 -12.51 -10.68
CA GLU B 257 -24.36 -11.79 -9.80
C GLU B 257 -24.60 -12.57 -8.50
N TRP B 258 -24.29 -11.97 -7.35
CA TRP B 258 -24.59 -12.51 -6.03
C TRP B 258 -25.17 -11.27 -5.37
N PHE B 259 -26.46 -11.26 -5.05
CA PHE B 259 -27.11 -10.06 -4.53
C PHE B 259 -26.65 -9.76 -3.10
N LEU B 260 -26.44 -8.48 -2.74
CA LEU B 260 -26.19 -8.12 -1.35
C LEU B 260 -27.14 -7.01 -1.08
N GLY B 261 -27.71 -7.08 0.12
CA GLY B 261 -28.68 -6.11 0.56
C GLY B 261 -27.93 -4.93 1.10
N VAL B 262 -28.67 -3.95 1.56
CA VAL B 262 -28.08 -2.76 2.16
C VAL B 262 -27.34 -3.16 3.45
N ASN B 263 -26.09 -2.70 3.60
CA ASN B 263 -25.25 -2.97 4.77
C ASN B 263 -24.89 -4.44 4.99
N GLU B 264 -25.04 -5.25 3.94
CA GLU B 264 -24.74 -6.66 4.03
C GLU B 264 -23.31 -6.79 3.55
N ILE B 265 -22.50 -7.41 4.38
CA ILE B 265 -21.15 -7.75 4.01
C ILE B 265 -21.14 -9.24 4.36
N SER B 266 -20.78 -10.01 3.37
CA SER B 266 -20.78 -11.45 3.42
C SER B 266 -19.38 -11.95 3.15
N PRO B 267 -18.85 -12.85 3.97
CA PRO B 267 -17.53 -13.44 3.78
C PRO B 267 -17.51 -14.39 2.59
N GLU B 268 -18.60 -15.10 2.34
CA GLU B 268 -18.69 -16.05 1.24
C GLU B 268 -18.69 -15.31 -0.08
N TYR B 269 -19.39 -14.17 -0.15
CA TYR B 269 -19.38 -13.29 -1.32
C TYR B 269 -17.96 -12.88 -1.69
N HIS B 270 -17.17 -12.40 -0.72
CA HIS B 270 -15.81 -12.00 -1.01
C HIS B 270 -14.93 -13.20 -1.30
N GLN B 271 -15.16 -14.34 -0.66
CA GLN B 271 -14.39 -15.51 -0.91
C GLN B 271 -14.61 -16.00 -2.34
N PHE B 272 -15.85 -16.00 -2.81
CA PHE B 272 -16.17 -16.36 -4.19
C PHE B 272 -15.47 -15.40 -5.18
N ALA B 273 -15.55 -14.07 -5.06
CA ALA B 273 -14.83 -13.13 -5.92
C ALA B 273 -13.35 -13.41 -5.99
N ASN B 274 -12.79 -13.79 -4.85
CA ASN B 274 -11.36 -14.02 -4.76
C ASN B 274 -10.91 -15.39 -5.19
N GLU B 275 -11.78 -16.41 -5.11
CA GLU B 275 -11.35 -17.77 -5.38
C GLU B 275 -12.02 -18.48 -6.54
N SER B 276 -13.13 -18.02 -7.11
CA SER B 276 -13.81 -18.79 -8.13
C SER B 276 -13.23 -18.73 -9.53
N GLY B 277 -12.44 -17.70 -9.82
CA GLY B 277 -11.97 -17.49 -11.16
C GLY B 277 -12.81 -16.43 -11.85
N MET B 278 -13.88 -15.92 -11.25
CA MET B 278 -14.65 -14.85 -11.86
C MET B 278 -14.79 -13.74 -10.85
N SER B 279 -15.14 -12.54 -11.32
CA SER B 279 -15.33 -11.43 -10.43
C SER B 279 -16.82 -11.28 -10.20
N LEU B 280 -17.31 -10.18 -9.64
CA LEU B 280 -18.71 -10.05 -9.27
C LEU B 280 -19.24 -8.67 -9.58
N LEU B 281 -20.56 -8.58 -9.71
CA LEU B 281 -21.22 -7.29 -9.74
C LEU B 281 -21.00 -6.77 -8.33
N ASP B 282 -20.54 -5.54 -8.21
CA ASP B 282 -20.14 -5.01 -6.93
C ASP B 282 -21.32 -4.39 -6.20
N PHE B 283 -22.14 -5.26 -5.59
CA PHE B 283 -23.33 -4.81 -4.85
C PHE B 283 -22.93 -4.03 -3.62
N ARG B 284 -21.78 -4.32 -3.03
CA ARG B 284 -21.31 -3.56 -1.88
C ARG B 284 -21.14 -2.09 -2.25
N PHE B 285 -20.54 -1.82 -3.40
CA PHE B 285 -20.38 -0.47 -3.91
C PHE B 285 -21.75 0.11 -4.21
N ALA B 286 -22.60 -0.62 -4.93
CA ALA B 286 -23.88 -0.08 -5.39
C ALA B 286 -24.85 0.34 -4.31
N GLN B 287 -24.89 -0.50 -3.28
CA GLN B 287 -25.81 -0.28 -2.17
C GLN B 287 -25.38 0.94 -1.40
N LYS B 288 -24.08 1.08 -1.11
CA LYS B 288 -23.58 2.26 -0.39
C LYS B 288 -23.70 3.52 -1.25
N ALA B 289 -23.39 3.49 -2.57
CA ALA B 289 -23.59 4.66 -3.43
C ALA B 289 -25.04 5.14 -3.39
N ARG B 290 -26.02 4.23 -3.40
CA ARG B 290 -27.43 4.59 -3.33
C ARG B 290 -27.79 5.17 -1.99
N GLN B 291 -27.26 4.60 -0.91
CA GLN B 291 -27.51 5.15 0.41
C GLN B 291 -27.03 6.58 0.53
N VAL B 292 -25.88 6.91 -0.04
CA VAL B 292 -25.32 8.26 0.05
C VAL B 292 -25.92 9.24 -0.97
N PHE B 293 -26.03 8.87 -2.25
CA PHE B 293 -26.45 9.81 -3.30
C PHE B 293 -27.92 9.76 -3.65
N ARG B 294 -28.62 8.68 -3.29
CA ARG B 294 -30.04 8.60 -3.57
C ARG B 294 -30.92 8.74 -2.33
N ASP B 295 -30.67 7.85 -1.38
CA ASP B 295 -31.56 7.68 -0.25
C ASP B 295 -31.28 8.47 1.01
N ASN B 296 -30.06 8.94 1.18
CA ASN B 296 -29.60 9.73 2.32
C ASN B 296 -29.73 8.93 3.59
N THR B 297 -29.35 7.67 3.53
CA THR B 297 -29.38 6.82 4.71
C THR B 297 -27.95 6.57 5.19
N ASP B 298 -27.00 7.32 4.65
CA ASP B 298 -25.63 7.28 5.11
C ASP B 298 -25.00 8.54 4.55
N ASN B 299 -23.78 8.90 4.94
CA ASN B 299 -23.14 10.12 4.47
C ASN B 299 -21.75 9.83 3.92
N MET B 300 -20.96 10.85 3.54
CA MET B 300 -19.65 10.60 2.94
C MET B 300 -18.67 9.76 3.76
N TYR B 301 -18.76 9.75 5.10
CA TYR B 301 -17.90 8.89 5.90
C TYR B 301 -18.19 7.44 5.61
N GLY B 302 -19.46 7.05 5.33
CA GLY B 302 -19.77 5.65 5.00
C GLY B 302 -19.27 5.28 3.60
N LEU B 303 -19.36 6.20 2.63
CA LEU B 303 -18.82 6.00 1.29
C LEU B 303 -17.30 5.79 1.38
N LYS B 304 -16.59 6.65 2.15
CA LYS B 304 -15.17 6.49 2.44
C LYS B 304 -14.91 5.09 3.01
N ALA B 305 -15.65 4.63 4.03
CA ALA B 305 -15.37 3.32 4.57
C ALA B 305 -15.65 2.20 3.57
N MET B 306 -16.62 2.38 2.68
CA MET B 306 -16.87 1.36 1.67
C MET B 306 -15.67 1.31 0.73
N LEU B 307 -15.18 2.45 0.25
CA LEU B 307 -14.06 2.44 -0.68
C LEU B 307 -12.80 1.85 -0.07
N GLU B 308 -12.52 2.27 1.15
CA GLU B 308 -11.34 1.79 1.82
C GLU B 308 -11.44 0.33 2.24
N GLY B 309 -12.61 -0.17 2.65
CA GLY B 309 -12.76 -1.58 3.00
C GLY B 309 -12.75 -2.48 1.76
N SER B 310 -13.42 -2.09 0.66
CA SER B 310 -13.51 -2.94 -0.50
C SER B 310 -12.18 -3.14 -1.19
N GLU B 311 -11.31 -2.13 -1.09
CA GLU B 311 -9.95 -2.20 -1.58
C GLU B 311 -9.18 -3.45 -1.12
N VAL B 312 -9.38 -3.70 0.16
CA VAL B 312 -8.75 -4.78 0.91
C VAL B 312 -9.44 -6.14 0.78
N ASP B 313 -10.76 -6.17 0.95
CA ASP B 313 -11.50 -7.42 0.88
C ASP B 313 -11.56 -8.08 -0.50
N TYR B 314 -11.56 -7.29 -1.58
CA TYR B 314 -11.51 -7.84 -2.93
C TYR B 314 -10.03 -7.97 -3.21
N ALA B 315 -9.57 -9.16 -3.56
CA ALA B 315 -8.16 -9.33 -3.85
C ALA B 315 -7.85 -8.64 -5.17
N GLN B 316 -8.80 -8.57 -6.12
CA GLN B 316 -8.62 -7.86 -7.38
C GLN B 316 -9.76 -6.87 -7.57
N VAL B 317 -9.74 -5.70 -6.91
CA VAL B 317 -10.86 -4.75 -6.97
C VAL B 317 -11.06 -4.15 -8.36
N ASN B 318 -10.05 -4.14 -9.22
CA ASN B 318 -10.17 -3.59 -10.57
C ASN B 318 -11.03 -4.41 -11.52
N ASP B 319 -11.37 -5.63 -11.10
CA ASP B 319 -12.20 -6.51 -11.90
C ASP B 319 -13.64 -6.49 -11.44
N GLN B 320 -14.01 -5.73 -10.40
CA GLN B 320 -15.39 -5.74 -9.95
C GLN B 320 -16.20 -4.76 -10.74
N VAL B 321 -17.43 -5.18 -11.05
CA VAL B 321 -18.26 -4.36 -11.92
C VAL B 321 -19.17 -3.48 -11.09
N THR B 322 -18.98 -2.18 -11.17
CA THR B 322 -19.72 -1.27 -10.32
C THR B 322 -20.93 -0.74 -11.02
N PHE B 323 -21.89 -0.22 -10.27
CA PHE B 323 -23.15 0.25 -10.83
C PHE B 323 -23.92 0.95 -9.72
N ILE B 324 -24.96 1.68 -10.08
CA ILE B 324 -25.85 2.34 -9.13
C ILE B 324 -27.24 1.79 -9.28
N ASP B 325 -27.59 1.04 -10.32
CA ASP B 325 -28.87 0.35 -10.38
C ASP B 325 -28.76 -0.66 -11.51
N ASN B 326 -29.75 -1.55 -11.63
CA ASN B 326 -29.74 -2.57 -12.66
C ASN B 326 -31.10 -3.27 -12.63
N HIS B 327 -31.22 -4.37 -13.36
CA HIS B 327 -32.45 -5.15 -13.48
C HIS B 327 -33.04 -5.69 -12.18
N ASP B 328 -32.26 -5.75 -11.09
CA ASP B 328 -32.69 -6.29 -9.81
C ASP B 328 -32.81 -5.23 -8.73
N MET B 329 -32.96 -3.97 -9.13
CA MET B 329 -33.14 -2.85 -8.21
C MET B 329 -34.11 -1.84 -8.78
N GLU B 330 -34.78 -1.07 -7.94
CA GLU B 330 -35.60 0.04 -8.42
C GLU B 330 -34.66 1.02 -9.12
N ARG B 331 -35.13 1.72 -10.15
CA ARG B 331 -34.31 2.70 -10.85
C ARG B 331 -33.78 3.75 -9.88
N PHE B 332 -32.58 4.26 -10.14
CA PHE B 332 -31.95 5.21 -9.26
C PHE B 332 -32.75 6.49 -9.28
N HIS B 333 -33.07 7.02 -10.45
CA HIS B 333 -33.84 8.26 -10.49
C HIS B 333 -35.27 7.90 -10.11
N THR B 334 -35.84 8.73 -9.25
CA THR B 334 -37.22 8.60 -8.84
C THR B 334 -38.09 9.58 -9.63
N SER B 335 -39.41 9.32 -9.78
CA SER B 335 -40.32 10.24 -10.45
C SER B 335 -40.28 11.61 -9.79
N ASN B 336 -39.75 12.44 -10.66
CA ASN B 336 -39.45 13.84 -10.44
C ASN B 336 -38.91 14.19 -9.04
N GLY B 337 -37.79 13.44 -8.98
CA GLY B 337 -36.76 13.53 -7.98
C GLY B 337 -35.63 14.31 -8.66
N ASP B 338 -34.70 14.76 -7.85
CA ASP B 338 -33.61 15.61 -8.29
C ASP B 338 -32.66 14.86 -9.20
N ARG B 339 -32.66 15.26 -10.47
CA ARG B 339 -31.79 14.66 -11.48
C ARG B 339 -30.32 14.78 -11.15
N ARG B 340 -29.90 15.81 -10.39
CA ARG B 340 -28.49 15.96 -10.05
C ARG B 340 -28.01 14.81 -9.19
N LYS B 341 -28.86 14.10 -8.45
CA LYS B 341 -28.44 12.93 -7.68
C LYS B 341 -27.93 11.87 -8.64
N LEU B 342 -28.72 11.61 -9.69
CA LEU B 342 -28.36 10.62 -10.68
C LEU B 342 -27.06 11.05 -11.37
N GLU B 343 -26.97 12.32 -11.74
CA GLU B 343 -25.83 12.83 -12.46
C GLU B 343 -24.55 12.73 -11.64
N GLN B 344 -24.58 13.04 -10.35
CA GLN B 344 -23.42 12.90 -9.47
C GLN B 344 -23.05 11.44 -9.30
N ALA B 345 -24.04 10.56 -9.11
CA ALA B 345 -23.76 9.15 -8.89
C ALA B 345 -23.17 8.50 -10.13
N LEU B 346 -23.62 8.88 -11.34
CA LEU B 346 -23.00 8.35 -12.55
C LEU B 346 -21.56 8.86 -12.59
N ALA B 347 -21.29 10.13 -12.29
CA ALA B 347 -19.92 10.65 -12.30
C ALA B 347 -19.02 9.91 -11.33
N PHE B 348 -19.58 9.65 -10.14
CA PHE B 348 -18.90 8.90 -9.10
C PHE B 348 -18.49 7.53 -9.62
N THR B 349 -19.42 6.77 -10.21
CA THR B 349 -19.16 5.42 -10.71
C THR B 349 -18.17 5.45 -11.85
N LEU B 350 -18.30 6.43 -12.76
CA LEU B 350 -17.42 6.48 -13.93
C LEU B 350 -15.99 6.80 -13.55
N THR B 351 -15.77 7.50 -12.44
CA THR B 351 -14.41 7.82 -12.04
C THR B 351 -13.88 6.90 -10.94
N SER B 352 -14.65 5.91 -10.46
CA SER B 352 -14.16 5.05 -9.40
C SER B 352 -13.56 3.77 -9.93
N ARG B 353 -12.90 2.99 -9.07
CA ARG B 353 -12.24 1.75 -9.45
C ARG B 353 -13.20 0.62 -9.90
N GLY B 354 -12.70 -0.33 -10.67
CA GLY B 354 -13.50 -1.44 -11.08
C GLY B 354 -13.91 -1.26 -12.51
N VAL B 355 -15.05 -1.81 -12.93
CA VAL B 355 -15.46 -1.76 -14.31
C VAL B 355 -16.85 -1.18 -14.23
N PRO B 356 -17.15 0.07 -14.59
CA PRO B 356 -18.49 0.62 -14.48
C PRO B 356 -19.51 0.13 -15.52
N ALA B 357 -20.71 -0.20 -15.04
CA ALA B 357 -21.80 -0.57 -15.91
C ALA B 357 -22.94 0.41 -15.68
N ILE B 358 -23.56 0.86 -16.77
CA ILE B 358 -24.67 1.79 -16.74
C ILE B 358 -25.86 1.01 -17.27
N TYR B 359 -26.96 1.04 -16.55
CA TYR B 359 -28.17 0.33 -16.96
C TYR B 359 -28.83 1.19 -18.07
N TYR B 360 -29.26 0.59 -19.17
CA TYR B 360 -29.83 1.36 -20.28
C TYR B 360 -30.94 2.33 -19.87
N GLY B 361 -30.98 3.53 -20.47
CA GLY B 361 -32.00 4.48 -20.12
C GLY B 361 -31.61 5.31 -18.91
N SER B 362 -30.51 5.05 -18.19
CA SER B 362 -30.09 5.95 -17.10
C SER B 362 -29.89 7.37 -17.66
N GLU B 363 -29.28 7.50 -18.86
CA GLU B 363 -29.07 8.77 -19.54
C GLU B 363 -30.37 9.42 -19.96
N GLN B 364 -31.50 8.70 -19.92
CA GLN B 364 -32.79 9.28 -20.24
C GLN B 364 -33.65 9.51 -18.98
N TYR B 365 -33.01 9.35 -17.80
CA TYR B 365 -33.62 9.50 -16.46
C TYR B 365 -34.88 8.67 -16.31
N MET B 366 -34.77 7.40 -16.67
CA MET B 366 -35.87 6.47 -16.50
C MET B 366 -36.04 6.19 -15.02
N SER B 367 -37.28 6.09 -14.57
CA SER B 367 -37.58 5.74 -13.21
C SER B 367 -38.50 4.52 -13.22
N GLY B 368 -38.67 3.87 -12.10
CA GLY B 368 -39.54 2.71 -12.00
C GLY B 368 -39.08 1.89 -10.83
N GLY B 369 -40.01 1.12 -10.28
CA GLY B 369 -39.71 0.27 -9.15
C GLY B 369 -39.12 -1.06 -9.57
N ASN B 370 -39.36 -2.04 -8.72
CA ASN B 370 -38.82 -3.36 -8.94
C ASN B 370 -39.50 -4.10 -10.07
N ASP B 371 -38.82 -5.12 -10.58
CA ASP B 371 -39.26 -6.01 -11.64
C ASP B 371 -40.78 -6.17 -11.76
N PRO B 372 -41.44 -5.99 -12.93
CA PRO B 372 -40.85 -5.58 -14.21
C PRO B 372 -40.76 -4.07 -14.45
N ASP B 373 -41.05 -3.24 -13.46
CA ASP B 373 -41.11 -1.81 -13.63
C ASP B 373 -39.81 -1.10 -13.86
N ASN B 374 -38.70 -1.76 -13.57
CA ASN B 374 -37.42 -1.20 -13.85
C ASN B 374 -37.01 -1.67 -15.25
N ARG B 375 -37.83 -2.35 -16.05
CA ARG B 375 -37.41 -2.77 -17.38
C ARG B 375 -38.32 -2.18 -18.46
N ALA B 376 -38.71 -0.90 -18.38
CA ALA B 376 -39.59 -0.35 -19.41
C ALA B 376 -38.86 -0.14 -20.72
N ARG B 377 -39.54 0.07 -21.85
CA ARG B 377 -38.80 0.34 -23.07
C ARG B 377 -38.14 1.70 -22.86
N LEU B 378 -36.89 1.93 -23.25
CA LEU B 378 -36.38 3.26 -23.01
C LEU B 378 -37.10 4.27 -23.91
N PRO B 379 -37.49 5.39 -23.36
CA PRO B 379 -38.46 6.29 -23.97
C PRO B 379 -37.92 7.31 -24.97
N SER B 380 -36.60 7.38 -25.18
CA SER B 380 -36.05 8.44 -25.99
C SER B 380 -34.61 8.07 -26.29
N PHE B 381 -34.15 8.63 -27.42
CA PHE B 381 -32.77 8.48 -27.84
C PHE B 381 -32.12 9.83 -28.04
N SER B 382 -32.51 10.77 -27.20
CA SER B 382 -31.93 12.10 -27.25
C SER B 382 -30.48 12.08 -26.82
N THR B 383 -29.55 12.76 -27.51
CA THR B 383 -28.16 12.77 -27.12
C THR B 383 -27.83 14.05 -26.38
N THR B 384 -28.81 14.85 -25.96
CA THR B 384 -28.49 16.09 -25.30
C THR B 384 -28.95 16.18 -23.84
N THR B 385 -29.15 15.05 -23.15
CA THR B 385 -29.48 15.18 -21.75
C THR B 385 -28.16 15.46 -21.03
N THR B 386 -28.20 16.12 -19.88
CA THR B 386 -26.99 16.32 -19.11
C THR B 386 -26.37 14.99 -18.75
N ALA B 387 -27.19 13.99 -18.38
CA ALA B 387 -26.67 12.67 -18.07
C ALA B 387 -25.94 12.09 -19.27
N TYR B 388 -26.46 12.19 -20.52
CA TYR B 388 -25.74 11.66 -21.69
C TYR B 388 -24.37 12.33 -21.81
N GLN B 389 -24.35 13.65 -21.65
CA GLN B 389 -23.13 14.45 -21.70
C GLN B 389 -22.14 14.11 -20.59
N VAL B 390 -22.61 13.83 -19.36
CA VAL B 390 -21.73 13.40 -18.29
C VAL B 390 -21.05 12.09 -18.70
N ILE B 391 -21.78 11.07 -19.17
CA ILE B 391 -21.16 9.84 -19.59
C ILE B 391 -20.15 10.09 -20.72
N GLN B 392 -20.52 10.93 -21.68
CA GLN B 392 -19.67 11.23 -22.81
C GLN B 392 -18.37 11.93 -22.42
N LYS B 393 -18.38 12.78 -21.38
CA LYS B 393 -17.15 13.46 -20.98
C LYS B 393 -16.28 12.56 -20.12
N LEU B 394 -16.87 11.68 -19.31
CA LEU B 394 -16.08 10.89 -18.39
C LEU B 394 -15.69 9.49 -18.83
N ALA B 395 -16.50 8.82 -19.64
CA ALA B 395 -16.21 7.47 -20.08
C ALA B 395 -14.90 7.39 -20.81
N PRO B 396 -14.49 8.28 -21.72
CA PRO B 396 -13.21 8.18 -22.42
C PRO B 396 -12.01 8.28 -21.49
N LEU B 397 -12.16 8.84 -20.27
CA LEU B 397 -11.02 8.98 -19.38
C LEU B 397 -10.57 7.63 -18.97
N ARG B 398 -11.40 6.60 -18.99
CA ARG B 398 -10.93 5.28 -18.56
C ARG B 398 -9.95 4.69 -19.58
N LYS B 399 -10.08 5.14 -20.83
CA LYS B 399 -9.16 4.76 -21.88
C LYS B 399 -7.96 5.70 -21.88
N SER B 400 -8.10 7.01 -21.63
CA SER B 400 -6.97 7.93 -21.72
C SER B 400 -6.14 8.13 -20.45
N ASN B 401 -6.76 8.00 -19.29
CA ASN B 401 -6.07 8.23 -18.04
C ASN B 401 -5.94 6.92 -17.27
N PRO B 402 -4.80 6.22 -17.17
CA PRO B 402 -4.72 4.97 -16.44
C PRO B 402 -4.95 5.13 -14.94
N ALA B 403 -4.85 6.33 -14.33
CA ALA B 403 -5.21 6.46 -12.92
C ALA B 403 -6.69 6.13 -12.74
N ILE B 404 -7.61 6.48 -13.66
CA ILE B 404 -9.04 6.12 -13.51
C ILE B 404 -9.24 4.66 -13.83
N ALA B 405 -8.59 4.14 -14.87
CA ALA B 405 -8.73 2.74 -15.20
C ALA B 405 -8.15 1.80 -14.14
N TYR B 406 -7.01 2.12 -13.52
CA TYR B 406 -6.31 1.19 -12.65
C TYR B 406 -5.86 1.69 -11.28
N GLY B 407 -6.02 2.97 -10.96
CA GLY B 407 -5.32 3.48 -9.82
C GLY B 407 -5.94 3.21 -8.46
N SER B 408 -5.13 3.54 -7.49
CA SER B 408 -5.51 3.48 -6.08
C SER B 408 -6.59 4.51 -5.84
N THR B 409 -7.36 4.43 -4.76
CA THR B 409 -8.32 5.47 -4.42
C THR B 409 -7.89 6.04 -3.06
N HIS B 410 -7.83 7.37 -2.95
CA HIS B 410 -7.27 8.02 -1.77
C HIS B 410 -8.16 9.16 -1.37
N GLU B 411 -8.82 9.18 -0.20
CA GLU B 411 -9.62 10.32 0.20
C GLU B 411 -8.63 11.41 0.62
N ARG B 412 -8.86 12.62 0.12
CA ARG B 412 -7.98 13.73 0.40
C ARG B 412 -8.79 14.80 1.10
N TRP B 413 -10.10 14.91 1.00
CA TRP B 413 -10.80 15.93 1.77
C TRP B 413 -12.18 15.38 2.02
N ILE B 414 -12.76 15.56 3.21
CA ILE B 414 -14.07 15.00 3.47
C ILE B 414 -14.75 15.76 4.62
N ASN B 415 -16.07 15.73 4.56
CA ASN B 415 -16.94 16.16 5.61
C ASN B 415 -18.23 15.37 5.31
N ASN B 416 -19.35 15.61 5.98
CA ASN B 416 -20.56 14.81 5.78
C ASN B 416 -21.15 14.79 4.38
N ASP B 417 -21.04 15.91 3.66
CA ASP B 417 -21.61 16.04 2.34
C ASP B 417 -20.64 16.14 1.18
N VAL B 418 -19.36 16.31 1.43
CA VAL B 418 -18.38 16.51 0.39
C VAL B 418 -17.36 15.40 0.46
N ILE B 419 -17.03 14.78 -0.66
CA ILE B 419 -15.84 13.93 -0.68
C ILE B 419 -15.01 14.37 -1.89
N ILE B 420 -13.69 14.39 -1.70
CA ILE B 420 -12.75 14.68 -2.75
C ILE B 420 -11.75 13.55 -2.62
N TYR B 421 -11.65 12.72 -3.67
CA TYR B 421 -10.76 11.58 -3.67
C TYR B 421 -9.85 11.72 -4.86
N GLU B 422 -8.77 10.98 -4.79
CA GLU B 422 -7.78 11.02 -5.82
C GLU B 422 -7.50 9.59 -6.30
N ARG B 423 -7.38 9.41 -7.61
CA ARG B 423 -7.07 8.13 -8.20
C ARG B 423 -5.63 8.31 -8.64
N LYS B 424 -4.75 7.33 -8.46
CA LYS B 424 -3.37 7.53 -8.82
C LYS B 424 -2.78 6.25 -9.36
N PHE B 425 -2.00 6.36 -10.42
CA PHE B 425 -1.36 5.21 -11.05
C PHE B 425 -0.09 5.81 -11.65
N GLY B 426 1.05 5.54 -11.03
CA GLY B 426 2.33 6.09 -11.46
C GLY B 426 2.24 7.58 -11.19
N ASN B 427 2.43 8.44 -12.18
CA ASN B 427 2.25 9.87 -11.97
C ASN B 427 1.05 10.38 -12.70
N ASN B 428 0.13 9.49 -13.03
CA ASN B 428 -1.12 9.88 -13.62
C ASN B 428 -1.98 10.10 -12.42
N VAL B 429 -2.80 11.14 -12.40
CA VAL B 429 -3.60 11.53 -11.26
C VAL B 429 -4.97 11.94 -11.79
N ALA B 430 -6.07 11.71 -11.08
CA ALA B 430 -7.39 12.26 -11.38
C ALA B 430 -7.91 12.62 -9.99
N VAL B 431 -8.59 13.74 -9.80
CA VAL B 431 -9.06 14.16 -8.51
C VAL B 431 -10.51 14.48 -8.77
N VAL B 432 -11.45 14.00 -7.97
CA VAL B 432 -12.88 14.19 -8.22
C VAL B 432 -13.41 14.85 -6.96
N ALA B 433 -14.23 15.89 -7.02
CA ALA B 433 -14.76 16.53 -5.85
C ALA B 433 -16.27 16.46 -5.97
N ILE B 434 -17.02 16.04 -4.95
CA ILE B 434 -18.46 15.89 -5.08
C ILE B 434 -19.11 16.53 -3.87
N ASN B 435 -20.03 17.48 -4.07
CA ASN B 435 -20.74 18.08 -2.98
C ASN B 435 -22.14 17.56 -3.20
N ARG B 436 -22.57 16.57 -2.43
CA ARG B 436 -23.95 16.11 -2.58
C ARG B 436 -25.00 17.05 -1.97
N ASN B 437 -24.59 18.08 -1.22
CA ASN B 437 -25.56 18.95 -0.60
C ASN B 437 -26.01 19.90 -1.67
N MET B 438 -27.31 19.88 -1.90
CA MET B 438 -27.91 20.70 -2.92
C MET B 438 -28.28 22.13 -2.51
N ASN B 439 -27.90 22.64 -1.32
CA ASN B 439 -28.26 23.99 -0.90
C ASN B 439 -27.08 24.72 -0.31
N THR B 440 -26.09 24.01 0.20
CA THR B 440 -24.96 24.61 0.85
C THR B 440 -23.72 24.44 0.01
N PRO B 441 -23.03 25.53 -0.32
CA PRO B 441 -21.72 25.52 -0.94
C PRO B 441 -20.74 24.99 0.09
N ALA B 442 -19.56 24.52 -0.30
CA ALA B 442 -18.60 24.07 0.67
C ALA B 442 -17.29 24.80 0.47
N SER B 443 -16.73 25.45 1.50
CA SER B 443 -15.43 26.09 1.39
C SER B 443 -14.32 25.06 1.58
N ILE B 444 -13.58 24.80 0.52
CA ILE B 444 -12.54 23.80 0.58
C ILE B 444 -11.26 24.54 0.81
N THR B 445 -10.75 24.36 2.02
CA THR B 445 -9.48 24.92 2.42
C THR B 445 -8.66 23.71 2.85
N GLY B 446 -7.38 23.61 2.53
CA GLY B 446 -6.58 22.51 3.03
C GLY B 446 -6.47 21.34 2.07
N LEU B 447 -7.03 21.43 0.85
CA LEU B 447 -6.95 20.30 -0.07
C LEU B 447 -5.51 20.15 -0.55
N VAL B 448 -4.90 18.98 -0.40
CA VAL B 448 -3.60 18.69 -0.93
C VAL B 448 -3.79 17.52 -1.90
N THR B 449 -3.17 17.56 -3.07
CA THR B 449 -3.33 16.55 -4.10
C THR B 449 -1.97 16.12 -4.66
N SER B 450 -1.91 15.16 -5.59
CA SER B 450 -0.66 14.80 -6.25
C SER B 450 -0.59 15.57 -7.57
N LEU B 451 -1.46 16.53 -7.84
CA LEU B 451 -1.36 17.24 -9.10
C LEU B 451 -0.15 18.19 -9.07
N PRO B 452 0.59 18.31 -10.18
CA PRO B 452 1.60 19.34 -10.38
C PRO B 452 1.03 20.75 -10.20
N ARG B 453 1.89 21.71 -9.85
CA ARG B 453 1.46 23.09 -9.72
C ARG B 453 0.87 23.61 -11.04
N GLY B 454 -0.31 24.21 -11.08
CA GLY B 454 -0.83 24.76 -12.30
C GLY B 454 -2.33 24.91 -12.16
N SER B 455 -3.06 25.29 -13.21
CA SER B 455 -4.50 25.36 -13.13
C SER B 455 -5.11 24.26 -13.98
N TYR B 456 -6.22 23.69 -13.51
CA TYR B 456 -6.84 22.54 -14.15
C TYR B 456 -8.28 22.89 -14.41
N ASN B 457 -8.67 22.66 -15.65
CA ASN B 457 -10.05 22.84 -16.06
C ASN B 457 -10.78 21.65 -15.50
N ASP B 458 -12.01 21.87 -15.09
CA ASP B 458 -12.89 20.78 -14.78
C ASP B 458 -13.11 20.00 -16.08
N VAL B 459 -12.79 18.72 -16.17
CA VAL B 459 -13.04 17.90 -17.37
C VAL B 459 -14.52 17.90 -17.76
N LEU B 460 -15.44 18.05 -16.80
CA LEU B 460 -16.87 18.14 -17.12
C LEU B 460 -17.22 19.54 -17.65
N GLY B 461 -16.27 20.46 -17.83
CA GLY B 461 -16.52 21.76 -18.41
C GLY B 461 -17.59 22.58 -17.70
N GLY B 462 -17.76 22.34 -16.41
CA GLY B 462 -18.75 23.07 -15.64
C GLY B 462 -20.16 22.52 -15.76
N ILE B 463 -20.49 21.43 -16.47
CA ILE B 463 -21.92 21.09 -16.59
C ILE B 463 -22.53 20.65 -15.27
N LEU B 464 -21.76 20.15 -14.30
CA LEU B 464 -22.34 19.84 -13.00
C LEU B 464 -21.76 20.82 -11.99
N ASN B 465 -21.73 22.08 -12.41
CA ASN B 465 -21.30 23.25 -11.65
C ASN B 465 -19.89 23.14 -11.03
N GLY B 466 -19.00 22.48 -11.74
CA GLY B 466 -17.62 22.32 -11.30
C GLY B 466 -16.84 23.57 -11.61
N ASN B 467 -15.58 23.61 -11.21
CA ASN B 467 -14.76 24.80 -11.37
C ASN B 467 -13.30 24.42 -11.61
N THR B 468 -12.51 25.44 -11.95
CA THR B 468 -11.08 25.35 -12.24
C THR B 468 -10.34 25.21 -10.93
N LEU B 469 -9.40 24.29 -10.85
CA LEU B 469 -8.59 24.09 -9.66
C LEU B 469 -7.22 24.72 -9.86
N THR B 470 -6.68 25.52 -8.93
CA THR B 470 -5.34 26.10 -9.05
C THR B 470 -4.52 25.43 -7.97
N VAL B 471 -3.44 24.80 -8.37
CA VAL B 471 -2.63 24.02 -7.47
C VAL B 471 -1.32 24.77 -7.45
N GLY B 472 -0.80 24.93 -6.24
CA GLY B 472 0.48 25.52 -6.01
C GLY B 472 1.55 24.48 -5.71
N ALA B 473 2.55 25.02 -5.01
CA ALA B 473 3.70 24.25 -4.61
C ALA B 473 3.23 23.22 -3.60
N GLY B 474 3.74 21.99 -3.68
CA GLY B 474 3.39 20.93 -2.75
C GLY B 474 2.05 20.23 -3.01
N GLY B 475 1.41 20.51 -4.14
CA GLY B 475 0.13 19.91 -4.48
C GLY B 475 -1.01 20.58 -3.72
N ALA B 476 -0.74 21.68 -3.02
CA ALA B 476 -1.74 22.33 -2.21
C ALA B 476 -2.60 23.14 -3.12
N ALA B 477 -3.89 22.95 -3.07
CA ALA B 477 -4.80 23.72 -3.89
C ALA B 477 -5.23 25.02 -3.22
N SER B 478 -5.41 26.09 -3.99
CA SER B 478 -6.02 27.33 -3.51
C SER B 478 -7.48 27.14 -3.06
N ASN B 479 -7.94 27.89 -2.06
CA ASN B 479 -9.25 27.78 -1.46
C ASN B 479 -10.28 28.09 -2.52
N PHE B 480 -11.32 27.27 -2.54
CA PHE B 480 -12.37 27.46 -3.50
C PHE B 480 -13.67 27.01 -2.91
N THR B 481 -14.75 27.42 -3.54
CA THR B 481 -16.07 27.04 -3.10
C THR B 481 -16.50 25.98 -4.11
N LEU B 482 -17.00 24.87 -3.59
CA LEU B 482 -17.55 23.82 -4.40
C LEU B 482 -19.04 24.08 -4.29
N ALA B 483 -19.64 24.47 -5.41
CA ALA B 483 -21.06 24.78 -5.51
C ALA B 483 -22.00 23.73 -4.90
N PRO B 484 -23.23 24.05 -4.47
CA PRO B 484 -24.22 23.06 -4.10
C PRO B 484 -24.44 22.16 -5.31
N GLY B 485 -24.37 20.84 -5.10
CA GLY B 485 -24.52 19.87 -6.18
C GLY B 485 -23.30 19.84 -7.09
N GLY B 486 -22.20 20.49 -6.72
CA GLY B 486 -21.04 20.61 -7.58
C GLY B 486 -20.26 19.32 -7.68
N THR B 487 -19.83 18.99 -8.89
CA THR B 487 -18.98 17.84 -9.12
C THR B 487 -17.96 18.35 -10.13
N ALA B 488 -16.68 18.10 -9.89
CA ALA B 488 -15.62 18.53 -10.76
C ALA B 488 -14.56 17.43 -10.82
N VAL B 489 -13.84 17.28 -11.94
CA VAL B 489 -12.89 16.20 -12.15
C VAL B 489 -11.71 16.95 -12.71
N TRP B 490 -10.51 16.81 -12.17
CA TRP B 490 -9.29 17.46 -12.65
C TRP B 490 -8.28 16.33 -12.82
N GLN B 491 -7.35 16.36 -13.78
CA GLN B 491 -6.48 15.24 -14.01
C GLN B 491 -5.15 15.68 -14.57
N TYR B 492 -4.19 14.79 -14.50
CA TYR B 492 -2.88 15.00 -15.03
C TYR B 492 -2.40 13.63 -15.47
N THR B 493 -1.88 13.53 -16.68
CA THR B 493 -1.31 12.29 -17.17
C THR B 493 0.12 12.59 -17.57
N THR B 494 0.99 11.64 -17.47
CA THR B 494 2.30 11.80 -18.05
C THR B 494 2.78 10.38 -18.20
N ASP B 495 3.68 10.09 -19.13
CA ASP B 495 4.10 8.73 -19.38
C ASP B 495 4.91 8.07 -18.28
N ALA B 496 4.65 6.77 -18.10
CA ALA B 496 5.33 5.99 -17.10
C ALA B 496 6.65 5.55 -17.68
N THR B 497 7.61 5.90 -16.85
CA THR B 497 9.03 5.62 -17.04
C THR B 497 9.36 4.19 -16.55
N THR B 498 8.54 3.60 -15.67
CA THR B 498 8.85 2.29 -15.07
C THR B 498 7.60 1.41 -14.98
N PRO B 499 7.78 0.08 -14.99
CA PRO B 499 6.69 -0.87 -15.18
C PRO B 499 5.71 -0.79 -14.04
N ILE B 500 4.40 -0.70 -14.33
CA ILE B 500 3.40 -0.73 -13.28
C ILE B 500 2.27 -1.61 -13.83
N ILE B 501 1.91 -2.70 -13.14
CA ILE B 501 0.81 -3.63 -13.48
C ILE B 501 -0.51 -3.12 -12.91
N GLY B 502 -1.48 -2.87 -13.79
CA GLY B 502 -2.79 -2.42 -13.38
C GLY B 502 -3.78 -3.57 -13.39
N ASN B 503 -3.63 -4.61 -14.22
CA ASN B 503 -4.60 -5.69 -14.21
C ASN B 503 -4.05 -6.90 -14.88
N VAL B 504 -4.56 -8.08 -14.55
CA VAL B 504 -4.12 -9.34 -15.11
C VAL B 504 -5.40 -10.13 -15.33
N GLY B 505 -5.53 -10.81 -16.46
CA GLY B 505 -6.68 -11.63 -16.78
C GLY B 505 -6.24 -12.73 -17.74
N PRO B 506 -6.69 -13.98 -17.62
CA PRO B 506 -7.47 -14.50 -16.52
C PRO B 506 -6.58 -14.64 -15.28
N MET B 507 -7.17 -14.88 -14.11
CA MET B 507 -6.42 -15.02 -12.88
C MET B 507 -6.28 -16.46 -12.44
N MET B 508 -6.77 -17.41 -13.23
CA MET B 508 -6.77 -18.83 -12.90
C MET B 508 -6.70 -19.64 -14.18
N ALA B 509 -5.66 -20.42 -14.42
CA ALA B 509 -5.54 -21.24 -15.62
C ALA B 509 -4.39 -22.23 -15.48
N LYS B 510 -4.34 -23.23 -16.36
CA LYS B 510 -3.27 -24.22 -16.31
C LYS B 510 -2.01 -23.75 -17.07
N PRO B 511 -0.83 -24.34 -16.85
CA PRO B 511 0.37 -24.07 -17.65
C PRO B 511 0.20 -24.06 -19.17
N GLY B 512 0.74 -23.08 -19.89
CA GLY B 512 0.64 -23.06 -21.34
C GLY B 512 -0.41 -22.11 -21.81
N VAL B 513 -1.35 -21.68 -20.95
CA VAL B 513 -2.33 -20.70 -21.34
C VAL B 513 -1.69 -19.32 -21.34
N THR B 514 -2.08 -18.46 -22.28
CA THR B 514 -1.57 -17.11 -22.43
C THR B 514 -2.40 -16.16 -21.57
N ILE B 515 -1.75 -15.35 -20.74
CA ILE B 515 -2.47 -14.37 -19.94
C ILE B 515 -2.06 -12.97 -20.38
N THR B 516 -2.91 -12.01 -20.05
CA THR B 516 -2.83 -10.60 -20.45
C THR B 516 -2.59 -9.75 -19.20
N ILE B 517 -1.43 -9.07 -19.21
CA ILE B 517 -0.97 -8.21 -18.15
C ILE B 517 -1.08 -6.80 -18.72
N ASP B 518 -1.91 -5.94 -18.15
CA ASP B 518 -2.09 -4.56 -18.61
C ASP B 518 -1.50 -3.54 -17.65
N GLY B 519 -0.96 -2.44 -18.10
CA GLY B 519 -0.42 -1.45 -17.19
C GLY B 519 0.23 -0.36 -18.00
N ARG B 520 1.27 0.24 -17.44
CA ARG B 520 2.02 1.31 -18.08
C ARG B 520 3.50 1.05 -17.85
N GLY B 521 4.34 1.62 -18.73
CA GLY B 521 5.79 1.60 -18.57
C GLY B 521 6.47 0.26 -18.82
N PHE B 522 5.93 -0.71 -19.58
CA PHE B 522 6.62 -1.98 -19.80
C PHE B 522 7.71 -1.84 -20.83
N GLY B 523 7.60 -0.77 -21.64
CA GLY B 523 8.57 -0.49 -22.68
C GLY B 523 8.33 -1.37 -23.91
N SER B 524 9.00 -1.09 -25.04
CA SER B 524 8.77 -1.90 -26.24
C SER B 524 9.64 -3.13 -26.38
N GLY B 525 10.67 -3.24 -25.55
CA GLY B 525 11.56 -4.36 -25.66
C GLY B 525 11.08 -5.42 -24.69
N LYS B 526 11.04 -6.69 -25.12
CA LYS B 526 10.71 -7.79 -24.21
C LYS B 526 11.59 -7.74 -22.96
N GLY B 527 10.99 -7.91 -21.78
CA GLY B 527 11.71 -7.98 -20.53
C GLY B 527 11.47 -9.35 -19.92
N THR B 528 11.15 -9.41 -18.64
CA THR B 528 10.97 -10.67 -17.96
C THR B 528 9.65 -10.66 -17.22
N VAL B 529 8.95 -11.79 -17.20
CA VAL B 529 7.74 -11.90 -16.39
C VAL B 529 8.09 -12.96 -15.36
N TYR B 530 7.78 -12.72 -14.09
CA TYR B 530 8.08 -13.67 -13.05
C TYR B 530 6.78 -14.21 -12.53
N PHE B 531 6.71 -15.53 -12.38
CA PHE B 531 5.63 -16.17 -11.68
C PHE B 531 6.41 -16.69 -10.47
N GLY B 532 6.28 -16.05 -9.33
CA GLY B 532 7.12 -16.36 -8.19
C GLY B 532 8.58 -16.03 -8.54
N THR B 533 9.49 -16.97 -8.43
CA THR B 533 10.88 -16.71 -8.80
C THR B 533 11.16 -17.23 -10.20
N THR B 534 10.13 -17.74 -10.91
CA THR B 534 10.35 -18.30 -12.24
C THR B 534 10.23 -17.20 -13.27
N ALA B 535 11.38 -16.94 -13.87
CA ALA B 535 11.48 -15.95 -14.93
C ALA B 535 10.98 -16.57 -16.24
N VAL B 536 10.14 -15.85 -16.98
CA VAL B 536 9.64 -16.29 -18.27
C VAL B 536 10.09 -15.19 -19.23
N THR B 537 10.74 -15.58 -20.32
CA THR B 537 11.33 -14.63 -21.26
C THR B 537 11.19 -15.20 -22.66
N GLY B 538 11.75 -14.48 -23.64
CA GLY B 538 11.84 -14.93 -25.02
C GLY B 538 10.52 -15.33 -25.64
N ALA B 539 10.55 -16.48 -26.30
CA ALA B 539 9.38 -16.95 -27.05
C ALA B 539 8.11 -17.24 -26.26
N ASP B 540 8.24 -17.33 -24.93
CA ASP B 540 7.08 -17.55 -24.09
C ASP B 540 6.30 -16.27 -23.83
N ILE B 541 6.90 -15.10 -24.13
CA ILE B 541 6.16 -13.88 -24.06
C ILE B 541 5.69 -13.77 -25.51
N VAL B 542 4.38 -13.95 -25.65
CA VAL B 542 3.72 -13.93 -26.93
C VAL B 542 3.71 -12.52 -27.49
N ALA B 543 3.63 -11.47 -26.68
CA ALA B 543 3.60 -10.11 -27.19
C ALA B 543 4.05 -9.18 -26.08
N TRP B 544 4.70 -8.05 -26.35
CA TRP B 544 5.13 -7.16 -25.28
C TRP B 544 5.10 -5.77 -25.89
N GLU B 545 4.41 -4.86 -25.22
CA GLU B 545 4.49 -3.48 -25.61
C GLU B 545 4.26 -2.70 -24.33
N ASP B 546 4.29 -1.39 -24.41
CA ASP B 546 4.27 -0.61 -23.19
C ASP B 546 3.02 -0.72 -22.33
N THR B 547 1.85 -1.03 -22.87
CA THR B 547 0.69 -1.11 -22.00
C THR B 547 0.18 -2.52 -21.84
N GLN B 548 0.78 -3.52 -22.49
CA GLN B 548 0.20 -4.83 -22.43
C GLN B 548 1.22 -5.88 -22.80
N ILE B 549 1.24 -6.97 -22.03
CA ILE B 549 2.13 -8.09 -22.26
C ILE B 549 1.24 -9.33 -22.31
N GLN B 550 1.50 -10.30 -23.19
CA GLN B 550 0.79 -11.55 -23.16
C GLN B 550 1.88 -12.59 -23.03
N VAL B 551 1.74 -13.48 -22.08
CA VAL B 551 2.79 -14.43 -21.78
C VAL B 551 2.15 -15.76 -21.44
N LYS B 552 2.83 -16.85 -21.72
CA LYS B 552 2.29 -18.16 -21.40
C LYS B 552 2.66 -18.53 -19.99
N ILE B 553 1.74 -19.10 -19.24
CA ILE B 553 2.01 -19.55 -17.89
C ILE B 553 3.07 -20.66 -17.93
N PRO B 554 4.20 -20.57 -17.19
CA PRO B 554 5.26 -21.56 -17.16
C PRO B 554 4.79 -22.85 -16.52
N ALA B 555 5.54 -23.93 -16.70
CA ALA B 555 5.19 -25.20 -16.12
C ALA B 555 5.66 -25.32 -14.68
N VAL B 556 4.97 -24.57 -13.85
CA VAL B 556 5.22 -24.54 -12.42
C VAL B 556 4.15 -25.41 -11.77
N PRO B 557 4.35 -25.96 -10.54
CA PRO B 557 3.33 -26.68 -9.78
C PRO B 557 2.07 -25.86 -9.54
N GLY B 558 0.93 -26.49 -9.34
CA GLY B 558 -0.31 -25.76 -9.12
C GLY B 558 -0.19 -25.00 -7.83
N GLY B 559 -0.74 -23.80 -7.69
CA GLY B 559 -0.61 -23.02 -6.48
C GLY B 559 -0.92 -21.57 -6.78
N ILE B 560 -0.72 -20.67 -5.81
CA ILE B 560 -1.05 -19.25 -5.93
C ILE B 560 0.31 -18.57 -6.07
N TYR B 561 0.47 -17.73 -7.08
CA TYR B 561 1.73 -17.12 -7.43
C TYR B 561 1.63 -15.61 -7.49
N ASP B 562 2.75 -14.96 -7.20
CA ASP B 562 2.85 -13.53 -7.43
C ASP B 562 3.38 -13.33 -8.83
N ILE B 563 2.85 -12.34 -9.55
CA ILE B 563 3.35 -12.01 -10.86
C ILE B 563 4.05 -10.67 -10.73
N ARG B 564 5.15 -10.51 -11.46
CA ARG B 564 5.93 -9.30 -11.44
C ARG B 564 6.55 -9.16 -12.82
N VAL B 565 6.65 -7.94 -13.33
CA VAL B 565 7.27 -7.62 -14.63
C VAL B 565 8.57 -6.85 -14.40
N ALA B 566 9.58 -7.14 -15.19
CA ALA B 566 10.80 -6.38 -15.18
C ALA B 566 10.95 -5.95 -16.65
N ASN B 567 11.09 -4.67 -16.94
CA ASN B 567 11.29 -4.26 -18.32
C ASN B 567 12.69 -4.66 -18.80
N ALA B 568 13.05 -4.41 -20.06
CA ALA B 568 14.36 -4.81 -20.59
C ALA B 568 15.57 -4.21 -19.87
N ALA B 569 15.38 -3.09 -19.17
CA ALA B 569 16.44 -2.44 -18.43
C ALA B 569 16.57 -3.07 -17.05
N GLY B 570 15.59 -3.85 -16.62
CA GLY B 570 15.68 -4.53 -15.35
C GLY B 570 14.90 -3.80 -14.29
N ALA B 571 14.15 -2.72 -14.58
CA ALA B 571 13.35 -2.09 -13.53
C ALA B 571 12.11 -2.97 -13.34
N ALA B 572 11.82 -3.36 -12.09
CA ALA B 572 10.70 -4.23 -11.74
C ALA B 572 9.45 -3.53 -11.27
N SER B 573 8.32 -4.17 -11.52
CA SER B 573 7.05 -3.57 -11.20
C SER B 573 6.58 -3.86 -9.78
N ASN B 574 5.41 -3.36 -9.49
CA ASN B 574 4.67 -3.79 -8.30
C ASN B 574 4.32 -5.26 -8.50
N ILE B 575 4.00 -5.93 -7.42
CA ILE B 575 3.65 -7.34 -7.48
C ILE B 575 2.14 -7.46 -7.64
N TYR B 576 1.65 -8.27 -8.58
CA TYR B 576 0.23 -8.53 -8.68
C TYR B 576 0.06 -9.96 -8.17
N ASP B 577 -0.60 -10.07 -7.04
CA ASP B 577 -0.70 -11.34 -6.36
C ASP B 577 -1.98 -12.12 -6.63
N ASN B 578 -2.03 -13.33 -6.04
CA ASN B 578 -3.20 -14.22 -6.04
C ASN B 578 -3.51 -14.85 -7.39
N PHE B 579 -2.49 -15.12 -8.19
CA PHE B 579 -2.72 -15.73 -9.49
C PHE B 579 -2.77 -17.21 -9.22
N GLU B 580 -3.78 -17.94 -9.68
CA GLU B 580 -3.79 -19.37 -9.45
C GLU B 580 -3.37 -20.17 -10.66
N VAL B 581 -2.32 -20.96 -10.50
CA VAL B 581 -1.93 -21.88 -11.56
C VAL B 581 -2.65 -23.17 -11.22
N LEU B 582 -3.46 -23.74 -12.12
CA LEU B 582 -4.12 -25.02 -11.85
C LEU B 582 -3.16 -26.17 -12.15
N THR B 583 -3.41 -27.36 -11.59
CA THR B 583 -2.59 -28.54 -11.94
C THR B 583 -2.85 -29.02 -13.37
N GLY B 584 -4.03 -28.76 -13.93
CA GLY B 584 -4.35 -29.19 -15.28
C GLY B 584 -5.78 -28.81 -15.56
N ASP B 585 -6.39 -29.43 -16.55
CA ASP B 585 -7.81 -29.27 -16.80
C ASP B 585 -8.58 -29.73 -15.58
N GLN B 586 -9.84 -29.32 -15.42
CA GLN B 586 -10.56 -29.56 -14.18
C GLN B 586 -11.80 -30.38 -14.44
N VAL B 587 -12.16 -31.30 -13.53
CA VAL B 587 -13.44 -31.96 -13.54
C VAL B 587 -14.02 -31.73 -12.14
N THR B 588 -15.33 -31.75 -11.98
CA THR B 588 -15.95 -31.69 -10.67
C THR B 588 -16.29 -33.10 -10.20
N VAL B 589 -15.76 -33.47 -9.06
CA VAL B 589 -16.03 -34.75 -8.41
C VAL B 589 -16.83 -34.47 -7.12
N ARG B 590 -17.87 -35.25 -6.86
CA ARG B 590 -18.64 -35.19 -5.62
C ARG B 590 -17.95 -36.15 -4.64
N PHE B 591 -17.53 -35.69 -3.47
CA PHE B 591 -16.90 -36.52 -2.44
C PHE B 591 -17.98 -36.75 -1.39
N VAL B 592 -18.18 -37.98 -0.92
CA VAL B 592 -19.20 -38.30 0.06
C VAL B 592 -18.49 -39.07 1.16
N ILE B 593 -18.68 -38.67 2.43
CA ILE B 593 -18.08 -39.34 3.58
C ILE B 593 -19.22 -39.61 4.54
N ASN B 594 -19.41 -40.88 4.82
CA ASN B 594 -20.46 -41.33 5.72
C ASN B 594 -19.85 -41.57 7.08
N ASN B 595 -20.76 -41.57 8.04
CA ASN B 595 -20.50 -41.84 9.45
C ASN B 595 -19.43 -40.94 10.06
N ALA B 596 -19.53 -39.66 9.71
CA ALA B 596 -18.61 -38.65 10.19
C ALA B 596 -19.43 -37.81 11.17
N THR B 597 -19.51 -38.32 12.40
CA THR B 597 -20.23 -37.62 13.45
C THR B 597 -19.31 -36.55 14.02
N THR B 598 -19.85 -35.36 14.21
CA THR B 598 -19.05 -34.30 14.77
C THR B 598 -19.73 -33.80 16.04
N ALA B 599 -18.97 -32.98 16.75
CA ALA B 599 -19.43 -32.32 17.96
C ALA B 599 -20.03 -30.96 17.63
N LEU B 600 -20.37 -30.22 18.69
CA LEU B 600 -20.82 -28.82 18.60
C LEU B 600 -19.78 -28.06 17.78
N GLY B 601 -20.16 -27.40 16.68
CA GLY B 601 -19.21 -26.59 15.92
C GLY B 601 -18.01 -27.31 15.32
N GLN B 602 -18.09 -28.63 15.15
CA GLN B 602 -17.02 -29.38 14.51
C GLN B 602 -17.60 -29.70 13.13
N ASN B 603 -16.76 -29.56 12.09
CA ASN B 603 -17.23 -29.80 10.74
C ASN B 603 -16.31 -30.71 9.97
N VAL B 604 -16.75 -31.34 8.87
CA VAL B 604 -15.87 -32.21 8.09
C VAL B 604 -15.32 -31.42 6.90
N PHE B 605 -14.08 -31.73 6.52
CA PHE B 605 -13.33 -31.08 5.46
C PHE B 605 -12.59 -32.13 4.66
N LEU B 606 -12.14 -31.77 3.48
CA LEU B 606 -11.43 -32.65 2.58
C LEU B 606 -10.07 -32.03 2.32
N THR B 607 -8.98 -32.76 2.25
CA THR B 607 -7.72 -32.21 1.80
C THR B 607 -7.01 -33.32 1.06
N GLY B 608 -5.97 -32.97 0.31
CA GLY B 608 -5.33 -33.95 -0.52
C GLY B 608 -4.06 -33.39 -1.09
N ASN B 609 -3.48 -34.14 -1.99
CA ASN B 609 -2.16 -33.81 -2.47
C ASN B 609 -2.01 -32.89 -3.68
N VAL B 610 -3.06 -32.35 -4.29
CA VAL B 610 -2.89 -31.37 -5.35
C VAL B 610 -3.28 -30.02 -4.74
N SER B 611 -2.85 -28.92 -5.35
CA SER B 611 -3.15 -27.58 -4.86
C SER B 611 -4.64 -27.32 -4.80
N GLU B 612 -5.38 -27.98 -5.70
CA GLU B 612 -6.83 -27.87 -5.75
C GLU B 612 -7.48 -28.37 -4.48
N LEU B 613 -6.83 -29.28 -3.77
CA LEU B 613 -7.27 -29.84 -2.51
C LEU B 613 -6.52 -29.23 -1.31
N GLY B 614 -5.83 -28.10 -1.45
CA GLY B 614 -5.14 -27.50 -0.32
C GLY B 614 -3.74 -28.05 -0.05
N ASN B 615 -3.26 -29.07 -0.74
CA ASN B 615 -1.93 -29.65 -0.57
C ASN B 615 -1.62 -30.09 0.84
N TRP B 616 -2.57 -30.88 1.37
CA TRP B 616 -2.55 -31.43 2.72
C TRP B 616 -2.58 -30.41 3.86
N ASP B 617 -2.70 -29.11 3.60
CA ASP B 617 -2.75 -28.12 4.64
C ASP B 617 -4.15 -28.01 5.16
N PRO B 618 -4.42 -28.32 6.43
CA PRO B 618 -5.74 -28.28 7.06
C PRO B 618 -6.39 -26.90 7.04
N ASN B 619 -5.60 -25.82 6.99
CA ASN B 619 -6.14 -24.47 6.91
C ASN B 619 -6.61 -24.14 5.52
N ASN B 620 -6.16 -24.96 4.58
CA ASN B 620 -6.55 -24.83 3.19
C ASN B 620 -7.44 -25.98 2.75
N ALA B 621 -8.03 -26.74 3.68
CA ALA B 621 -8.88 -27.85 3.33
C ALA B 621 -10.23 -27.34 2.80
N ILE B 622 -10.82 -28.18 1.96
CA ILE B 622 -12.08 -27.92 1.27
C ILE B 622 -13.21 -28.15 2.25
N GLY B 623 -14.02 -27.13 2.51
CA GLY B 623 -15.14 -27.34 3.37
C GLY B 623 -15.53 -26.05 4.08
N PRO B 624 -16.42 -26.06 5.07
CA PRO B 624 -17.10 -27.26 5.58
C PRO B 624 -18.02 -27.90 4.57
N MET B 625 -17.98 -29.23 4.56
CA MET B 625 -18.84 -29.97 3.66
C MET B 625 -20.30 -29.83 4.05
N TYR B 626 -21.16 -30.22 3.12
CA TYR B 626 -22.59 -30.05 3.25
C TYR B 626 -23.17 -31.32 3.83
N ASN B 627 -24.34 -31.27 4.44
CA ASN B 627 -24.90 -32.45 5.08
C ASN B 627 -26.40 -32.38 5.30
N GLN B 628 -27.10 -31.58 4.50
CA GLN B 628 -28.54 -31.46 4.66
C GLN B 628 -29.34 -32.00 3.48
N VAL B 629 -29.08 -31.53 2.25
CA VAL B 629 -30.00 -31.81 1.15
C VAL B 629 -29.71 -33.07 0.36
N VAL B 630 -28.58 -33.19 -0.34
CA VAL B 630 -28.37 -34.38 -1.16
C VAL B 630 -28.12 -35.58 -0.28
N TYR B 631 -27.33 -35.43 0.76
CA TYR B 631 -27.06 -36.47 1.75
C TYR B 631 -27.30 -35.80 3.08
N GLN B 632 -27.63 -36.58 4.09
CA GLN B 632 -27.89 -36.05 5.40
C GLN B 632 -26.88 -36.55 6.38
N TYR B 633 -26.54 -35.64 7.30
CA TYR B 633 -25.67 -35.90 8.43
C TYR B 633 -26.02 -37.25 9.11
N PRO B 634 -25.09 -38.16 9.44
CA PRO B 634 -23.65 -37.95 9.39
C PRO B 634 -22.92 -38.27 8.09
N THR B 635 -23.64 -38.25 6.98
CA THR B 635 -23.04 -38.31 5.66
C THR B 635 -22.90 -36.81 5.28
N TRP B 636 -21.71 -36.44 4.83
CA TRP B 636 -21.38 -35.09 4.38
C TRP B 636 -20.98 -35.26 2.91
N TYR B 637 -21.17 -34.21 2.07
CA TYR B 637 -20.87 -34.24 0.63
C TYR B 637 -20.42 -32.87 0.16
N TYR B 638 -19.63 -32.81 -0.93
CA TYR B 638 -19.16 -31.57 -1.50
C TYR B 638 -18.73 -31.80 -2.94
N ASP B 639 -18.92 -30.84 -3.84
CA ASP B 639 -18.57 -30.93 -5.27
C ASP B 639 -17.31 -30.12 -5.43
N VAL B 640 -16.19 -30.73 -5.79
CA VAL B 640 -14.89 -30.10 -5.77
C VAL B 640 -14.28 -30.21 -7.15
N SER B 641 -13.75 -29.10 -7.61
CA SER B 641 -13.03 -29.05 -8.87
C SER B 641 -11.65 -29.63 -8.58
N VAL B 642 -11.23 -30.65 -9.32
CA VAL B 642 -9.93 -31.32 -9.17
C VAL B 642 -9.32 -31.54 -10.55
N PRO B 643 -7.98 -31.69 -10.70
CA PRO B 643 -7.34 -31.93 -11.97
C PRO B 643 -7.87 -33.20 -12.62
N ALA B 644 -8.20 -33.15 -13.91
CA ALA B 644 -8.73 -34.26 -14.66
C ALA B 644 -7.67 -35.26 -15.07
N GLY B 645 -8.08 -36.52 -15.04
CA GLY B 645 -7.28 -37.58 -15.61
C GLY B 645 -6.08 -37.96 -14.79
N GLN B 646 -6.12 -37.87 -13.47
CA GLN B 646 -4.97 -38.28 -12.68
C GLN B 646 -5.37 -38.84 -11.34
N THR B 647 -4.44 -39.58 -10.73
CA THR B 647 -4.65 -40.17 -9.43
C THR B 647 -4.30 -39.14 -8.35
N ILE B 648 -5.29 -38.83 -7.53
CA ILE B 648 -5.13 -37.93 -6.43
C ILE B 648 -5.15 -38.75 -5.14
N GLU B 649 -4.53 -38.22 -4.11
CA GLU B 649 -4.53 -38.81 -2.79
C GLU B 649 -5.26 -37.85 -1.93
N PHE B 650 -6.08 -38.39 -1.04
CA PHE B 650 -6.87 -37.54 -0.20
C PHE B 650 -7.22 -38.19 1.13
N LYS B 651 -7.67 -37.35 2.03
CA LYS B 651 -8.15 -37.74 3.35
C LYS B 651 -9.19 -36.71 3.75
N PHE B 652 -10.02 -37.09 4.72
CA PHE B 652 -10.98 -36.18 5.32
C PHE B 652 -10.43 -35.89 6.71
N LEU B 653 -10.81 -34.75 7.27
CA LEU B 653 -10.42 -34.32 8.59
C LEU B 653 -11.63 -33.59 9.15
N LYS B 654 -11.73 -33.52 10.46
CA LYS B 654 -12.78 -32.76 11.10
C LYS B 654 -12.06 -31.58 11.74
N LYS B 655 -12.65 -30.40 11.83
CA LYS B 655 -12.00 -29.28 12.48
C LYS B 655 -12.99 -28.59 13.39
N GLN B 656 -12.52 -28.24 14.58
CA GLN B 656 -13.28 -27.46 15.54
C GLN B 656 -12.24 -26.46 16.03
N GLY B 657 -12.34 -25.27 15.45
CA GLY B 657 -11.40 -24.20 15.75
C GLY B 657 -10.03 -24.61 15.25
N SER B 658 -9.12 -24.84 16.18
CA SER B 658 -7.75 -25.18 15.85
C SER B 658 -7.49 -26.67 15.96
N THR B 659 -8.40 -27.44 16.57
CA THR B 659 -8.13 -28.86 16.63
C THR B 659 -8.63 -29.45 15.32
N VAL B 660 -7.65 -30.09 14.71
CA VAL B 660 -7.81 -30.81 13.47
C VAL B 660 -7.77 -32.28 13.86
N THR B 661 -8.77 -33.03 13.44
CA THR B 661 -8.85 -34.45 13.74
C THR B 661 -8.84 -35.20 12.40
N TRP B 662 -7.80 -35.97 12.10
CA TRP B 662 -7.73 -36.69 10.85
C TRP B 662 -8.35 -38.08 10.89
N GLU B 663 -8.61 -38.58 9.69
CA GLU B 663 -9.01 -39.96 9.51
C GLU B 663 -7.74 -40.73 9.68
N GLY B 664 -7.90 -41.94 10.17
CA GLY B 664 -6.78 -42.84 10.20
C GLY B 664 -6.74 -43.55 8.87
N GLY B 665 -5.67 -44.30 8.75
CA GLY B 665 -5.48 -45.14 7.60
C GLY B 665 -4.45 -44.53 6.67
N ALA B 666 -4.24 -45.27 5.59
CA ALA B 666 -3.37 -44.78 4.55
C ALA B 666 -4.29 -43.83 3.76
N ASN B 667 -3.68 -42.91 3.02
CA ASN B 667 -4.39 -41.94 2.21
C ASN B 667 -5.19 -42.65 1.14
N ARG B 668 -6.34 -42.09 0.81
CA ARG B 668 -7.17 -42.63 -0.25
C ARG B 668 -6.66 -42.16 -1.59
N THR B 669 -6.78 -42.97 -2.63
CA THR B 669 -6.41 -42.57 -3.98
C THR B 669 -7.65 -42.63 -4.84
N PHE B 670 -7.75 -41.85 -5.91
CA PHE B 670 -8.85 -41.92 -6.85
C PHE B 670 -8.23 -41.45 -8.15
N THR B 671 -8.54 -42.07 -9.30
CA THR B 671 -8.11 -41.52 -10.56
C THR B 671 -9.33 -40.79 -11.12
N THR B 672 -9.22 -39.47 -11.24
CA THR B 672 -10.33 -38.62 -11.68
C THR B 672 -10.65 -38.86 -13.14
N PRO B 673 -11.91 -38.71 -13.58
CA PRO B 673 -12.28 -38.78 -14.99
C PRO B 673 -11.55 -37.74 -15.86
N THR B 674 -11.43 -37.95 -17.15
CA THR B 674 -10.80 -36.97 -18.04
C THR B 674 -11.81 -35.94 -18.46
N SER B 675 -13.09 -36.26 -18.27
CA SER B 675 -14.18 -35.47 -18.77
C SER B 675 -15.36 -35.80 -17.88
N GLY B 676 -16.32 -34.91 -17.67
CA GLY B 676 -17.54 -35.26 -16.95
C GLY B 676 -17.33 -35.26 -15.45
N THR B 677 -18.22 -35.91 -14.71
CA THR B 677 -18.20 -35.89 -13.26
C THR B 677 -17.98 -37.29 -12.70
N ALA B 678 -17.82 -37.41 -11.39
CA ALA B 678 -17.64 -38.68 -10.69
C ALA B 678 -18.03 -38.46 -9.24
N THR B 679 -18.33 -39.52 -8.51
CA THR B 679 -18.73 -39.41 -7.12
C THR B 679 -17.82 -40.36 -6.34
N VAL B 680 -17.28 -40.00 -5.19
CA VAL B 680 -16.45 -40.89 -4.41
C VAL B 680 -17.32 -41.08 -3.19
N ASN B 681 -17.83 -42.25 -2.87
CA ASN B 681 -18.67 -42.38 -1.69
C ASN B 681 -17.85 -43.26 -0.75
N VAL B 682 -17.52 -42.79 0.44
CA VAL B 682 -16.59 -43.46 1.32
C VAL B 682 -17.03 -43.42 2.79
N ASN B 683 -16.46 -44.29 3.65
CA ASN B 683 -16.80 -44.41 5.08
C ASN B 683 -15.75 -43.80 5.96
N TRP B 684 -16.05 -43.07 7.04
CA TRP B 684 -15.00 -42.55 7.92
C TRP B 684 -14.21 -43.71 8.50
N GLN B 685 -12.90 -43.48 8.49
CA GLN B 685 -11.90 -44.40 9.01
C GLN B 685 -11.36 -43.74 10.26
N PRO B 686 -11.50 -44.39 11.43
CA PRO B 686 -11.00 -43.90 12.70
C PRO B 686 -9.49 -43.85 12.75
#